data_2KCT
#
_entry.id   2KCT
#
_entity_poly.entity_id   1
_entity_poly.type   'polypeptide(L)'
_entity_poly.pdbx_seq_one_letter_code
;MATPQDKLHTVRLFGTVAADGLTMLDGAPGVRFRLEDKDNTSKTVWVLYKGAVPDTFKPGVEVIIEGGLAPGEDTFKART
LMTKCPLEHHHHHH
;
_entity_poly.pdbx_strand_id   A
#
# COMPACT_ATOMS: atom_id res chain seq x y z
N MET A 1 18.21 -19.65 -23.91
CA MET A 1 17.25 -20.46 -23.13
C MET A 1 17.67 -20.48 -21.66
N ALA A 2 16.84 -19.87 -20.79
CA ALA A 2 17.10 -19.75 -19.35
C ALA A 2 15.81 -19.97 -18.54
N THR A 3 15.96 -20.26 -17.23
CA THR A 3 14.84 -20.48 -16.32
C THR A 3 14.63 -19.18 -15.47
N PRO A 4 13.56 -18.37 -15.75
CA PRO A 4 13.33 -17.07 -15.06
C PRO A 4 12.66 -17.25 -13.69
N GLN A 5 12.36 -16.09 -13.05
CA GLN A 5 11.56 -16.03 -11.82
C GLN A 5 10.12 -16.53 -12.07
N ASP A 6 9.45 -16.93 -10.98
CA ASP A 6 8.06 -17.48 -11.01
C ASP A 6 7.06 -16.44 -11.59
N LYS A 7 6.04 -16.94 -12.32
CA LYS A 7 5.03 -16.09 -13.00
C LYS A 7 4.22 -15.26 -11.98
N LEU A 8 3.84 -15.89 -10.86
CA LEU A 8 3.00 -15.26 -9.82
C LEU A 8 3.87 -14.52 -8.76
N HIS A 9 5.08 -14.05 -9.16
CA HIS A 9 5.95 -13.25 -8.27
C HIS A 9 5.26 -11.91 -7.92
N THR A 10 4.57 -11.89 -6.76
CA THR A 10 3.83 -10.73 -6.26
C THR A 10 4.82 -9.61 -5.84
N VAL A 11 4.38 -8.36 -5.93
CA VAL A 11 5.28 -7.19 -5.79
C VAL A 11 5.23 -6.68 -4.35
N ARG A 12 6.29 -6.98 -3.60
CA ARG A 12 6.49 -6.50 -2.23
C ARG A 12 7.17 -5.11 -2.26
N LEU A 13 6.49 -4.08 -1.76
CA LEU A 13 6.95 -2.67 -1.84
C LEU A 13 7.02 -2.10 -0.39
N PHE A 14 8.03 -1.26 -0.12
CA PHE A 14 8.34 -0.73 1.22
C PHE A 14 8.29 0.82 1.18
N GLY A 15 7.76 1.44 2.26
CA GLY A 15 7.70 2.91 2.38
C GLY A 15 7.02 3.33 3.67
N THR A 16 6.56 4.60 3.73
CA THR A 16 5.85 5.16 4.90
C THR A 16 4.50 5.78 4.48
N VAL A 17 3.48 5.68 5.36
CA VAL A 17 2.13 6.20 5.11
C VAL A 17 2.09 7.70 5.35
N ALA A 18 1.51 8.46 4.41
CA ALA A 18 1.32 9.91 4.52
C ALA A 18 -0.05 10.24 5.15
N ALA A 19 -0.15 11.45 5.73
CA ALA A 19 -1.42 12.03 6.19
C ALA A 19 -2.14 12.68 5.02
N ASP A 20 -1.33 13.21 4.09
CA ASP A 20 -1.83 13.92 2.91
C ASP A 20 -2.33 12.90 1.88
N GLY A 21 -3.65 12.85 1.71
CA GLY A 21 -4.28 11.94 0.75
C GLY A 21 -4.64 10.58 1.34
N LEU A 22 -4.60 10.45 2.69
CA LEU A 22 -5.07 9.22 3.37
C LEU A 22 -6.62 9.22 3.31
N THR A 23 -7.13 8.61 2.24
CA THR A 23 -8.55 8.61 1.89
C THR A 23 -9.09 7.17 1.93
N MET A 24 -10.06 6.91 2.82
CA MET A 24 -10.59 5.55 3.03
C MET A 24 -11.80 5.31 2.10
N LEU A 25 -12.15 4.03 1.90
CA LEU A 25 -13.27 3.65 1.01
C LEU A 25 -14.62 4.12 1.59
N ASP A 26 -15.32 4.99 0.82
CA ASP A 26 -16.58 5.64 1.23
C ASP A 26 -17.69 4.59 1.41
N GLY A 27 -17.91 4.18 2.67
CA GLY A 27 -18.95 3.20 3.02
C GLY A 27 -18.54 1.76 2.71
N ALA A 28 -17.23 1.50 2.63
CA ALA A 28 -16.68 0.16 2.29
C ALA A 28 -15.39 -0.10 3.12
N PRO A 29 -15.06 -1.38 3.48
CA PRO A 29 -13.82 -1.71 4.22
C PRO A 29 -12.56 -1.60 3.34
N GLY A 30 -11.71 -0.60 3.65
CA GLY A 30 -10.42 -0.42 2.98
C GLY A 30 -9.91 1.02 3.04
N VAL A 31 -8.72 1.24 2.46
CA VAL A 31 -8.02 2.53 2.50
C VAL A 31 -7.18 2.74 1.22
N ARG A 32 -7.28 3.93 0.65
CA ARG A 32 -6.31 4.45 -0.34
C ARG A 32 -5.43 5.50 0.37
N PHE A 33 -4.13 5.47 0.08
CA PHE A 33 -3.14 6.39 0.67
C PHE A 33 -1.96 6.50 -0.29
N ARG A 34 -1.10 7.51 -0.13
CA ARG A 34 0.13 7.62 -0.91
C ARG A 34 1.29 7.07 -0.07
N LEU A 35 1.89 5.96 -0.53
CA LEU A 35 3.08 5.39 0.10
C LEU A 35 4.30 6.18 -0.36
N GLU A 36 4.86 6.96 0.56
CA GLU A 36 6.05 7.76 0.33
C GLU A 36 7.29 6.86 0.37
N ASP A 37 7.90 6.68 -0.81
CA ASP A 37 9.16 5.94 -0.99
C ASP A 37 10.28 6.60 -0.19
N LYS A 38 11.00 5.80 0.62
CA LYS A 38 12.07 6.30 1.50
C LYS A 38 13.32 6.72 0.70
N ASP A 39 13.53 6.09 -0.47
CA ASP A 39 14.66 6.41 -1.37
C ASP A 39 14.47 7.82 -1.97
N ASN A 40 13.27 8.05 -2.51
CA ASN A 40 12.87 9.31 -3.14
C ASN A 40 11.51 9.70 -2.56
N THR A 41 11.51 10.67 -1.63
CA THR A 41 10.32 11.08 -0.86
C THR A 41 9.33 11.93 -1.67
N SER A 42 9.59 12.11 -2.97
CA SER A 42 8.66 12.77 -3.91
C SER A 42 7.95 11.70 -4.78
N LYS A 43 8.51 10.47 -4.78
CA LYS A 43 7.89 9.28 -5.38
C LYS A 43 6.79 8.78 -4.43
N THR A 44 5.58 9.35 -4.58
CA THR A 44 4.42 9.00 -3.76
C THR A 44 3.42 8.19 -4.62
N VAL A 45 3.32 6.89 -4.32
CA VAL A 45 2.53 5.93 -5.11
C VAL A 45 1.19 5.69 -4.40
N TRP A 46 0.06 5.80 -5.13
CA TRP A 46 -1.27 5.70 -4.52
C TRP A 46 -1.64 4.23 -4.35
N VAL A 47 -1.44 3.72 -3.14
CA VAL A 47 -1.72 2.33 -2.79
C VAL A 47 -3.17 2.18 -2.33
N LEU A 48 -3.85 1.20 -2.90
CA LEU A 48 -5.23 0.87 -2.57
C LEU A 48 -5.27 -0.55 -1.96
N TYR A 49 -5.64 -0.60 -0.68
CA TYR A 49 -5.80 -1.83 0.11
C TYR A 49 -7.29 -2.00 0.44
N LYS A 50 -7.86 -3.18 0.16
CA LYS A 50 -9.24 -3.53 0.55
C LYS A 50 -9.21 -4.54 1.70
N GLY A 51 -10.22 -4.46 2.57
CA GLY A 51 -10.35 -5.35 3.73
C GLY A 51 -10.20 -4.59 5.03
N ALA A 52 -10.05 -5.34 6.14
CA ALA A 52 -9.89 -4.76 7.48
C ALA A 52 -8.54 -4.04 7.60
N VAL A 53 -8.61 -2.71 7.73
CA VAL A 53 -7.45 -1.84 7.90
C VAL A 53 -7.10 -1.77 9.39
N PRO A 54 -5.88 -2.24 9.82
CA PRO A 54 -5.52 -2.36 11.24
C PRO A 54 -5.56 -1.01 11.99
N ASP A 55 -5.83 -1.06 13.31
CA ASP A 55 -5.84 0.13 14.21
C ASP A 55 -4.42 0.71 14.33
N THR A 56 -3.43 -0.16 14.11
CA THR A 56 -2.00 0.16 14.11
C THR A 56 -1.60 1.00 12.87
N PHE A 57 -2.41 0.89 11.79
CA PHE A 57 -2.25 1.69 10.56
C PHE A 57 -2.58 3.15 10.87
N LYS A 58 -1.55 3.99 10.94
CA LYS A 58 -1.66 5.43 11.20
C LYS A 58 -0.78 6.21 10.20
N PRO A 59 -1.10 7.51 9.90
CA PRO A 59 -0.22 8.37 9.07
C PRO A 59 1.11 8.70 9.79
N GLY A 60 2.21 8.13 9.27
CA GLY A 60 3.53 8.26 9.88
C GLY A 60 4.14 6.91 10.23
N VAL A 61 3.31 5.85 10.16
CA VAL A 61 3.75 4.45 10.36
C VAL A 61 4.37 3.92 9.06
N GLU A 62 5.61 3.44 9.17
CA GLU A 62 6.32 2.78 8.07
C GLU A 62 5.67 1.40 7.83
N VAL A 63 5.13 1.18 6.62
CA VAL A 63 4.41 -0.06 6.28
C VAL A 63 5.05 -0.79 5.09
N ILE A 64 4.83 -2.11 5.06
CA ILE A 64 5.22 -2.99 3.98
C ILE A 64 3.93 -3.49 3.31
N ILE A 65 3.73 -3.11 2.06
CA ILE A 65 2.57 -3.55 1.27
C ILE A 65 3.00 -4.69 0.32
N GLU A 66 2.03 -5.43 -0.20
CA GLU A 66 2.27 -6.46 -1.22
C GLU A 66 1.04 -6.56 -2.13
N GLY A 67 1.28 -6.56 -3.44
CA GLY A 67 0.24 -6.61 -4.45
C GLY A 67 0.81 -6.40 -5.82
N GLY A 68 0.40 -5.31 -6.51
CA GLY A 68 1.02 -4.94 -7.78
C GLY A 68 0.40 -3.68 -8.38
N LEU A 69 1.22 -2.87 -9.05
CA LEU A 69 0.76 -1.73 -9.86
C LEU A 69 0.57 -2.20 -11.30
N ALA A 70 -0.69 -2.18 -11.76
CA ALA A 70 -1.07 -2.69 -13.08
C ALA A 70 -0.79 -1.62 -14.17
N PRO A 71 -0.15 -2.00 -15.34
CA PRO A 71 -0.02 -1.10 -16.51
C PRO A 71 -1.38 -0.60 -17.02
N GLY A 72 -1.69 0.67 -16.71
CA GLY A 72 -2.98 1.30 -17.06
C GLY A 72 -3.70 1.81 -15.82
N GLU A 73 -3.48 1.14 -14.68
CA GLU A 73 -4.02 1.52 -13.37
C GLU A 73 -3.04 2.45 -12.63
N ASP A 74 -3.56 3.56 -12.08
CA ASP A 74 -2.76 4.57 -11.34
C ASP A 74 -2.61 4.21 -9.84
N THR A 75 -3.28 3.16 -9.36
CA THR A 75 -3.18 2.71 -7.96
C THR A 75 -2.52 1.32 -7.84
N PHE A 76 -1.63 1.17 -6.85
CA PHE A 76 -0.98 -0.10 -6.51
C PHE A 76 -1.98 -0.92 -5.69
N LYS A 77 -2.47 -2.02 -6.27
CA LYS A 77 -3.51 -2.84 -5.63
C LYS A 77 -2.84 -3.79 -4.62
N ALA A 78 -2.77 -3.36 -3.35
CA ALA A 78 -2.16 -4.12 -2.25
C ALA A 78 -3.15 -5.17 -1.73
N ARG A 79 -2.88 -6.45 -2.03
CA ARG A 79 -3.70 -7.59 -1.55
C ARG A 79 -3.42 -7.92 -0.07
N THR A 80 -2.26 -7.45 0.44
CA THR A 80 -1.88 -7.54 1.86
C THR A 80 -1.22 -6.23 2.33
N LEU A 81 -1.27 -5.99 3.65
CA LEU A 81 -0.74 -4.79 4.31
C LEU A 81 -0.03 -5.22 5.61
N MET A 82 1.11 -4.59 5.94
CA MET A 82 1.87 -4.88 7.18
C MET A 82 2.32 -3.56 7.82
N THR A 83 1.87 -3.30 9.04
CA THR A 83 2.25 -2.12 9.82
C THR A 83 3.34 -2.47 10.86
N LYS A 84 4.28 -1.55 11.12
CA LYS A 84 5.40 -1.79 12.07
C LYS A 84 5.13 -1.15 13.44
N CYS A 85 4.81 0.16 13.46
CA CYS A 85 4.50 0.88 14.71
C CYS A 85 3.02 0.66 15.13
N PRO A 86 2.76 0.16 16.37
CA PRO A 86 1.39 0.04 16.93
C PRO A 86 0.82 1.40 17.41
N LEU A 87 -0.20 1.35 18.30
CA LEU A 87 -0.88 2.54 18.83
C LEU A 87 0.03 3.25 19.87
N GLU A 88 0.99 4.03 19.34
CA GLU A 88 1.95 4.82 20.15
C GLU A 88 2.00 6.27 19.60
N MET A 1 -8.57 -2.91 -17.63
CA MET A 1 -9.71 -3.74 -17.18
C MET A 1 -9.23 -5.15 -16.79
N ALA A 2 -8.40 -5.76 -17.65
CA ALA A 2 -7.74 -7.05 -17.39
C ALA A 2 -6.24 -6.95 -17.75
N THR A 3 -5.60 -5.89 -17.22
CA THR A 3 -4.19 -5.57 -17.48
C THR A 3 -3.25 -6.56 -16.72
N PRO A 4 -2.04 -6.92 -17.30
CA PRO A 4 -1.08 -7.89 -16.70
C PRO A 4 -0.83 -7.74 -15.18
N GLN A 5 -1.59 -8.51 -14.38
CA GLN A 5 -1.48 -8.57 -12.92
C GLN A 5 -1.92 -9.97 -12.46
N ASP A 6 -1.00 -10.95 -12.58
CA ASP A 6 -1.29 -12.35 -12.19
C ASP A 6 -1.16 -12.55 -10.67
N LYS A 7 -1.73 -13.66 -10.19
CA LYS A 7 -1.96 -13.90 -8.75
C LYS A 7 -0.65 -14.20 -8.00
N LEU A 8 0.24 -15.03 -8.60
CA LEU A 8 1.51 -15.41 -7.95
C LEU A 8 2.51 -14.24 -7.93
N HIS A 9 2.31 -13.26 -8.85
CA HIS A 9 3.14 -12.05 -8.93
C HIS A 9 2.79 -11.11 -7.77
N THR A 10 3.48 -11.31 -6.64
CA THR A 10 3.34 -10.48 -5.45
C THR A 10 4.52 -9.50 -5.41
N VAL A 11 4.20 -8.20 -5.40
CA VAL A 11 5.20 -7.13 -5.33
C VAL A 11 5.19 -6.54 -3.90
N ARG A 12 6.36 -6.13 -3.44
CA ARG A 12 6.55 -5.59 -2.09
C ARG A 12 7.16 -4.18 -2.20
N LEU A 13 6.40 -3.16 -1.78
CA LEU A 13 6.84 -1.75 -1.80
C LEU A 13 6.94 -1.30 -0.32
N PHE A 14 8.11 -0.77 0.04
CA PHE A 14 8.38 -0.25 1.40
C PHE A 14 8.19 1.27 1.38
N GLY A 15 7.52 1.80 2.40
CA GLY A 15 7.27 3.23 2.49
C GLY A 15 6.69 3.62 3.83
N THR A 16 6.32 4.89 3.96
CA THR A 16 5.69 5.44 5.16
C THR A 16 4.36 6.09 4.77
N VAL A 17 3.33 5.92 5.64
CA VAL A 17 1.97 6.41 5.39
C VAL A 17 1.93 7.94 5.54
N ALA A 18 1.48 8.63 4.47
CA ALA A 18 1.34 10.09 4.46
C ALA A 18 0.10 10.54 5.26
N ALA A 19 0.19 11.74 5.86
CA ALA A 19 -0.97 12.47 6.44
C ALA A 19 -1.65 13.34 5.36
N ASP A 20 -1.52 12.90 4.10
CA ASP A 20 -2.12 13.54 2.93
C ASP A 20 -2.56 12.44 1.96
N GLY A 21 -3.82 12.53 1.53
CA GLY A 21 -4.40 11.57 0.57
C GLY A 21 -4.89 10.27 1.21
N LEU A 22 -4.87 10.22 2.55
CA LEU A 22 -5.33 9.06 3.33
C LEU A 22 -6.89 9.05 3.32
N THR A 23 -7.43 8.46 2.24
CA THR A 23 -8.87 8.38 1.96
C THR A 23 -9.38 6.94 2.19
N MET A 24 -10.21 6.73 3.22
CA MET A 24 -10.67 5.37 3.60
C MET A 24 -11.98 5.05 2.88
N LEU A 25 -12.18 3.77 2.54
CA LEU A 25 -13.32 3.34 1.70
C LEU A 25 -14.66 3.42 2.46
N ASP A 26 -15.64 4.11 1.84
CA ASP A 26 -16.99 4.33 2.40
C ASP A 26 -17.82 3.05 2.30
N GLY A 27 -18.23 2.52 3.46
CA GLY A 27 -19.07 1.31 3.53
C GLY A 27 -18.38 0.03 3.04
N ALA A 28 -17.04 0.06 2.97
CA ALA A 28 -16.23 -1.04 2.45
C ALA A 28 -14.90 -1.13 3.23
N PRO A 29 -14.43 -2.36 3.61
CA PRO A 29 -13.14 -2.54 4.30
C PRO A 29 -11.96 -2.19 3.36
N GLY A 30 -11.21 -1.15 3.72
CA GLY A 30 -9.98 -0.78 2.99
C GLY A 30 -9.64 0.70 3.11
N VAL A 31 -8.60 1.10 2.40
CA VAL A 31 -8.09 2.49 2.39
C VAL A 31 -7.29 2.75 1.10
N ARG A 32 -7.62 3.86 0.44
CA ARG A 32 -6.81 4.48 -0.62
C ARG A 32 -5.88 5.53 0.04
N PHE A 33 -4.59 5.52 -0.26
CA PHE A 33 -3.62 6.47 0.34
C PHE A 33 -2.41 6.59 -0.56
N ARG A 34 -1.59 7.64 -0.36
CA ARG A 34 -0.34 7.80 -1.12
C ARG A 34 0.82 7.41 -0.19
N LEU A 35 1.39 6.23 -0.47
CA LEU A 35 2.52 5.71 0.27
C LEU A 35 3.78 6.48 -0.14
N GLU A 36 4.36 7.21 0.83
CA GLU A 36 5.60 7.94 0.63
C GLU A 36 6.76 6.94 0.57
N ASP A 37 7.18 6.61 -0.67
CA ASP A 37 8.34 5.76 -0.96
C ASP A 37 9.56 6.31 -0.21
N LYS A 38 9.90 5.67 0.91
CA LYS A 38 10.88 6.23 1.89
C LYS A 38 12.29 6.44 1.29
N ASP A 39 12.61 5.70 0.21
CA ASP A 39 13.91 5.79 -0.48
C ASP A 39 14.10 7.18 -1.14
N ASN A 40 13.00 7.74 -1.67
CA ASN A 40 13.00 9.05 -2.36
C ASN A 40 12.04 10.02 -1.67
N THR A 41 10.73 9.66 -1.68
CA THR A 41 9.60 10.45 -1.12
C THR A 41 9.20 11.63 -2.05
N SER A 42 10.14 12.04 -2.92
CA SER A 42 9.89 12.94 -4.07
C SER A 42 8.96 12.27 -5.10
N LYS A 43 8.85 10.93 -5.00
CA LYS A 43 7.91 10.13 -5.77
C LYS A 43 7.09 9.24 -4.80
N THR A 44 5.78 9.52 -4.70
CA THR A 44 4.83 8.75 -3.87
C THR A 44 3.90 7.96 -4.79
N VAL A 45 3.60 6.71 -4.42
CA VAL A 45 2.65 5.86 -5.17
C VAL A 45 1.34 5.78 -4.37
N TRP A 46 0.19 5.88 -5.06
CA TRP A 46 -1.13 5.68 -4.45
C TRP A 46 -1.36 4.17 -4.34
N VAL A 47 -2.06 3.74 -3.29
CA VAL A 47 -2.19 2.33 -2.94
C VAL A 47 -3.65 2.05 -2.61
N LEU A 48 -4.28 1.14 -3.37
CA LEU A 48 -5.63 0.66 -3.11
C LEU A 48 -5.55 -0.63 -2.29
N TYR A 49 -5.63 -0.48 -0.96
CA TYR A 49 -5.76 -1.61 -0.04
C TYR A 49 -7.26 -1.90 0.16
N LYS A 50 -7.68 -3.14 -0.07
CA LYS A 50 -9.04 -3.61 0.26
C LYS A 50 -8.94 -4.74 1.32
N GLY A 51 -9.39 -4.43 2.54
CA GLY A 51 -9.38 -5.38 3.66
C GLY A 51 -9.42 -4.67 5.01
N ALA A 52 -9.29 -5.45 6.10
CA ALA A 52 -9.35 -4.94 7.48
C ALA A 52 -8.17 -3.99 7.80
N VAL A 53 -8.48 -2.69 7.91
CA VAL A 53 -7.50 -1.65 8.25
C VAL A 53 -7.28 -1.62 9.79
N PRO A 54 -6.02 -1.89 10.29
CA PRO A 54 -5.72 -1.87 11.74
C PRO A 54 -5.58 -0.44 12.30
N ASP A 55 -5.63 -0.32 13.64
CA ASP A 55 -5.38 0.96 14.37
C ASP A 55 -3.93 1.41 14.18
N THR A 56 -3.06 0.44 13.85
CA THR A 56 -1.62 0.65 13.67
C THR A 56 -1.29 1.20 12.27
N PHE A 57 -2.27 1.15 11.34
CA PHE A 57 -2.20 1.90 10.08
C PHE A 57 -2.50 3.37 10.42
N LYS A 58 -1.46 4.19 10.39
CA LYS A 58 -1.52 5.58 10.85
C LYS A 58 -0.49 6.45 10.09
N PRO A 59 -0.77 7.77 9.91
CA PRO A 59 0.18 8.69 9.25
C PRO A 59 1.48 8.84 10.08
N GLY A 60 2.61 8.44 9.50
CA GLY A 60 3.90 8.52 10.18
C GLY A 60 4.56 7.16 10.38
N VAL A 61 3.77 6.06 10.28
CA VAL A 61 4.30 4.68 10.44
C VAL A 61 4.78 4.12 9.08
N GLU A 62 5.84 3.33 9.11
CA GLU A 62 6.28 2.54 7.96
C GLU A 62 5.35 1.33 7.80
N VAL A 63 4.87 1.12 6.57
CA VAL A 63 4.11 -0.09 6.21
C VAL A 63 4.77 -0.78 5.01
N ILE A 64 4.59 -2.09 4.97
CA ILE A 64 5.00 -2.95 3.87
C ILE A 64 3.71 -3.44 3.20
N ILE A 65 3.53 -3.12 1.92
CA ILE A 65 2.32 -3.48 1.16
C ILE A 65 2.64 -4.60 0.15
N GLU A 66 1.72 -5.59 0.05
CA GLU A 66 1.83 -6.70 -0.92
C GLU A 66 0.68 -6.56 -1.91
N GLY A 67 0.92 -6.95 -3.17
CA GLY A 67 -0.10 -6.93 -4.21
C GLY A 67 0.50 -6.89 -5.59
N GLY A 68 0.12 -5.89 -6.39
CA GLY A 68 0.69 -5.70 -7.73
C GLY A 68 0.27 -4.38 -8.37
N LEU A 69 1.20 -3.75 -9.09
CA LEU A 69 0.96 -2.55 -9.89
C LEU A 69 0.55 -2.98 -11.30
N ALA A 70 -0.69 -2.67 -11.69
CA ALA A 70 -1.25 -3.10 -12.99
C ALA A 70 -0.94 -2.05 -14.08
N PRO A 71 -0.47 -2.46 -15.31
CA PRO A 71 -0.18 -1.52 -16.42
C PRO A 71 -1.45 -0.82 -16.93
N GLY A 72 -1.75 0.35 -16.34
CA GLY A 72 -2.97 1.10 -16.62
C GLY A 72 -3.38 1.90 -15.39
N GLU A 73 -3.34 1.21 -14.25
CA GLU A 73 -3.53 1.81 -12.94
C GLU A 73 -2.16 2.23 -12.37
N ASP A 74 -1.97 3.54 -12.18
CA ASP A 74 -0.76 4.10 -11.52
C ASP A 74 -0.75 3.74 -10.02
N THR A 75 -1.93 3.34 -9.50
CA THR A 75 -2.10 2.92 -8.12
C THR A 75 -1.59 1.47 -7.95
N PHE A 76 -0.82 1.24 -6.89
CA PHE A 76 -0.38 -0.10 -6.47
C PHE A 76 -1.60 -0.77 -5.81
N LYS A 77 -2.17 -1.76 -6.48
CA LYS A 77 -3.38 -2.45 -6.03
C LYS A 77 -2.97 -3.52 -5.00
N ALA A 78 -3.04 -3.12 -3.72
CA ALA A 78 -2.60 -3.95 -2.58
C ALA A 78 -3.62 -5.04 -2.25
N ARG A 79 -3.12 -6.28 -2.21
CA ARG A 79 -3.88 -7.46 -1.81
C ARG A 79 -3.93 -7.56 -0.26
N THR A 80 -2.78 -7.27 0.40
CA THR A 80 -2.65 -7.29 1.87
C THR A 80 -1.81 -6.09 2.36
N LEU A 81 -1.89 -5.82 3.67
CA LEU A 81 -1.19 -4.72 4.34
C LEU A 81 -0.56 -5.24 5.64
N MET A 82 0.69 -4.84 5.93
CA MET A 82 1.35 -5.15 7.21
C MET A 82 2.08 -3.90 7.72
N THR A 83 1.65 -3.42 8.88
CA THR A 83 2.24 -2.27 9.56
C THR A 83 3.49 -2.71 10.35
N LYS A 84 4.55 -1.87 10.39
CA LYS A 84 5.80 -2.19 11.12
C LYS A 84 5.59 -2.15 12.64
N CYS A 85 4.60 -1.36 13.09
CA CYS A 85 4.15 -1.38 14.48
C CYS A 85 3.10 -2.51 14.64
N PRO A 86 3.35 -3.56 15.50
CA PRO A 86 2.37 -4.62 15.81
C PRO A 86 1.10 -4.06 16.47
N LEU A 87 -0.04 -4.79 16.35
CA LEU A 87 -1.38 -4.33 16.84
C LEU A 87 -1.31 -3.96 18.33
N GLU A 88 -1.24 -2.63 18.57
CA GLU A 88 -1.04 -2.03 19.89
C GLU A 88 -2.31 -2.19 20.77
N MET A 1 5.74 -24.46 -23.20
CA MET A 1 5.94 -23.03 -22.87
C MET A 1 5.72 -22.82 -21.36
N ALA A 2 6.81 -22.94 -20.58
CA ALA A 2 6.81 -22.70 -19.13
C ALA A 2 7.05 -21.20 -18.89
N THR A 3 5.95 -20.44 -18.76
CA THR A 3 6.01 -18.98 -18.60
C THR A 3 6.46 -18.58 -17.16
N PRO A 4 7.63 -17.88 -17.00
CA PRO A 4 8.05 -17.31 -15.70
C PRO A 4 7.64 -15.84 -15.55
N GLN A 5 6.66 -15.42 -16.37
CA GLN A 5 6.26 -14.02 -16.54
C GLN A 5 5.39 -13.52 -15.37
N ASP A 6 4.86 -12.29 -15.49
CA ASP A 6 3.96 -11.70 -14.49
C ASP A 6 2.61 -12.46 -14.48
N LYS A 7 2.54 -13.50 -13.64
CA LYS A 7 1.34 -14.28 -13.37
C LYS A 7 1.46 -14.83 -11.95
N LEU A 8 2.63 -15.44 -11.68
CA LEU A 8 3.01 -15.93 -10.34
C LEU A 8 3.81 -14.86 -9.59
N HIS A 9 4.07 -13.72 -10.27
CA HIS A 9 4.73 -12.54 -9.70
C HIS A 9 3.80 -11.86 -8.69
N THR A 10 4.38 -11.50 -7.55
CA THR A 10 3.72 -10.72 -6.49
C THR A 10 4.64 -9.54 -6.17
N VAL A 11 4.10 -8.31 -6.23
CA VAL A 11 4.88 -7.08 -6.08
C VAL A 11 4.77 -6.60 -4.63
N ARG A 12 5.90 -6.15 -4.06
CA ARG A 12 5.99 -5.69 -2.67
C ARG A 12 6.81 -4.40 -2.60
N LEU A 13 6.20 -3.31 -2.14
CA LEU A 13 6.83 -1.98 -2.09
C LEU A 13 6.86 -1.52 -0.60
N PHE A 14 7.91 -0.79 -0.23
CA PHE A 14 8.16 -0.36 1.16
C PHE A 14 8.13 1.18 1.23
N GLY A 15 7.58 1.71 2.33
CA GLY A 15 7.51 3.16 2.55
C GLY A 15 6.76 3.53 3.82
N THR A 16 6.40 4.82 3.94
CA THR A 16 5.67 5.36 5.10
C THR A 16 4.32 5.94 4.65
N VAL A 17 3.29 5.85 5.51
CA VAL A 17 1.96 6.40 5.23
C VAL A 17 1.98 7.93 5.35
N ALA A 18 1.52 8.62 4.29
CA ALA A 18 1.29 10.09 4.31
C ALA A 18 -0.18 10.37 4.65
N ALA A 19 -0.43 11.58 5.18
CA ALA A 19 -1.79 12.08 5.45
C ALA A 19 -2.44 12.67 4.18
N ASP A 20 -1.60 12.82 3.12
CA ASP A 20 -2.02 13.41 1.84
C ASP A 20 -2.91 12.41 1.09
N GLY A 21 -4.22 12.76 0.98
CA GLY A 21 -5.20 11.91 0.30
C GLY A 21 -5.51 10.63 1.05
N LEU A 22 -5.14 10.59 2.36
CA LEU A 22 -5.48 9.47 3.25
C LEU A 22 -6.99 9.54 3.51
N THR A 23 -7.72 8.64 2.88
CA THR A 23 -9.18 8.63 2.86
C THR A 23 -9.65 7.15 2.88
N MET A 24 -10.69 6.87 3.68
CA MET A 24 -11.24 5.50 3.80
C MET A 24 -12.23 5.28 2.65
N LEU A 25 -12.28 4.05 2.12
CA LEU A 25 -13.08 3.74 0.91
C LEU A 25 -14.59 3.86 1.20
N ASP A 26 -15.31 4.51 0.28
CA ASP A 26 -16.73 4.89 0.45
C ASP A 26 -17.63 3.64 0.54
N GLY A 27 -18.17 3.38 1.74
CA GLY A 27 -19.07 2.24 1.98
C GLY A 27 -18.40 0.88 1.77
N ALA A 28 -17.07 0.84 1.92
CA ALA A 28 -16.26 -0.37 1.67
C ALA A 28 -15.11 -0.43 2.68
N PRO A 29 -14.90 -1.61 3.37
CA PRO A 29 -13.71 -1.83 4.22
C PRO A 29 -12.42 -1.70 3.39
N GLY A 30 -11.60 -0.72 3.73
CA GLY A 30 -10.33 -0.48 3.05
C GLY A 30 -9.86 0.95 3.19
N VAL A 31 -8.66 1.25 2.66
CA VAL A 31 -8.04 2.57 2.78
C VAL A 31 -7.26 2.90 1.51
N ARG A 32 -7.31 4.19 1.16
CA ARG A 32 -6.46 4.81 0.14
C ARG A 32 -5.53 5.79 0.86
N PHE A 33 -4.23 5.74 0.55
CA PHE A 33 -3.23 6.65 1.14
C PHE A 33 -2.05 6.81 0.19
N ARG A 34 -1.26 7.86 0.42
CA ARG A 34 -0.09 8.16 -0.40
C ARG A 34 1.15 7.59 0.30
N LEU A 35 1.74 6.56 -0.29
CA LEU A 35 2.96 5.93 0.23
C LEU A 35 4.18 6.77 -0.15
N GLU A 36 4.90 7.22 0.87
CA GLU A 36 6.20 7.88 0.71
C GLU A 36 7.23 6.80 0.34
N ASP A 37 7.46 6.65 -0.98
CA ASP A 37 8.34 5.60 -1.55
C ASP A 37 9.79 5.69 -1.01
N LYS A 38 10.35 4.52 -0.67
CA LYS A 38 11.70 4.38 -0.10
C LYS A 38 12.74 4.01 -1.17
N ASP A 39 12.29 3.31 -2.23
CA ASP A 39 13.19 2.73 -3.26
C ASP A 39 13.93 3.83 -4.05
N ASN A 40 13.18 4.87 -4.43
CA ASN A 40 13.71 5.99 -5.26
C ASN A 40 13.54 7.33 -4.53
N THR A 41 12.39 7.48 -3.82
CA THR A 41 11.95 8.73 -3.15
C THR A 41 11.38 9.76 -4.17
N SER A 42 11.70 9.60 -5.46
CA SER A 42 11.31 10.54 -6.53
C SER A 42 9.86 10.32 -7.02
N LYS A 43 9.10 9.47 -6.30
CA LYS A 43 7.68 9.22 -6.57
C LYS A 43 6.98 8.92 -5.23
N THR A 44 5.65 9.09 -5.21
CA THR A 44 4.79 8.68 -4.10
C THR A 44 3.65 7.82 -4.69
N VAL A 45 3.44 6.63 -4.11
CA VAL A 45 2.58 5.57 -4.68
C VAL A 45 1.22 5.53 -3.95
N TRP A 46 0.12 5.68 -4.70
CA TRP A 46 -1.23 5.64 -4.13
C TRP A 46 -1.64 4.19 -3.86
N VAL A 47 -1.65 3.79 -2.59
CA VAL A 47 -1.97 2.41 -2.22
C VAL A 47 -3.48 2.27 -2.02
N LEU A 48 -4.10 1.55 -2.96
CA LEU A 48 -5.50 1.18 -2.90
C LEU A 48 -5.60 -0.22 -2.23
N TYR A 49 -5.88 -0.20 -0.92
CA TYR A 49 -6.03 -1.40 -0.09
C TYR A 49 -7.52 -1.66 0.15
N LYS A 50 -7.99 -2.88 -0.16
CA LYS A 50 -9.36 -3.34 0.16
C LYS A 50 -9.28 -4.45 1.22
N GLY A 51 -10.07 -4.31 2.29
CA GLY A 51 -10.15 -5.30 3.36
C GLY A 51 -9.98 -4.65 4.73
N ALA A 52 -9.76 -5.49 5.75
CA ALA A 52 -9.57 -5.04 7.14
C ALA A 52 -8.25 -4.25 7.27
N VAL A 53 -8.38 -2.94 7.51
CA VAL A 53 -7.23 -2.04 7.71
C VAL A 53 -6.72 -2.16 9.16
N PRO A 54 -5.36 -2.33 9.37
CA PRO A 54 -4.77 -2.39 10.73
C PRO A 54 -5.17 -1.20 11.63
N ASP A 55 -5.43 -1.45 12.92
CA ASP A 55 -5.61 -0.38 13.93
C ASP A 55 -4.28 0.36 14.18
N THR A 56 -3.18 -0.34 13.88
CA THR A 56 -1.80 0.18 13.96
C THR A 56 -1.48 1.14 12.77
N PHE A 57 -2.34 1.11 11.73
CA PHE A 57 -2.24 2.01 10.57
C PHE A 57 -2.61 3.45 10.99
N LYS A 58 -1.78 4.41 10.54
CA LYS A 58 -1.93 5.85 10.82
C LYS A 58 -0.97 6.66 9.91
N PRO A 59 -1.19 8.00 9.69
CA PRO A 59 -0.21 8.85 8.96
C PRO A 59 1.11 8.97 9.76
N GLY A 60 2.16 8.30 9.26
CA GLY A 60 3.50 8.34 9.87
C GLY A 60 4.05 6.97 10.23
N VAL A 61 3.22 5.90 10.14
CA VAL A 61 3.70 4.52 10.38
C VAL A 61 4.32 3.95 9.09
N GLU A 62 5.44 3.23 9.24
CA GLU A 62 6.13 2.57 8.11
C GLU A 62 5.41 1.26 7.80
N VAL A 63 4.84 1.18 6.59
CA VAL A 63 4.06 0.01 6.15
C VAL A 63 4.75 -0.74 5.01
N ILE A 64 4.45 -2.04 4.92
CA ILE A 64 4.86 -2.90 3.82
C ILE A 64 3.58 -3.28 3.05
N ILE A 65 3.50 -2.84 1.79
CA ILE A 65 2.37 -3.17 0.91
C ILE A 65 2.81 -4.32 -0.03
N GLU A 66 1.91 -5.27 -0.29
CA GLU A 66 2.20 -6.42 -1.16
C GLU A 66 0.91 -6.86 -1.87
N GLY A 67 1.03 -7.27 -3.13
CA GLY A 67 -0.10 -7.64 -3.98
C GLY A 67 0.31 -7.62 -5.44
N GLY A 68 -0.21 -6.65 -6.20
CA GLY A 68 0.20 -6.46 -7.59
C GLY A 68 -0.15 -5.08 -8.13
N LEU A 69 0.55 -4.67 -9.19
CA LEU A 69 0.30 -3.40 -9.91
C LEU A 69 0.03 -3.71 -11.39
N ALA A 70 -0.89 -2.95 -12.00
CA ALA A 70 -1.26 -3.11 -13.42
C ALA A 70 -0.25 -2.36 -14.33
N PRO A 71 0.04 -2.87 -15.57
CA PRO A 71 0.97 -2.21 -16.52
C PRO A 71 0.33 -0.96 -17.18
N GLY A 72 0.20 0.10 -16.37
CA GLY A 72 -0.52 1.32 -16.74
C GLY A 72 -1.50 1.70 -15.65
N GLU A 73 -0.95 2.15 -14.51
CA GLU A 73 -1.72 2.44 -13.29
C GLU A 73 -0.82 3.10 -12.24
N ASP A 74 -1.36 4.09 -11.52
CA ASP A 74 -0.67 4.77 -10.42
C ASP A 74 -0.88 3.99 -9.12
N THR A 75 -2.11 3.48 -8.93
CA THR A 75 -2.55 2.92 -7.66
C THR A 75 -2.14 1.45 -7.52
N PHE A 76 -1.37 1.16 -6.46
CA PHE A 76 -0.96 -0.21 -6.13
C PHE A 76 -2.11 -0.95 -5.42
N LYS A 77 -2.39 -2.18 -5.87
CA LYS A 77 -3.44 -3.02 -5.29
C LYS A 77 -2.80 -3.92 -4.21
N ALA A 78 -2.89 -3.49 -2.94
CA ALA A 78 -2.27 -4.20 -1.81
C ALA A 78 -3.17 -5.36 -1.33
N ARG A 79 -2.82 -6.57 -1.77
CA ARG A 79 -3.45 -7.83 -1.27
C ARG A 79 -3.30 -7.95 0.26
N THR A 80 -2.17 -7.42 0.77
CA THR A 80 -1.84 -7.41 2.19
C THR A 80 -1.23 -6.04 2.56
N LEU A 81 -1.59 -5.55 3.75
CA LEU A 81 -1.08 -4.30 4.33
C LEU A 81 -0.68 -4.59 5.77
N MET A 82 0.60 -4.41 6.10
CA MET A 82 1.13 -4.61 7.46
C MET A 82 1.95 -3.39 7.87
N THR A 83 1.92 -3.09 9.17
CA THR A 83 2.73 -2.02 9.76
C THR A 83 3.96 -2.63 10.46
N LYS A 84 5.05 -1.83 10.54
CA LYS A 84 6.28 -2.22 11.25
C LYS A 84 6.23 -1.80 12.72
N CYS A 85 5.41 -0.77 13.01
CA CYS A 85 5.22 -0.24 14.36
C CYS A 85 3.84 -0.65 14.92
N PRO A 86 3.77 -1.36 16.09
CA PRO A 86 2.49 -1.68 16.78
C PRO A 86 1.86 -0.44 17.47
N LEU A 87 0.76 -0.66 18.22
CA LEU A 87 0.03 0.40 18.94
C LEU A 87 0.92 1.02 20.04
N GLU A 88 1.50 2.19 19.70
CA GLU A 88 2.36 2.94 20.60
C GLU A 88 1.63 4.25 20.98
N MET A 1 -7.42 -23.67 -24.41
CA MET A 1 -7.30 -22.23 -24.06
C MET A 1 -5.98 -21.99 -23.32
N ALA A 2 -5.13 -21.11 -23.88
CA ALA A 2 -3.89 -20.66 -23.24
C ALA A 2 -4.22 -19.73 -22.06
N THR A 3 -4.40 -20.33 -20.88
CA THR A 3 -4.76 -19.60 -19.64
C THR A 3 -3.56 -19.61 -18.67
N PRO A 4 -2.73 -18.52 -18.65
CA PRO A 4 -1.59 -18.41 -17.71
C PRO A 4 -2.06 -17.99 -16.30
N GLN A 5 -2.56 -18.97 -15.53
CA GLN A 5 -2.93 -18.78 -14.11
C GLN A 5 -1.65 -18.65 -13.27
N ASP A 6 -1.22 -17.40 -13.07
CA ASP A 6 0.05 -17.08 -12.40
C ASP A 6 -0.13 -17.14 -10.87
N LYS A 7 0.96 -17.52 -10.16
CA LYS A 7 0.98 -17.61 -8.68
C LYS A 7 2.09 -16.70 -8.12
N LEU A 8 3.35 -17.01 -8.47
CA LEU A 8 4.53 -16.34 -7.89
C LEU A 8 5.02 -15.17 -8.76
N HIS A 9 4.17 -14.12 -8.87
CA HIS A 9 4.58 -12.77 -9.34
C HIS A 9 3.79 -11.74 -8.53
N THR A 10 3.99 -11.81 -7.22
CA THR A 10 3.46 -10.83 -6.25
C THR A 10 4.52 -9.73 -6.01
N VAL A 11 4.08 -8.48 -5.87
CA VAL A 11 4.96 -7.32 -5.66
C VAL A 11 4.92 -6.91 -4.18
N ARG A 12 6.08 -6.61 -3.59
CA ARG A 12 6.20 -6.08 -2.22
C ARG A 12 7.01 -4.77 -2.25
N LEU A 13 6.51 -3.75 -1.54
CA LEU A 13 7.09 -2.39 -1.54
C LEU A 13 7.05 -1.88 -0.08
N PHE A 14 8.12 -1.18 0.35
CA PHE A 14 8.25 -0.60 1.70
C PHE A 14 8.18 0.95 1.59
N GLY A 15 7.56 1.62 2.56
CA GLY A 15 7.51 3.10 2.58
C GLY A 15 6.81 3.64 3.81
N THR A 16 6.61 4.97 3.85
CA THR A 16 5.90 5.66 4.95
C THR A 16 4.56 6.22 4.44
N VAL A 17 3.51 6.00 5.22
CA VAL A 17 2.15 6.47 4.93
C VAL A 17 2.08 7.99 5.01
N ALA A 18 1.66 8.64 3.91
CA ALA A 18 1.37 10.08 3.92
C ALA A 18 -0.09 10.30 4.35
N ALA A 19 -0.31 11.43 5.04
CA ALA A 19 -1.65 11.89 5.43
C ALA A 19 -2.31 12.63 4.24
N ASP A 20 -1.49 12.91 3.21
CA ASP A 20 -1.90 13.61 1.98
C ASP A 20 -2.74 12.68 1.10
N GLY A 21 -4.01 13.06 0.89
CA GLY A 21 -4.94 12.27 0.08
C GLY A 21 -5.45 11.01 0.77
N LEU A 22 -5.16 10.87 2.09
CA LEU A 22 -5.56 9.71 2.87
C LEU A 22 -7.08 9.78 3.09
N THR A 23 -7.80 8.87 2.45
CA THR A 23 -9.26 8.77 2.44
C THR A 23 -9.67 7.33 2.74
N MET A 24 -10.59 7.14 3.69
CA MET A 24 -11.12 5.81 4.04
C MET A 24 -12.26 5.49 3.09
N LEU A 25 -12.31 4.24 2.58
CA LEU A 25 -13.37 3.79 1.66
C LEU A 25 -14.72 3.83 2.41
N ASP A 26 -15.60 4.77 1.99
CA ASP A 26 -16.83 5.15 2.73
C ASP A 26 -17.88 4.02 2.65
N GLY A 27 -18.11 3.36 3.79
CA GLY A 27 -19.07 2.26 3.89
C GLY A 27 -18.58 0.97 3.25
N ALA A 28 -17.24 0.85 3.13
CA ALA A 28 -16.56 -0.32 2.55
C ALA A 28 -15.23 -0.54 3.30
N PRO A 29 -14.95 -1.77 3.84
CA PRO A 29 -13.70 -2.05 4.59
C PRO A 29 -12.45 -1.86 3.69
N GLY A 30 -11.68 -0.80 3.97
CA GLY A 30 -10.46 -0.51 3.23
C GLY A 30 -10.00 0.93 3.42
N VAL A 31 -8.82 1.25 2.84
CA VAL A 31 -8.19 2.56 2.97
C VAL A 31 -7.46 2.94 1.68
N ARG A 32 -7.42 4.24 1.40
CA ARG A 32 -6.67 4.83 0.29
C ARG A 32 -5.71 5.89 0.87
N PHE A 33 -4.47 5.91 0.36
CA PHE A 33 -3.45 6.91 0.72
C PHE A 33 -2.39 6.94 -0.38
N ARG A 34 -1.41 7.87 -0.27
CA ARG A 34 -0.23 7.85 -1.15
C ARG A 34 0.99 7.51 -0.29
N LEU A 35 1.84 6.61 -0.81
CA LEU A 35 2.98 6.05 -0.06
C LEU A 35 4.28 6.76 -0.47
N GLU A 36 4.93 7.37 0.50
CA GLU A 36 6.23 8.04 0.30
C GLU A 36 7.34 7.00 0.30
N ASP A 37 7.76 6.60 -0.91
CA ASP A 37 8.87 5.66 -1.12
C ASP A 37 10.17 6.42 -1.44
N LYS A 38 11.31 5.82 -1.06
CA LYS A 38 12.65 6.43 -1.17
C LYS A 38 13.34 6.03 -2.49
N ASP A 39 12.92 4.89 -3.06
CA ASP A 39 13.58 4.27 -4.23
C ASP A 39 13.16 4.97 -5.53
N ASN A 40 11.87 5.37 -5.60
CA ASN A 40 11.33 6.09 -6.77
C ASN A 40 11.70 7.57 -6.71
N THR A 41 12.03 8.15 -7.89
CA THR A 41 12.66 9.47 -8.02
C THR A 41 11.71 10.62 -7.64
N SER A 42 11.62 10.83 -6.32
CA SER A 42 10.90 11.96 -5.70
C SER A 42 9.42 11.92 -6.10
N LYS A 43 8.74 10.88 -5.61
CA LYS A 43 7.40 10.50 -6.07
C LYS A 43 6.71 9.64 -5.00
N THR A 44 5.36 9.67 -5.01
CA THR A 44 4.52 8.85 -4.12
C THR A 44 3.61 7.95 -4.97
N VAL A 45 3.53 6.67 -4.60
CA VAL A 45 2.67 5.68 -5.27
C VAL A 45 1.44 5.45 -4.39
N TRP A 46 0.22 5.66 -4.94
CA TRP A 46 -1.03 5.51 -4.16
C TRP A 46 -1.24 4.03 -3.82
N VAL A 47 -1.70 3.75 -2.60
CA VAL A 47 -2.00 2.39 -2.17
C VAL A 47 -3.52 2.27 -1.99
N LEU A 48 -4.16 1.52 -2.90
CA LEU A 48 -5.56 1.16 -2.80
C LEU A 48 -5.66 -0.21 -2.11
N TYR A 49 -5.87 -0.16 -0.79
CA TYR A 49 -6.04 -1.36 0.05
C TYR A 49 -7.55 -1.61 0.26
N LYS A 50 -8.00 -2.82 -0.09
CA LYS A 50 -9.34 -3.32 0.23
C LYS A 50 -9.21 -4.45 1.27
N GLY A 51 -10.17 -4.52 2.19
CA GLY A 51 -10.15 -5.46 3.32
C GLY A 51 -10.10 -4.72 4.65
N ALA A 52 -10.27 -5.45 5.76
CA ALA A 52 -10.26 -4.88 7.11
C ALA A 52 -8.90 -4.23 7.43
N VAL A 53 -8.94 -2.94 7.81
CA VAL A 53 -7.73 -2.12 8.03
C VAL A 53 -7.10 -2.44 9.41
N PRO A 54 -5.75 -2.73 9.47
CA PRO A 54 -5.04 -2.95 10.75
C PRO A 54 -5.12 -1.71 11.67
N ASP A 55 -5.34 -1.94 12.98
CA ASP A 55 -5.44 -0.87 14.00
C ASP A 55 -4.09 -0.16 14.21
N THR A 56 -3.00 -0.89 13.97
CA THR A 56 -1.62 -0.33 14.06
C THR A 56 -1.32 0.64 12.88
N PHE A 57 -2.15 0.57 11.80
CA PHE A 57 -2.09 1.51 10.67
C PHE A 57 -2.55 2.90 11.10
N LYS A 58 -1.82 3.92 10.66
CA LYS A 58 -2.07 5.33 11.00
C LYS A 58 -1.29 6.24 10.02
N PRO A 59 -1.74 7.53 9.82
CA PRO A 59 -0.99 8.51 8.98
C PRO A 59 0.40 8.79 9.58
N GLY A 60 1.46 8.38 8.87
CA GLY A 60 2.85 8.66 9.29
C GLY A 60 3.62 7.43 9.73
N VAL A 61 2.95 6.25 9.82
CA VAL A 61 3.64 5.00 10.18
C VAL A 61 4.26 4.39 8.91
N GLU A 62 5.35 3.66 9.06
CA GLU A 62 5.92 2.87 7.97
C GLU A 62 5.09 1.60 7.80
N VAL A 63 4.94 1.15 6.55
CA VAL A 63 4.18 -0.05 6.17
C VAL A 63 4.95 -0.89 5.14
N ILE A 64 4.64 -2.19 5.13
CA ILE A 64 5.00 -3.13 4.08
C ILE A 64 3.71 -3.43 3.33
N ILE A 65 3.60 -2.92 2.11
CA ILE A 65 2.44 -3.16 1.23
C ILE A 65 2.80 -4.31 0.27
N GLU A 66 1.83 -5.18 0.00
CA GLU A 66 2.03 -6.35 -0.84
C GLU A 66 0.75 -6.66 -1.63
N GLY A 67 0.92 -7.03 -2.90
CA GLY A 67 -0.17 -7.27 -3.84
C GLY A 67 0.36 -7.29 -5.26
N GLY A 68 0.08 -6.22 -6.01
CA GLY A 68 0.65 -6.04 -7.35
C GLY A 68 0.42 -4.64 -7.88
N LEU A 69 1.18 -4.28 -8.91
CA LEU A 69 1.05 -2.99 -9.61
C LEU A 69 1.08 -3.26 -11.13
N ALA A 70 0.12 -2.69 -11.84
CA ALA A 70 -0.02 -2.86 -13.30
C ALA A 70 0.51 -1.61 -14.04
N PRO A 71 1.10 -1.77 -15.28
CA PRO A 71 1.54 -0.63 -16.13
C PRO A 71 0.40 0.40 -16.37
N GLY A 72 -0.82 -0.11 -16.54
CA GLY A 72 -2.01 0.73 -16.79
C GLY A 72 -2.73 1.16 -15.51
N GLU A 73 -1.94 1.54 -14.48
CA GLU A 73 -2.46 2.13 -13.22
C GLU A 73 -1.30 2.75 -12.41
N ASP A 74 -1.61 3.90 -11.77
CA ASP A 74 -0.66 4.64 -10.92
C ASP A 74 -0.68 4.07 -9.48
N THR A 75 -1.84 3.53 -9.07
CA THR A 75 -2.03 3.06 -7.69
C THR A 75 -1.64 1.58 -7.58
N PHE A 76 -0.88 1.26 -6.53
CA PHE A 76 -0.54 -0.11 -6.15
C PHE A 76 -1.78 -0.75 -5.48
N LYS A 77 -2.19 -1.90 -5.99
CA LYS A 77 -3.25 -2.70 -5.39
C LYS A 77 -2.65 -3.56 -4.26
N ALA A 78 -2.92 -3.16 -3.00
CA ALA A 78 -2.48 -3.90 -1.82
C ALA A 78 -3.49 -5.02 -1.53
N ARG A 79 -3.03 -6.26 -1.71
CA ARG A 79 -3.79 -7.46 -1.32
C ARG A 79 -3.87 -7.53 0.22
N THR A 80 -2.78 -7.09 0.86
CA THR A 80 -2.63 -7.06 2.32
C THR A 80 -1.88 -5.77 2.73
N LEU A 81 -2.20 -5.27 3.93
CA LEU A 81 -1.58 -4.07 4.51
C LEU A 81 -1.08 -4.42 5.91
N MET A 82 0.23 -4.33 6.10
CA MET A 82 0.90 -4.56 7.40
C MET A 82 1.86 -3.40 7.64
N THR A 83 2.03 -3.00 8.91
CA THR A 83 2.97 -1.93 9.30
C THR A 83 4.35 -2.51 9.64
N LYS A 84 5.36 -1.63 9.66
CA LYS A 84 6.74 -1.94 10.10
C LYS A 84 6.88 -1.63 11.61
N CYS A 85 5.74 -1.38 12.28
CA CYS A 85 5.68 -1.09 13.72
C CYS A 85 4.89 -2.21 14.43
N PRO A 86 5.28 -2.60 15.69
CA PRO A 86 4.53 -3.61 16.48
C PRO A 86 3.15 -3.08 16.99
N LEU A 87 2.48 -3.89 17.82
CA LEU A 87 1.18 -3.52 18.44
C LEU A 87 1.37 -2.41 19.48
N GLU A 88 0.66 -1.30 19.28
CA GLU A 88 0.66 -0.11 20.17
C GLU A 88 0.29 -0.51 21.63
N MET A 1 -2.13 -12.66 -24.82
CA MET A 1 -0.88 -13.14 -24.17
C MET A 1 -0.30 -12.07 -23.22
N ALA A 2 -0.43 -10.78 -23.61
CA ALA A 2 0.18 -9.64 -22.86
C ALA A 2 -0.76 -9.11 -21.75
N THR A 3 -1.75 -9.92 -21.34
CA THR A 3 -2.70 -9.55 -20.26
C THR A 3 -1.98 -9.43 -18.89
N PRO A 4 -2.00 -8.21 -18.23
CA PRO A 4 -1.46 -8.00 -16.86
C PRO A 4 -2.13 -8.91 -15.81
N GLN A 5 -1.52 -10.09 -15.58
CA GLN A 5 -2.02 -11.10 -14.60
C GLN A 5 -1.45 -10.82 -13.19
N ASP A 6 -1.39 -9.53 -12.84
CA ASP A 6 -0.86 -9.04 -11.55
C ASP A 6 -1.85 -9.28 -10.39
N LYS A 7 -3.00 -9.90 -10.71
CA LYS A 7 -3.95 -10.42 -9.71
C LYS A 7 -3.30 -11.55 -8.90
N LEU A 8 -2.51 -12.38 -9.62
CA LEU A 8 -1.74 -13.49 -9.03
C LEU A 8 -0.39 -13.00 -8.48
N HIS A 9 0.12 -11.90 -9.07
CA HIS A 9 1.46 -11.36 -8.73
C HIS A 9 1.39 -10.43 -7.50
N THR A 10 2.04 -10.86 -6.40
CA THR A 10 2.19 -10.07 -5.17
C THR A 10 3.62 -9.47 -5.10
N VAL A 11 3.72 -8.14 -5.30
CA VAL A 11 4.99 -7.38 -5.27
C VAL A 11 5.14 -6.70 -3.91
N ARG A 12 6.32 -6.80 -3.31
CA ARG A 12 6.58 -6.29 -1.96
C ARG A 12 7.23 -4.90 -2.08
N LEU A 13 6.46 -3.85 -1.73
CA LEU A 13 6.87 -2.45 -1.83
C LEU A 13 6.89 -1.86 -0.40
N PHE A 14 7.90 -1.02 -0.09
CA PHE A 14 8.18 -0.51 1.27
C PHE A 14 8.09 1.03 1.28
N GLY A 15 7.58 1.61 2.38
CA GLY A 15 7.52 3.07 2.53
C GLY A 15 6.93 3.48 3.87
N THR A 16 6.50 4.76 3.94
CA THR A 16 5.83 5.33 5.12
C THR A 16 4.54 6.07 4.68
N VAL A 17 3.47 5.93 5.50
CA VAL A 17 2.12 6.44 5.17
C VAL A 17 2.03 7.97 5.34
N ALA A 18 1.48 8.65 4.33
CA ALA A 18 1.23 10.10 4.38
C ALA A 18 -0.22 10.39 4.83
N ALA A 19 -0.41 11.58 5.42
CA ALA A 19 -1.73 12.06 5.85
C ALA A 19 -2.48 12.70 4.67
N ASP A 20 -1.73 13.40 3.79
CA ASP A 20 -2.29 14.19 2.67
C ASP A 20 -2.65 13.25 1.50
N GLY A 21 -3.79 12.55 1.61
CA GLY A 21 -4.23 11.59 0.61
C GLY A 21 -4.80 10.30 1.22
N LEU A 22 -4.82 10.25 2.57
CA LEU A 22 -5.33 9.08 3.32
C LEU A 22 -6.88 9.13 3.31
N THR A 23 -7.46 8.41 2.35
CA THR A 23 -8.91 8.28 2.17
C THR A 23 -9.37 6.89 2.68
N MET A 24 -10.12 6.86 3.79
CA MET A 24 -10.71 5.62 4.34
C MET A 24 -11.99 5.33 3.55
N LEU A 25 -12.02 4.18 2.84
CA LEU A 25 -13.12 3.83 1.91
C LEU A 25 -14.50 3.80 2.64
N ASP A 26 -15.46 4.59 2.14
CA ASP A 26 -16.77 4.83 2.79
C ASP A 26 -17.65 3.57 2.68
N GLY A 27 -17.70 2.79 3.77
CA GLY A 27 -18.49 1.56 3.80
C GLY A 27 -17.76 0.35 3.22
N ALA A 28 -16.97 0.59 2.16
CA ALA A 28 -16.12 -0.43 1.53
C ALA A 28 -14.92 -0.78 2.45
N PRO A 29 -14.65 -2.10 2.70
CA PRO A 29 -13.48 -2.53 3.50
C PRO A 29 -12.16 -2.20 2.76
N GLY A 30 -11.38 -1.27 3.33
CA GLY A 30 -10.08 -0.90 2.78
C GLY A 30 -9.71 0.54 3.06
N VAL A 31 -8.60 0.99 2.45
CA VAL A 31 -8.09 2.36 2.59
C VAL A 31 -7.22 2.72 1.36
N ARG A 32 -7.48 3.92 0.82
CA ARG A 32 -6.59 4.58 -0.13
C ARG A 32 -5.65 5.51 0.68
N PHE A 33 -4.40 5.59 0.26
CA PHE A 33 -3.42 6.55 0.79
C PHE A 33 -2.30 6.73 -0.21
N ARG A 34 -1.37 7.66 0.07
CA ARG A 34 -0.12 7.78 -0.70
C ARG A 34 1.04 7.33 0.19
N LEU A 35 1.70 6.26 -0.25
CA LEU A 35 2.89 5.72 0.39
C LEU A 35 4.09 6.56 -0.05
N GLU A 36 4.63 7.34 0.89
CA GLU A 36 5.89 8.07 0.69
C GLU A 36 7.03 7.05 0.69
N ASP A 37 7.49 6.71 -0.52
CA ASP A 37 8.59 5.76 -0.73
C ASP A 37 9.86 6.27 -0.02
N LYS A 38 10.64 5.33 0.53
CA LYS A 38 11.80 5.64 1.40
C LYS A 38 12.96 6.33 0.64
N ASP A 39 12.95 6.23 -0.70
CA ASP A 39 13.93 6.90 -1.57
C ASP A 39 13.34 8.21 -2.12
N ASN A 40 12.09 8.15 -2.61
CA ASN A 40 11.44 9.29 -3.32
C ASN A 40 10.05 9.61 -2.72
N THR A 41 9.85 10.90 -2.37
CA THR A 41 8.54 11.43 -1.94
C THR A 41 8.03 12.51 -2.92
N SER A 42 8.94 12.98 -3.82
CA SER A 42 8.59 13.91 -4.92
C SER A 42 7.55 13.26 -5.87
N LYS A 43 7.54 11.92 -5.85
CA LYS A 43 6.44 11.11 -6.41
C LYS A 43 6.20 9.97 -5.43
N THR A 44 5.04 10.00 -4.78
CA THR A 44 4.57 8.93 -3.90
C THR A 44 3.90 7.83 -4.74
N VAL A 45 3.83 6.63 -4.17
CA VAL A 45 3.09 5.51 -4.76
C VAL A 45 1.75 5.42 -4.05
N TRP A 46 0.66 5.63 -4.77
CA TRP A 46 -0.68 5.60 -4.20
C TRP A 46 -1.10 4.14 -4.03
N VAL A 47 -1.59 3.80 -2.84
CA VAL A 47 -1.94 2.44 -2.47
C VAL A 47 -3.43 2.34 -2.25
N LEU A 48 -4.09 1.52 -3.07
CA LEU A 48 -5.48 1.15 -2.88
C LEU A 48 -5.51 -0.25 -2.24
N TYR A 49 -5.56 -0.24 -0.90
CA TYR A 49 -5.68 -1.46 -0.09
C TYR A 49 -7.16 -1.80 0.03
N LYS A 50 -7.55 -3.02 -0.35
CA LYS A 50 -8.90 -3.56 -0.12
C LYS A 50 -8.83 -4.73 0.86
N GLY A 51 -9.59 -4.60 1.97
CA GLY A 51 -9.61 -5.60 3.05
C GLY A 51 -9.70 -4.92 4.41
N ALA A 52 -9.63 -5.73 5.49
CA ALA A 52 -9.66 -5.23 6.87
C ALA A 52 -8.33 -4.49 7.19
N VAL A 53 -8.45 -3.17 7.44
CA VAL A 53 -7.31 -2.30 7.77
C VAL A 53 -6.96 -2.43 9.27
N PRO A 54 -5.65 -2.59 9.65
CA PRO A 54 -5.23 -2.60 11.07
C PRO A 54 -5.40 -1.21 11.74
N ASP A 55 -5.64 -1.21 13.07
CA ASP A 55 -5.71 0.04 13.86
C ASP A 55 -4.32 0.71 13.97
N THR A 56 -3.27 -0.10 13.75
CA THR A 56 -1.87 0.33 13.81
C THR A 56 -1.53 1.24 12.60
N PHE A 57 -2.36 1.14 11.54
CA PHE A 57 -2.26 2.01 10.36
C PHE A 57 -2.68 3.44 10.74
N LYS A 58 -1.66 4.31 10.83
CA LYS A 58 -1.81 5.73 11.20
C LYS A 58 -1.04 6.62 10.19
N PRO A 59 -1.40 7.94 10.04
CA PRO A 59 -0.62 8.90 9.22
C PRO A 59 0.80 9.11 9.79
N GLY A 60 1.80 8.48 9.14
CA GLY A 60 3.20 8.59 9.57
C GLY A 60 3.80 7.26 10.00
N VAL A 61 3.00 6.16 10.01
CA VAL A 61 3.54 4.81 10.31
C VAL A 61 4.24 4.24 9.06
N GLU A 62 5.39 3.57 9.23
CA GLU A 62 6.00 2.80 8.15
C GLU A 62 5.16 1.56 7.89
N VAL A 63 4.96 1.21 6.60
CA VAL A 63 4.24 -0.02 6.20
C VAL A 63 5.00 -0.74 5.08
N ILE A 64 4.80 -2.08 5.04
CA ILE A 64 5.23 -2.96 3.97
C ILE A 64 3.95 -3.47 3.30
N ILE A 65 3.69 -3.02 2.07
CA ILE A 65 2.51 -3.40 1.29
C ILE A 65 2.89 -4.54 0.31
N GLU A 66 1.91 -5.37 -0.05
CA GLU A 66 2.10 -6.45 -1.02
C GLU A 66 0.77 -6.76 -1.72
N GLY A 67 0.81 -6.86 -3.05
CA GLY A 67 -0.38 -7.01 -3.90
C GLY A 67 -0.03 -6.81 -5.37
N GLY A 68 -0.95 -6.27 -6.17
CA GLY A 68 -0.75 -6.16 -7.62
C GLY A 68 -0.84 -4.75 -8.15
N LEU A 69 0.15 -4.38 -8.99
CA LEU A 69 0.19 -3.14 -9.77
C LEU A 69 0.02 -3.47 -11.26
N ALA A 70 -0.98 -2.86 -11.89
CA ALA A 70 -1.17 -2.94 -13.34
C ALA A 70 -0.25 -1.88 -14.01
N PRO A 71 0.44 -2.20 -15.16
CA PRO A 71 1.41 -1.27 -15.82
C PRO A 71 0.76 0.07 -16.28
N GLY A 72 -0.51 -0.01 -16.69
CA GLY A 72 -1.28 1.17 -17.12
C GLY A 72 -1.88 1.95 -15.95
N GLU A 73 -1.83 1.36 -14.75
CA GLU A 73 -2.35 1.96 -13.51
C GLU A 73 -1.19 2.50 -12.66
N ASP A 74 -1.40 3.65 -12.02
CA ASP A 74 -0.40 4.30 -11.15
C ASP A 74 -0.52 3.78 -9.71
N THR A 75 -1.76 3.46 -9.27
CA THR A 75 -2.02 3.06 -7.88
C THR A 75 -1.72 1.55 -7.72
N PHE A 76 -0.91 1.21 -6.71
CA PHE A 76 -0.63 -0.17 -6.32
C PHE A 76 -1.81 -0.68 -5.49
N LYS A 77 -2.43 -1.76 -5.97
CA LYS A 77 -3.60 -2.37 -5.31
C LYS A 77 -3.08 -3.41 -4.30
N ALA A 78 -2.97 -3.01 -3.02
CA ALA A 78 -2.44 -3.87 -1.96
C ALA A 78 -3.47 -4.95 -1.56
N ARG A 79 -3.02 -6.20 -1.63
CA ARG A 79 -3.77 -7.38 -1.16
C ARG A 79 -3.64 -7.47 0.37
N THR A 80 -2.44 -7.16 0.86
CA THR A 80 -2.05 -7.28 2.27
C THR A 80 -1.35 -5.98 2.69
N LEU A 81 -1.75 -5.46 3.86
CA LEU A 81 -1.17 -4.25 4.46
C LEU A 81 -0.54 -4.63 5.79
N MET A 82 0.79 -4.62 5.83
CA MET A 82 1.56 -4.83 7.06
C MET A 82 2.06 -3.48 7.53
N THR A 83 1.77 -3.11 8.78
CA THR A 83 2.44 -1.97 9.42
C THR A 83 3.78 -2.45 9.95
N LYS A 84 4.86 -1.79 9.51
CA LYS A 84 6.24 -2.17 9.82
C LYS A 84 6.49 -1.88 11.32
N CYS A 85 5.96 -0.74 11.79
CA CYS A 85 5.93 -0.39 13.21
C CYS A 85 4.71 -1.10 13.88
N PRO A 86 4.93 -2.05 14.84
CA PRO A 86 3.85 -2.91 15.39
C PRO A 86 3.05 -2.29 16.57
N LEU A 87 1.98 -3.02 16.98
CA LEU A 87 1.16 -2.73 18.18
C LEU A 87 1.97 -3.06 19.45
N GLU A 88 1.56 -2.53 20.63
CA GLU A 88 2.21 -2.84 21.92
C GLU A 88 1.58 -4.14 22.53
N MET A 1 8.46 -18.19 -23.98
CA MET A 1 7.62 -19.24 -24.62
C MET A 1 6.74 -19.93 -23.56
N ALA A 2 7.38 -20.71 -22.67
CA ALA A 2 6.70 -21.42 -21.58
C ALA A 2 7.18 -20.88 -20.23
N THR A 3 6.37 -20.00 -19.63
CA THR A 3 6.64 -19.42 -18.31
C THR A 3 6.39 -20.49 -17.23
N PRO A 4 7.40 -20.80 -16.34
CA PRO A 4 7.20 -21.69 -15.18
C PRO A 4 6.10 -21.13 -14.25
N GLN A 5 5.18 -22.02 -13.82
CA GLN A 5 3.96 -21.64 -13.10
C GLN A 5 4.28 -20.99 -11.73
N ASP A 6 4.44 -19.65 -11.75
CA ASP A 6 4.60 -18.85 -10.55
C ASP A 6 3.23 -18.39 -10.05
N LYS A 7 2.85 -18.89 -8.86
CA LYS A 7 1.63 -18.48 -8.15
C LYS A 7 1.92 -17.24 -7.30
N LEU A 8 3.16 -17.18 -6.79
CA LEU A 8 3.63 -16.17 -5.83
C LEU A 8 3.93 -14.79 -6.47
N HIS A 9 3.40 -14.51 -7.70
CA HIS A 9 3.64 -13.24 -8.41
C HIS A 9 2.97 -12.05 -7.69
N THR A 10 3.64 -11.59 -6.63
CA THR A 10 3.22 -10.45 -5.83
C THR A 10 4.37 -9.46 -5.77
N VAL A 11 4.03 -8.17 -5.65
CA VAL A 11 5.00 -7.08 -5.60
C VAL A 11 4.97 -6.50 -4.18
N ARG A 12 6.06 -6.71 -3.45
CA ARG A 12 6.17 -6.23 -2.07
C ARG A 12 6.94 -4.90 -2.05
N LEU A 13 6.21 -3.80 -1.79
CA LEU A 13 6.75 -2.43 -1.88
C LEU A 13 6.82 -1.87 -0.44
N PHE A 14 8.01 -1.39 -0.05
CA PHE A 14 8.26 -0.87 1.33
C PHE A 14 8.16 0.67 1.31
N GLY A 15 7.65 1.27 2.39
CA GLY A 15 7.60 2.72 2.52
C GLY A 15 6.87 3.18 3.76
N THR A 16 6.43 4.44 3.75
CA THR A 16 5.66 5.06 4.83
C THR A 16 4.38 5.69 4.27
N VAL A 17 3.28 5.55 5.01
CA VAL A 17 1.98 6.13 4.64
C VAL A 17 2.02 7.63 4.89
N ALA A 18 1.56 8.41 3.92
CA ALA A 18 1.53 9.86 4.04
C ALA A 18 0.40 10.33 4.96
N ALA A 19 0.69 11.37 5.74
CA ALA A 19 -0.32 12.12 6.49
C ALA A 19 -1.01 13.12 5.55
N ASP A 20 -0.27 13.51 4.48
CA ASP A 20 -0.78 14.36 3.41
C ASP A 20 -1.15 13.46 2.21
N GLY A 21 -2.43 13.10 2.13
CA GLY A 21 -2.96 12.27 1.05
C GLY A 21 -3.40 10.91 1.55
N LEU A 22 -4.53 10.89 2.26
CA LEU A 22 -5.11 9.66 2.84
C LEU A 22 -6.64 9.84 2.92
N THR A 23 -7.38 8.89 2.34
CA THR A 23 -8.86 8.81 2.44
C THR A 23 -9.27 7.33 2.60
N MET A 24 -10.04 7.03 3.65
CA MET A 24 -10.43 5.64 4.00
C MET A 24 -11.82 5.33 3.44
N LEU A 25 -12.16 4.03 3.36
CA LEU A 25 -13.51 3.59 2.99
C LEU A 25 -14.36 3.54 4.27
N ASP A 26 -15.27 4.52 4.42
CA ASP A 26 -16.04 4.75 5.66
C ASP A 26 -16.96 3.57 5.99
N GLY A 27 -16.69 2.89 7.11
CA GLY A 27 -17.47 1.73 7.54
C GLY A 27 -17.22 0.48 6.69
N ALA A 28 -16.14 0.49 5.89
CA ALA A 28 -15.79 -0.57 4.93
C ALA A 28 -14.31 -0.95 5.09
N PRO A 29 -13.94 -2.27 4.96
CA PRO A 29 -12.55 -2.73 5.11
C PRO A 29 -11.69 -2.34 3.88
N GLY A 30 -11.13 -1.12 3.94
CA GLY A 30 -10.21 -0.64 2.91
C GLY A 30 -9.78 0.81 3.15
N VAL A 31 -8.70 1.21 2.47
CA VAL A 31 -8.13 2.55 2.58
C VAL A 31 -7.30 2.88 1.33
N ARG A 32 -7.50 4.10 0.81
CA ARG A 32 -6.68 4.69 -0.24
C ARG A 32 -5.76 5.74 0.40
N PHE A 33 -4.49 5.75 -0.02
CA PHE A 33 -3.47 6.68 0.51
C PHE A 33 -2.34 6.79 -0.52
N ARG A 34 -1.37 7.71 -0.31
CA ARG A 34 -0.16 7.71 -1.14
C ARG A 34 0.99 7.13 -0.30
N LEU A 35 1.62 6.06 -0.80
CA LEU A 35 2.80 5.48 -0.18
C LEU A 35 4.04 6.26 -0.65
N GLU A 36 4.70 6.91 0.31
CA GLU A 36 5.97 7.61 0.11
C GLU A 36 7.10 6.57 0.25
N ASP A 37 7.89 6.39 -0.84
CA ASP A 37 8.94 5.34 -0.90
C ASP A 37 10.05 5.53 0.17
N LYS A 38 10.72 4.40 0.47
CA LYS A 38 11.86 4.26 1.42
C LYS A 38 12.79 5.49 1.43
N ASP A 39 13.29 5.83 0.23
CA ASP A 39 14.29 6.89 0.05
C ASP A 39 13.86 7.88 -1.05
N ASN A 40 13.09 7.37 -2.04
CA ASN A 40 12.64 8.17 -3.18
C ASN A 40 11.45 9.05 -2.77
N THR A 41 11.75 10.32 -2.41
CA THR A 41 10.73 11.35 -2.16
C THR A 41 9.94 11.70 -3.45
N SER A 42 10.54 11.32 -4.60
CA SER A 42 9.93 11.41 -5.93
C SER A 42 8.74 10.45 -6.08
N LYS A 43 8.93 9.18 -5.66
CA LYS A 43 7.90 8.12 -5.78
C LYS A 43 6.78 8.32 -4.75
N THR A 44 5.80 9.17 -5.09
CA THR A 44 4.54 9.28 -4.36
C THR A 44 3.46 8.55 -5.18
N VAL A 45 3.19 7.29 -4.81
CA VAL A 45 2.32 6.39 -5.58
C VAL A 45 1.08 6.09 -4.74
N TRP A 46 -0.11 6.15 -5.34
CA TRP A 46 -1.36 5.90 -4.61
C TRP A 46 -1.57 4.39 -4.47
N VAL A 47 -2.12 3.98 -3.33
CA VAL A 47 -2.28 2.57 -2.98
C VAL A 47 -3.72 2.35 -2.49
N LEU A 48 -4.44 1.50 -3.22
CA LEU A 48 -5.77 1.04 -2.83
C LEU A 48 -5.60 -0.30 -2.10
N TYR A 49 -5.50 -0.23 -0.76
CA TYR A 49 -5.51 -1.41 0.10
C TYR A 49 -6.96 -1.78 0.40
N LYS A 50 -7.41 -2.94 -0.09
CA LYS A 50 -8.73 -3.48 0.26
C LYS A 50 -8.54 -4.75 1.11
N GLY A 51 -9.14 -4.72 2.30
CA GLY A 51 -8.96 -5.75 3.32
C GLY A 51 -9.08 -5.12 4.71
N ALA A 52 -9.10 -5.95 5.76
CA ALA A 52 -9.25 -5.48 7.16
C ALA A 52 -8.14 -4.49 7.53
N VAL A 53 -8.52 -3.21 7.77
CA VAL A 53 -7.57 -2.13 8.04
C VAL A 53 -7.09 -2.24 9.50
N PRO A 54 -5.74 -2.41 9.74
CA PRO A 54 -5.19 -2.53 11.11
C PRO A 54 -5.52 -1.33 12.03
N ASP A 55 -5.69 -1.63 13.32
CA ASP A 55 -5.80 -0.60 14.39
C ASP A 55 -4.45 0.16 14.53
N THR A 56 -3.37 -0.55 14.16
CA THR A 56 -1.99 -0.02 14.14
C THR A 56 -1.71 0.84 12.87
N PHE A 57 -2.67 0.86 11.92
CA PHE A 57 -2.61 1.77 10.74
C PHE A 57 -2.97 3.20 11.17
N LYS A 58 -2.25 4.18 10.60
CA LYS A 58 -2.46 5.61 10.87
C LYS A 58 -1.79 6.45 9.75
N PRO A 59 -2.17 7.75 9.58
CA PRO A 59 -1.41 8.69 8.72
C PRO A 59 0.02 8.93 9.27
N GLY A 60 1.01 8.24 8.66
CA GLY A 60 2.40 8.33 9.12
C GLY A 60 3.03 6.99 9.47
N VAL A 61 2.24 5.89 9.53
CA VAL A 61 2.78 4.55 9.84
C VAL A 61 3.63 4.00 8.67
N GLU A 62 4.82 3.48 8.98
CA GLU A 62 5.65 2.76 8.01
C GLU A 62 5.02 1.39 7.73
N VAL A 63 4.77 1.10 6.45
CA VAL A 63 4.12 -0.17 6.05
C VAL A 63 4.91 -0.90 4.97
N ILE A 64 4.68 -2.21 4.93
CA ILE A 64 5.15 -3.10 3.88
C ILE A 64 3.89 -3.62 3.18
N ILE A 65 3.66 -3.16 1.96
CA ILE A 65 2.46 -3.57 1.19
C ILE A 65 2.83 -4.68 0.23
N GLU A 66 1.85 -5.49 -0.15
CA GLU A 66 2.02 -6.57 -1.12
C GLU A 66 0.74 -6.67 -1.97
N GLY A 67 0.90 -6.86 -3.28
CA GLY A 67 -0.22 -7.01 -4.19
C GLY A 67 0.21 -7.01 -5.63
N GLY A 68 -0.39 -6.14 -6.45
CA GLY A 68 -0.07 -6.05 -7.87
C GLY A 68 -0.38 -4.68 -8.46
N LEU A 69 0.35 -4.32 -9.51
CA LEU A 69 0.15 -3.08 -10.28
C LEU A 69 -0.09 -3.44 -11.75
N ALA A 70 -1.02 -2.73 -12.39
CA ALA A 70 -1.28 -2.89 -13.84
C ALA A 70 -0.26 -2.05 -14.65
N PRO A 71 0.33 -2.61 -15.75
CA PRO A 71 1.31 -1.87 -16.60
C PRO A 71 0.72 -0.55 -17.18
N GLY A 72 1.22 0.59 -16.69
CA GLY A 72 0.77 1.92 -17.13
C GLY A 72 -0.22 2.57 -16.17
N GLU A 73 -0.45 1.92 -15.02
CA GLU A 73 -1.34 2.43 -13.97
C GLU A 73 -0.51 3.15 -12.89
N ASP A 74 -1.14 4.11 -12.19
CA ASP A 74 -0.46 5.04 -11.23
C ASP A 74 -0.81 4.67 -9.77
N THR A 75 -1.63 3.62 -9.59
CA THR A 75 -2.15 3.25 -8.27
C THR A 75 -2.02 1.73 -8.04
N PHE A 76 -1.26 1.36 -7.00
CA PHE A 76 -0.98 -0.04 -6.63
C PHE A 76 -2.12 -0.61 -5.77
N LYS A 77 -2.59 -1.84 -6.06
CA LYS A 77 -3.59 -2.54 -5.21
C LYS A 77 -2.87 -3.46 -4.24
N ALA A 78 -2.91 -3.12 -2.94
CA ALA A 78 -2.33 -3.93 -1.88
C ALA A 78 -3.38 -4.92 -1.34
N ARG A 79 -3.11 -6.22 -1.52
CA ARG A 79 -3.94 -7.30 -0.95
C ARG A 79 -3.64 -7.51 0.55
N THR A 80 -2.42 -7.09 0.97
CA THR A 80 -1.98 -7.16 2.38
C THR A 80 -1.23 -5.86 2.76
N LEU A 81 -1.30 -5.52 4.07
CA LEU A 81 -0.71 -4.30 4.64
C LEU A 81 -0.03 -4.69 5.96
N MET A 82 1.27 -4.37 6.08
CA MET A 82 2.08 -4.76 7.25
C MET A 82 2.63 -3.52 7.95
N THR A 83 1.93 -3.05 8.98
CA THR A 83 2.29 -1.85 9.75
C THR A 83 3.48 -2.14 10.69
N LYS A 84 4.45 -1.22 10.76
CA LYS A 84 5.71 -1.40 11.50
C LYS A 84 5.60 -0.81 12.91
N CYS A 85 4.56 0.00 13.16
CA CYS A 85 4.30 0.59 14.48
C CYS A 85 3.41 -0.37 15.34
N PRO A 86 3.99 -1.07 16.37
CA PRO A 86 3.23 -1.94 17.28
C PRO A 86 2.56 -1.13 18.41
N LEU A 87 1.36 -0.63 18.12
CA LEU A 87 0.54 0.13 19.08
C LEU A 87 0.17 -0.81 20.25
N GLU A 88 0.73 -0.53 21.44
CA GLU A 88 0.52 -1.34 22.64
C GLU A 88 -0.85 -0.99 23.28
N MET A 1 -11.06 -5.33 -22.17
CA MET A 1 -9.75 -6.01 -22.35
C MET A 1 -9.62 -7.16 -21.34
N ALA A 2 -9.67 -8.41 -21.84
CA ALA A 2 -9.54 -9.62 -21.02
C ALA A 2 -8.06 -9.92 -20.77
N THR A 3 -7.50 -9.29 -19.73
CA THR A 3 -6.13 -9.52 -19.29
C THR A 3 -6.09 -10.81 -18.44
N PRO A 4 -5.24 -11.83 -18.82
CA PRO A 4 -4.99 -13.02 -17.97
C PRO A 4 -4.53 -12.57 -16.56
N GLN A 5 -5.45 -12.69 -15.57
CA GLN A 5 -5.28 -12.13 -14.22
C GLN A 5 -3.96 -12.58 -13.56
N ASP A 6 -3.09 -11.60 -13.28
CA ASP A 6 -1.78 -11.85 -12.68
C ASP A 6 -1.90 -12.13 -11.18
N LYS A 7 -1.47 -13.33 -10.80
CA LYS A 7 -1.49 -13.83 -9.42
C LYS A 7 -0.05 -14.12 -8.96
N LEU A 8 0.77 -14.61 -9.91
CA LEU A 8 2.10 -15.15 -9.63
C LEU A 8 3.16 -14.07 -9.35
N HIS A 9 3.05 -12.92 -10.05
CA HIS A 9 3.97 -11.78 -9.80
C HIS A 9 3.39 -10.88 -8.69
N THR A 10 3.53 -11.35 -7.44
CA THR A 10 3.17 -10.55 -6.27
C THR A 10 4.25 -9.45 -6.09
N VAL A 11 3.81 -8.19 -6.07
CA VAL A 11 4.71 -7.03 -5.93
C VAL A 11 4.64 -6.54 -4.48
N ARG A 12 5.76 -6.08 -3.94
CA ARG A 12 5.87 -5.64 -2.54
C ARG A 12 6.71 -4.37 -2.46
N LEU A 13 6.25 -3.40 -1.66
CA LEU A 13 6.93 -2.11 -1.48
C LEU A 13 7.17 -1.85 0.00
N PHE A 14 8.06 -0.88 0.23
CA PHE A 14 8.54 -0.48 1.57
C PHE A 14 8.62 1.06 1.59
N GLY A 15 8.08 1.67 2.65
CA GLY A 15 8.04 3.12 2.76
C GLY A 15 7.20 3.57 3.93
N THR A 16 6.77 4.85 3.92
CA THR A 16 5.99 5.44 5.01
C THR A 16 4.68 6.01 4.45
N VAL A 17 3.61 5.93 5.25
CA VAL A 17 2.27 6.45 4.88
C VAL A 17 2.25 7.97 4.97
N ALA A 18 1.80 8.61 3.87
CA ALA A 18 1.60 10.06 3.80
C ALA A 18 0.35 10.46 4.59
N ALA A 19 0.45 11.58 5.31
CA ALA A 19 -0.68 12.16 6.05
C ALA A 19 -1.65 12.92 5.13
N ASP A 20 -1.29 13.07 3.84
CA ASP A 20 -2.14 13.66 2.80
C ASP A 20 -2.50 12.59 1.76
N GLY A 21 -3.82 12.39 1.55
CA GLY A 21 -4.34 11.42 0.58
C GLY A 21 -4.88 10.15 1.22
N LEU A 22 -4.79 10.06 2.56
CA LEU A 22 -5.26 8.91 3.34
C LEU A 22 -6.81 8.95 3.42
N THR A 23 -7.46 8.21 2.52
CA THR A 23 -8.92 8.12 2.44
C THR A 23 -9.37 6.66 2.65
N MET A 24 -10.21 6.44 3.67
CA MET A 24 -10.74 5.10 4.00
C MET A 24 -11.96 4.84 3.12
N LEU A 25 -12.07 3.63 2.55
CA LEU A 25 -13.14 3.26 1.60
C LEU A 25 -14.54 3.40 2.25
N ASP A 26 -15.43 4.14 1.57
CA ASP A 26 -16.77 4.50 2.09
C ASP A 26 -17.67 3.25 2.11
N GLY A 27 -18.11 2.85 3.32
CA GLY A 27 -18.95 1.68 3.53
C GLY A 27 -18.30 0.37 3.10
N ALA A 28 -16.96 0.30 3.26
CA ALA A 28 -16.15 -0.85 2.82
C ALA A 28 -14.84 -0.91 3.64
N PRO A 29 -14.41 -2.13 4.11
CA PRO A 29 -13.07 -2.31 4.72
C PRO A 29 -11.96 -2.08 3.67
N GLY A 30 -11.23 -0.97 3.83
CA GLY A 30 -10.11 -0.64 2.95
C GLY A 30 -9.64 0.78 3.13
N VAL A 31 -8.51 1.11 2.50
CA VAL A 31 -7.89 2.43 2.57
C VAL A 31 -7.12 2.72 1.28
N ARG A 32 -6.99 4.00 0.98
CA ARG A 32 -6.13 4.55 -0.05
C ARG A 32 -5.20 5.57 0.62
N PHE A 33 -3.95 5.63 0.20
CA PHE A 33 -2.97 6.61 0.71
C PHE A 33 -1.84 6.76 -0.29
N ARG A 34 -0.93 7.70 -0.06
CA ARG A 34 0.29 7.82 -0.86
C ARG A 34 1.44 7.23 -0.06
N LEU A 35 2.00 6.10 -0.54
CA LEU A 35 3.23 5.55 0.03
C LEU A 35 4.40 6.44 -0.41
N GLU A 36 4.99 7.14 0.55
CA GLU A 36 6.26 7.83 0.37
C GLU A 36 7.35 6.77 0.31
N ASP A 37 7.94 6.59 -0.89
CA ASP A 37 8.94 5.53 -1.13
C ASP A 37 10.20 5.77 -0.30
N LYS A 38 10.83 4.66 0.12
CA LYS A 38 12.04 4.66 0.95
C LYS A 38 13.25 5.27 0.18
N ASP A 39 13.30 4.97 -1.13
CA ASP A 39 14.34 5.50 -2.04
C ASP A 39 13.89 6.84 -2.62
N ASN A 40 12.70 6.85 -3.26
CA ASN A 40 12.18 8.05 -3.96
C ASN A 40 11.66 9.09 -2.95
N THR A 41 12.34 10.24 -2.88
CA THR A 41 11.95 11.36 -2.01
C THR A 41 10.98 12.32 -2.73
N SER A 42 11.05 12.32 -4.09
CA SER A 42 10.25 13.23 -4.95
C SER A 42 9.03 12.51 -5.56
N LYS A 43 8.89 11.20 -5.30
CA LYS A 43 7.81 10.37 -5.89
C LYS A 43 7.03 9.62 -4.79
N THR A 44 5.70 9.77 -4.81
CA THR A 44 4.76 9.04 -3.94
C THR A 44 3.72 8.33 -4.83
N VAL A 45 3.48 7.04 -4.59
CA VAL A 45 2.49 6.25 -5.34
C VAL A 45 1.21 6.09 -4.50
N TRP A 46 0.03 6.11 -5.15
CA TRP A 46 -1.24 5.83 -4.48
C TRP A 46 -1.33 4.33 -4.23
N VAL A 47 -1.88 3.92 -3.11
CA VAL A 47 -1.95 2.52 -2.69
C VAL A 47 -3.39 2.19 -2.34
N LEU A 48 -4.04 1.42 -3.21
CA LEU A 48 -5.42 0.97 -3.01
C LEU A 48 -5.41 -0.38 -2.32
N TYR A 49 -5.50 -0.34 -0.99
CA TYR A 49 -5.63 -1.53 -0.14
C TYR A 49 -7.11 -1.80 0.07
N LYS A 50 -7.60 -2.95 -0.41
CA LYS A 50 -8.96 -3.42 -0.09
C LYS A 50 -8.85 -4.61 0.86
N GLY A 51 -9.34 -4.42 2.09
CA GLY A 51 -9.27 -5.41 3.15
C GLY A 51 -9.40 -4.75 4.51
N ALA A 52 -9.54 -5.55 5.57
CA ALA A 52 -9.69 -5.04 6.94
C ALA A 52 -8.42 -4.27 7.37
N VAL A 53 -8.55 -2.95 7.56
CA VAL A 53 -7.42 -2.08 7.89
C VAL A 53 -7.12 -2.15 9.41
N PRO A 54 -5.87 -2.53 9.82
CA PRO A 54 -5.45 -2.51 11.25
C PRO A 54 -5.51 -1.09 11.85
N ASP A 55 -5.81 -1.00 13.16
CA ASP A 55 -5.87 0.29 13.89
C ASP A 55 -4.45 0.87 14.10
N THR A 56 -3.44 0.01 13.92
CA THR A 56 -2.02 0.37 13.98
C THR A 56 -1.61 1.22 12.75
N PHE A 57 -2.40 1.06 11.66
CA PHE A 57 -2.30 1.89 10.46
C PHE A 57 -2.86 3.29 10.78
N LYS A 58 -2.12 4.32 10.35
CA LYS A 58 -2.40 5.73 10.68
C LYS A 58 -1.49 6.66 9.84
N PRO A 59 -1.83 7.98 9.68
CA PRO A 59 -0.96 8.93 8.95
C PRO A 59 0.42 9.10 9.64
N GLY A 60 1.46 8.51 9.02
CA GLY A 60 2.83 8.62 9.51
C GLY A 60 3.47 7.28 9.88
N VAL A 61 2.66 6.20 9.93
CA VAL A 61 3.18 4.84 10.22
C VAL A 61 3.93 4.29 8.98
N GLU A 62 5.00 3.53 9.19
CA GLU A 62 5.69 2.82 8.11
C GLU A 62 4.97 1.49 7.84
N VAL A 63 4.81 1.14 6.56
CA VAL A 63 4.10 -0.09 6.15
C VAL A 63 4.87 -0.84 5.05
N ILE A 64 4.58 -2.14 5.00
CA ILE A 64 5.00 -3.06 3.96
C ILE A 64 3.72 -3.54 3.26
N ILE A 65 3.50 -3.07 2.03
CA ILE A 65 2.30 -3.39 1.24
C ILE A 65 2.63 -4.49 0.22
N GLU A 66 1.77 -5.51 0.12
CA GLU A 66 1.95 -6.66 -0.77
C GLU A 66 0.67 -6.85 -1.60
N GLY A 67 0.81 -6.98 -2.91
CA GLY A 67 -0.30 -7.09 -3.83
C GLY A 67 0.18 -7.02 -5.26
N GLY A 68 -0.08 -5.90 -5.97
CA GLY A 68 0.47 -5.68 -7.30
C GLY A 68 0.10 -4.31 -7.89
N LEU A 69 1.06 -3.70 -8.60
CA LEU A 69 0.83 -2.47 -9.39
C LEU A 69 0.49 -2.86 -10.84
N ALA A 70 -0.64 -2.35 -11.35
CA ALA A 70 -1.09 -2.62 -12.73
C ALA A 70 -0.38 -1.67 -13.71
N PRO A 71 0.07 -2.17 -14.91
CA PRO A 71 0.81 -1.33 -15.92
C PRO A 71 -0.05 -0.18 -16.51
N GLY A 72 -1.39 -0.29 -16.36
CA GLY A 72 -2.33 0.73 -16.84
C GLY A 72 -3.03 1.49 -15.72
N GLU A 73 -2.90 1.02 -14.46
CA GLU A 73 -3.54 1.67 -13.29
C GLU A 73 -2.44 2.16 -12.34
N ASP A 74 -2.42 3.49 -12.07
CA ASP A 74 -1.30 4.18 -11.38
C ASP A 74 -1.20 3.80 -9.88
N THR A 75 -2.31 3.30 -9.32
CA THR A 75 -2.37 2.94 -7.90
C THR A 75 -1.93 1.47 -7.70
N PHE A 76 -1.09 1.24 -6.68
CA PHE A 76 -0.64 -0.08 -6.27
C PHE A 76 -1.79 -0.74 -5.50
N LYS A 77 -2.35 -1.81 -6.06
CA LYS A 77 -3.49 -2.49 -5.47
C LYS A 77 -2.96 -3.53 -4.46
N ALA A 78 -2.90 -3.11 -3.17
CA ALA A 78 -2.39 -3.93 -2.08
C ALA A 78 -3.46 -4.92 -1.62
N ARG A 79 -3.12 -6.21 -1.66
CA ARG A 79 -4.01 -7.29 -1.21
C ARG A 79 -3.94 -7.40 0.32
N THR A 80 -2.71 -7.27 0.85
CA THR A 80 -2.40 -7.47 2.27
C THR A 80 -1.55 -6.28 2.76
N LEU A 81 -1.88 -5.76 3.94
CA LEU A 81 -1.20 -4.62 4.58
C LEU A 81 -0.49 -5.12 5.83
N MET A 82 0.77 -4.73 6.03
CA MET A 82 1.56 -5.10 7.23
C MET A 82 2.32 -3.89 7.76
N THR A 83 1.81 -3.30 8.86
CA THR A 83 2.43 -2.16 9.53
C THR A 83 3.70 -2.60 10.27
N LYS A 84 4.75 -1.75 10.22
CA LYS A 84 6.04 -2.02 10.87
C LYS A 84 5.90 -1.99 12.40
N CYS A 85 5.23 -0.94 12.91
CA CYS A 85 4.95 -0.82 14.34
C CYS A 85 3.78 -1.77 14.70
N PRO A 86 3.92 -2.60 15.80
CA PRO A 86 2.85 -3.51 16.26
C PRO A 86 1.71 -2.75 17.00
N LEU A 87 0.85 -3.51 17.71
CA LEU A 87 -0.22 -2.92 18.54
C LEU A 87 0.43 -2.16 19.71
N GLU A 88 0.52 -0.83 19.55
CA GLU A 88 1.24 0.06 20.49
C GLU A 88 0.21 0.85 21.34
N MET A 1 14.93 -30.39 -14.28
CA MET A 1 14.94 -29.03 -14.86
C MET A 1 14.44 -28.00 -13.83
N ALA A 2 14.52 -26.72 -14.20
CA ALA A 2 13.96 -25.61 -13.42
C ALA A 2 12.42 -25.63 -13.54
N THR A 3 11.74 -26.03 -12.46
CA THR A 3 10.26 -26.14 -12.40
C THR A 3 9.71 -25.11 -11.37
N PRO A 4 9.48 -23.82 -11.81
CA PRO A 4 9.00 -22.74 -10.92
C PRO A 4 7.47 -22.69 -10.83
N GLN A 5 6.96 -22.13 -9.72
CA GLN A 5 5.53 -21.91 -9.51
C GLN A 5 5.15 -20.51 -10.03
N ASP A 6 4.26 -20.46 -11.04
CA ASP A 6 3.73 -19.20 -11.64
C ASP A 6 2.82 -18.44 -10.65
N LYS A 7 2.56 -19.06 -9.49
CA LYS A 7 1.85 -18.44 -8.35
C LYS A 7 2.56 -17.16 -7.87
N LEU A 8 3.91 -17.22 -7.80
CA LEU A 8 4.75 -16.15 -7.22
C LEU A 8 4.95 -14.98 -8.20
N HIS A 9 3.89 -14.16 -8.32
CA HIS A 9 3.88 -12.92 -9.15
C HIS A 9 3.16 -11.81 -8.37
N THR A 10 3.77 -11.44 -7.25
CA THR A 10 3.22 -10.48 -6.28
C THR A 10 4.31 -9.46 -5.91
N VAL A 11 3.96 -8.16 -5.84
CA VAL A 11 4.95 -7.07 -5.62
C VAL A 11 4.86 -6.61 -4.16
N ARG A 12 6.02 -6.44 -3.52
CA ARG A 12 6.11 -6.04 -2.11
C ARG A 12 6.94 -4.75 -2.02
N LEU A 13 6.33 -3.68 -1.48
CA LEU A 13 6.98 -2.37 -1.30
C LEU A 13 7.02 -2.01 0.18
N PHE A 14 7.91 -1.07 0.49
CA PHE A 14 8.21 -0.62 1.86
C PHE A 14 8.29 0.92 1.83
N GLY A 15 7.70 1.57 2.82
CA GLY A 15 7.72 3.03 2.89
C GLY A 15 6.93 3.58 4.06
N THR A 16 6.60 4.87 3.98
CA THR A 16 5.85 5.59 5.01
C THR A 16 4.57 6.20 4.39
N VAL A 17 3.47 6.12 5.13
CA VAL A 17 2.14 6.61 4.74
C VAL A 17 2.09 8.14 4.85
N ALA A 18 1.61 8.81 3.78
CA ALA A 18 1.36 10.26 3.81
C ALA A 18 0.03 10.56 4.51
N ALA A 19 0.03 11.63 5.32
CA ALA A 19 -1.18 12.13 5.99
C ALA A 19 -2.11 12.81 4.98
N ASP A 20 -1.50 13.58 4.05
CA ASP A 20 -2.21 14.27 2.97
C ASP A 20 -2.53 13.27 1.84
N GLY A 21 -3.83 13.04 1.63
CA GLY A 21 -4.31 12.09 0.63
C GLY A 21 -4.48 10.70 1.22
N LEU A 22 -5.05 10.64 2.44
CA LEU A 22 -5.43 9.37 3.09
C LEU A 22 -6.96 9.32 3.15
N THR A 23 -7.57 8.59 2.20
CA THR A 23 -9.02 8.43 2.08
C THR A 23 -9.42 7.00 2.44
N MET A 24 -10.21 6.83 3.52
CA MET A 24 -10.67 5.51 3.97
C MET A 24 -11.99 5.19 3.25
N LEU A 25 -12.09 3.97 2.69
CA LEU A 25 -13.22 3.56 1.84
C LEU A 25 -14.54 3.58 2.63
N ASP A 26 -15.54 4.30 2.07
CA ASP A 26 -16.86 4.49 2.70
C ASP A 26 -17.79 3.34 2.32
N GLY A 27 -18.47 2.76 3.32
CA GLY A 27 -19.41 1.65 3.11
C GLY A 27 -18.72 0.36 2.65
N ALA A 28 -17.40 0.27 2.87
CA ALA A 28 -16.58 -0.88 2.49
C ALA A 28 -15.31 -0.91 3.37
N PRO A 29 -14.87 -2.11 3.84
CA PRO A 29 -13.60 -2.25 4.59
C PRO A 29 -12.40 -2.00 3.66
N GLY A 30 -11.68 -0.90 3.92
CA GLY A 30 -10.48 -0.57 3.13
C GLY A 30 -9.99 0.84 3.37
N VAL A 31 -8.84 1.15 2.74
CA VAL A 31 -8.18 2.45 2.85
C VAL A 31 -7.48 2.78 1.51
N ARG A 32 -7.18 4.05 1.33
CA ARG A 32 -6.36 4.56 0.24
C ARG A 32 -5.43 5.61 0.84
N PHE A 33 -4.15 5.58 0.46
CA PHE A 33 -3.13 6.49 0.99
C PHE A 33 -2.02 6.69 -0.04
N ARG A 34 -1.24 7.75 0.12
CA ARG A 34 -0.10 8.02 -0.75
C ARG A 34 1.17 7.48 -0.07
N LEU A 35 1.69 6.33 -0.56
CA LEU A 35 2.95 5.76 -0.06
C LEU A 35 4.11 6.61 -0.57
N GLU A 36 5.02 6.95 0.35
CA GLU A 36 6.26 7.64 0.06
C GLU A 36 7.38 6.77 0.64
N ASP A 37 8.05 6.01 -0.23
CA ASP A 37 9.03 4.98 0.17
C ASP A 37 10.12 5.56 1.08
N LYS A 38 10.53 4.75 2.10
CA LYS A 38 11.42 5.17 3.19
C LYS A 38 12.71 5.81 2.63
N ASP A 39 13.26 5.18 1.59
CA ASP A 39 14.43 5.69 0.87
C ASP A 39 13.97 6.54 -0.32
N ASN A 40 13.13 5.94 -1.19
CA ASN A 40 12.72 6.57 -2.46
C ASN A 40 11.37 7.31 -2.29
N THR A 41 11.40 8.40 -1.49
CA THR A 41 10.24 9.27 -1.24
C THR A 41 9.94 10.15 -2.48
N SER A 42 10.91 10.22 -3.41
CA SER A 42 10.78 10.92 -4.72
C SER A 42 9.72 10.23 -5.60
N LYS A 43 9.46 8.95 -5.31
CA LYS A 43 8.39 8.17 -5.96
C LYS A 43 7.19 8.16 -4.99
N THR A 44 6.23 9.07 -5.22
CA THR A 44 4.98 9.15 -4.45
C THR A 44 3.89 8.32 -5.18
N VAL A 45 3.60 7.14 -4.64
CA VAL A 45 2.65 6.17 -5.22
C VAL A 45 1.32 6.24 -4.45
N TRP A 46 0.20 6.16 -5.17
CA TRP A 46 -1.13 5.96 -4.56
C TRP A 46 -1.36 4.47 -4.35
N VAL A 47 -1.82 4.06 -3.17
CA VAL A 47 -2.01 2.66 -2.83
C VAL A 47 -3.47 2.44 -2.40
N LEU A 48 -4.16 1.57 -3.13
CA LEU A 48 -5.54 1.19 -2.84
C LEU A 48 -5.54 -0.20 -2.18
N TYR A 49 -5.90 -0.24 -0.90
CA TYR A 49 -6.01 -1.47 -0.12
C TYR A 49 -7.51 -1.77 0.12
N LYS A 50 -7.96 -2.95 -0.33
CA LYS A 50 -9.32 -3.47 -0.05
C LYS A 50 -9.22 -4.56 1.02
N GLY A 51 -9.86 -4.31 2.17
CA GLY A 51 -9.91 -5.26 3.28
C GLY A 51 -9.86 -4.55 4.63
N ALA A 52 -9.97 -5.32 5.72
CA ALA A 52 -9.91 -4.77 7.08
C ALA A 52 -8.52 -4.17 7.34
N VAL A 53 -8.48 -2.85 7.56
CA VAL A 53 -7.24 -2.10 7.75
C VAL A 53 -6.74 -2.27 9.20
N PRO A 54 -5.44 -2.69 9.42
CA PRO A 54 -4.84 -2.81 10.76
C PRO A 54 -5.09 -1.58 11.65
N ASP A 55 -5.39 -1.80 12.93
CA ASP A 55 -5.62 -0.73 13.92
C ASP A 55 -4.32 0.05 14.22
N THR A 56 -3.18 -0.62 13.99
CA THR A 56 -1.83 -0.02 14.11
C THR A 56 -1.50 0.92 12.91
N PHE A 57 -2.32 0.83 11.83
CA PHE A 57 -2.19 1.73 10.66
C PHE A 57 -2.70 3.12 11.04
N LYS A 58 -1.94 4.14 10.62
CA LYS A 58 -2.20 5.55 10.94
C LYS A 58 -1.53 6.44 9.86
N PRO A 59 -1.90 7.74 9.73
CA PRO A 59 -1.16 8.71 8.91
C PRO A 59 0.26 8.95 9.46
N GLY A 60 1.29 8.49 8.72
CA GLY A 60 2.69 8.71 9.09
C GLY A 60 3.39 7.45 9.61
N VAL A 61 2.68 6.31 9.67
CA VAL A 61 3.29 5.01 10.03
C VAL A 61 4.07 4.44 8.84
N GLU A 62 5.13 3.68 9.13
CA GLU A 62 5.82 2.89 8.12
C GLU A 62 5.06 1.58 7.93
N VAL A 63 4.86 1.19 6.66
CA VAL A 63 4.09 -0.01 6.27
C VAL A 63 4.87 -0.88 5.28
N ILE A 64 4.41 -2.13 5.20
CA ILE A 64 4.78 -3.11 4.19
C ILE A 64 3.50 -3.49 3.44
N ILE A 65 3.42 -3.10 2.16
CA ILE A 65 2.30 -3.45 1.28
C ILE A 65 2.71 -4.62 0.37
N GLU A 66 1.77 -5.52 0.11
CA GLU A 66 1.99 -6.73 -0.69
C GLU A 66 0.74 -6.93 -1.57
N GLY A 67 0.94 -7.03 -2.89
CA GLY A 67 -0.15 -7.11 -3.85
C GLY A 67 0.37 -7.00 -5.27
N GLY A 68 0.15 -5.86 -5.93
CA GLY A 68 0.78 -5.61 -7.22
C GLY A 68 0.39 -4.28 -7.81
N LEU A 69 1.36 -3.64 -8.47
CA LEU A 69 1.13 -2.45 -9.30
C LEU A 69 0.84 -2.93 -10.74
N ALA A 70 -0.38 -2.64 -11.20
CA ALA A 70 -0.85 -3.11 -12.51
C ALA A 70 -0.35 -2.16 -13.63
N PRO A 71 0.32 -2.70 -14.71
CA PRO A 71 0.74 -1.89 -15.89
C PRO A 71 -0.48 -1.26 -16.60
N GLY A 72 -0.77 0.00 -16.25
CA GLY A 72 -1.96 0.71 -16.72
C GLY A 72 -2.55 1.57 -15.60
N GLU A 73 -2.57 0.98 -14.40
CA GLU A 73 -2.99 1.67 -13.16
C GLU A 73 -1.77 2.36 -12.51
N ASP A 74 -1.98 3.61 -12.08
CA ASP A 74 -0.99 4.37 -11.30
C ASP A 74 -0.95 3.86 -9.85
N THR A 75 -2.09 3.32 -9.39
CA THR A 75 -2.23 2.87 -8.01
C THR A 75 -1.68 1.45 -7.82
N PHE A 76 -0.94 1.25 -6.71
CA PHE A 76 -0.53 -0.07 -6.26
C PHE A 76 -1.74 -0.69 -5.55
N LYS A 77 -2.20 -1.82 -6.07
CA LYS A 77 -3.35 -2.54 -5.51
C LYS A 77 -2.84 -3.51 -4.43
N ALA A 78 -2.92 -3.08 -3.16
CA ALA A 78 -2.47 -3.86 -2.01
C ALA A 78 -3.50 -4.94 -1.68
N ARG A 79 -3.09 -6.21 -1.81
CA ARG A 79 -3.91 -7.38 -1.52
C ARG A 79 -3.93 -7.64 -0.01
N THR A 80 -2.75 -7.47 0.60
CA THR A 80 -2.52 -7.71 2.03
C THR A 80 -1.75 -6.50 2.60
N LEU A 81 -2.09 -6.07 3.81
CA LEU A 81 -1.46 -4.90 4.46
C LEU A 81 -0.96 -5.28 5.85
N MET A 82 0.18 -4.70 6.21
CA MET A 82 0.80 -4.80 7.54
C MET A 82 1.64 -3.56 7.76
N THR A 83 1.77 -3.07 8.99
CA THR A 83 2.72 -2.00 9.32
C THR A 83 4.11 -2.61 9.54
N LYS A 84 5.15 -1.82 9.29
CA LYS A 84 6.54 -2.22 9.53
C LYS A 84 6.94 -1.85 10.97
N CYS A 85 6.40 -0.71 11.45
CA CYS A 85 6.54 -0.26 12.84
C CYS A 85 5.15 -0.32 13.53
N PRO A 86 4.97 -1.14 14.61
CA PRO A 86 3.72 -1.19 15.40
C PRO A 86 3.66 -0.06 16.46
N LEU A 87 2.45 0.15 17.04
CA LEU A 87 2.23 1.16 18.09
C LEU A 87 2.80 0.66 19.44
N GLU A 88 4.04 1.07 19.73
CA GLU A 88 4.81 0.62 20.91
C GLU A 88 5.31 1.85 21.71
N MET A 1 20.54 -14.79 -10.40
CA MET A 1 19.16 -14.87 -10.95
C MET A 1 18.78 -16.32 -11.32
N ALA A 2 19.77 -17.24 -11.27
CA ALA A 2 19.58 -18.66 -11.65
C ALA A 2 18.54 -19.35 -10.76
N THR A 3 18.60 -19.06 -9.45
CA THR A 3 17.67 -19.60 -8.45
C THR A 3 16.23 -19.11 -8.71
N PRO A 4 15.28 -20.03 -9.08
CA PRO A 4 13.86 -19.71 -9.22
C PRO A 4 13.08 -20.11 -7.95
N GLN A 5 11.76 -20.42 -8.10
CA GLN A 5 10.91 -21.03 -7.05
C GLN A 5 10.61 -20.05 -5.88
N ASP A 6 11.10 -18.81 -5.98
CA ASP A 6 10.89 -17.76 -4.96
C ASP A 6 9.49 -17.12 -5.14
N LYS A 7 8.97 -16.52 -4.06
CA LYS A 7 7.63 -15.90 -4.03
C LYS A 7 7.70 -14.37 -4.27
N LEU A 8 8.82 -13.91 -4.90
CA LEU A 8 9.00 -12.47 -5.22
C LEU A 8 8.33 -12.09 -6.56
N HIS A 9 7.49 -13.01 -7.11
CA HIS A 9 6.63 -12.74 -8.29
C HIS A 9 5.54 -11.71 -7.92
N THR A 10 5.03 -11.80 -6.68
CA THR A 10 4.18 -10.74 -6.08
C THR A 10 5.06 -9.50 -5.81
N VAL A 11 4.46 -8.30 -5.82
CA VAL A 11 5.21 -7.06 -5.65
C VAL A 11 5.15 -6.63 -4.18
N ARG A 12 6.27 -6.81 -3.49
CA ARG A 12 6.47 -6.33 -2.12
C ARG A 12 7.06 -4.91 -2.20
N LEU A 13 6.44 -3.95 -1.49
CA LEU A 13 6.88 -2.55 -1.46
C LEU A 13 6.89 -2.11 0.03
N PHE A 14 8.00 -1.51 0.47
CA PHE A 14 8.14 -0.97 1.84
C PHE A 14 8.15 0.57 1.72
N GLY A 15 7.47 1.26 2.64
CA GLY A 15 7.41 2.71 2.64
C GLY A 15 6.67 3.26 3.84
N THR A 16 6.35 4.56 3.80
CA THR A 16 5.64 5.25 4.89
C THR A 16 4.38 5.93 4.35
N VAL A 17 3.31 5.92 5.15
CA VAL A 17 2.02 6.56 4.81
C VAL A 17 2.16 8.08 5.01
N ALA A 18 1.96 8.84 3.93
CA ALA A 18 1.95 10.31 3.98
C ALA A 18 0.70 10.81 4.72
N ALA A 19 0.87 11.90 5.51
CA ALA A 19 -0.24 12.53 6.23
C ALA A 19 -1.21 13.17 5.26
N ASP A 20 -0.65 13.82 4.24
CA ASP A 20 -1.40 14.41 3.13
C ASP A 20 -1.75 13.30 2.13
N GLY A 21 -3.06 13.07 1.94
CA GLY A 21 -3.54 12.10 0.97
C GLY A 21 -3.78 10.74 1.60
N LEU A 22 -4.74 10.68 2.53
CA LEU A 22 -5.19 9.45 3.17
C LEU A 22 -6.74 9.44 3.15
N THR A 23 -7.32 8.68 2.21
CA THR A 23 -8.77 8.59 2.01
C THR A 23 -9.29 7.20 2.41
N MET A 24 -10.15 7.14 3.42
CA MET A 24 -10.76 5.90 3.90
C MET A 24 -12.02 5.57 3.07
N LEU A 25 -12.27 4.27 2.84
CA LEU A 25 -13.47 3.80 2.16
C LEU A 25 -14.61 3.66 3.18
N ASP A 26 -15.75 4.29 2.89
CA ASP A 26 -16.98 4.23 3.72
C ASP A 26 -17.95 3.24 3.05
N GLY A 27 -18.63 2.44 3.89
CA GLY A 27 -19.60 1.43 3.40
C GLY A 27 -18.94 0.11 2.99
N ALA A 28 -17.60 0.02 3.17
CA ALA A 28 -16.80 -1.18 2.82
C ALA A 28 -15.40 -1.09 3.49
N PRO A 29 -14.85 -2.25 4.00
CA PRO A 29 -13.49 -2.29 4.58
C PRO A 29 -12.40 -2.05 3.50
N GLY A 30 -11.70 -0.91 3.62
CA GLY A 30 -10.59 -0.56 2.75
C GLY A 30 -10.11 0.86 2.98
N VAL A 31 -9.00 1.20 2.30
CA VAL A 31 -8.35 2.51 2.41
C VAL A 31 -7.43 2.72 1.19
N ARG A 32 -7.46 3.95 0.65
CA ARG A 32 -6.46 4.44 -0.30
C ARG A 32 -5.58 5.47 0.43
N PHE A 33 -4.27 5.40 0.22
CA PHE A 33 -3.32 6.29 0.91
C PHE A 33 -2.12 6.57 0.00
N ARG A 34 -1.46 7.71 0.22
CA ARG A 34 -0.34 8.14 -0.61
C ARG A 34 0.94 7.64 0.04
N LEU A 35 1.43 6.49 -0.45
CA LEU A 35 2.64 5.85 0.05
C LEU A 35 3.89 6.56 -0.49
N GLU A 36 4.89 6.75 0.37
CA GLU A 36 6.19 7.32 0.01
C GLU A 36 7.19 6.16 -0.07
N ASP A 37 7.69 5.86 -1.29
CA ASP A 37 8.70 4.80 -1.52
C ASP A 37 9.96 5.09 -0.68
N LYS A 38 10.43 4.07 0.06
CA LYS A 38 11.49 4.21 1.09
C LYS A 38 12.84 4.68 0.51
N ASP A 39 13.12 4.35 -0.76
CA ASP A 39 14.37 4.74 -1.45
C ASP A 39 14.21 6.06 -2.20
N ASN A 40 12.99 6.30 -2.73
CA ASN A 40 12.71 7.47 -3.56
C ASN A 40 11.33 8.06 -3.21
N THR A 41 11.33 9.08 -2.32
CA THR A 41 10.11 9.78 -1.88
C THR A 41 9.49 10.62 -3.04
N SER A 42 10.29 10.87 -4.10
CA SER A 42 9.83 11.53 -5.34
C SER A 42 8.65 10.75 -5.97
N LYS A 43 8.59 9.43 -5.70
CA LYS A 43 7.49 8.56 -6.10
C LYS A 43 6.54 8.38 -4.90
N THR A 44 5.65 9.35 -4.71
CA THR A 44 4.50 9.20 -3.79
C THR A 44 3.33 8.62 -4.61
N VAL A 45 3.15 7.31 -4.47
CA VAL A 45 2.16 6.53 -5.24
C VAL A 45 0.95 6.24 -4.36
N TRP A 46 -0.25 6.29 -4.95
CA TRP A 46 -1.49 5.97 -4.25
C TRP A 46 -1.63 4.45 -4.19
N VAL A 47 -2.03 3.92 -3.03
CA VAL A 47 -2.14 2.49 -2.80
C VAL A 47 -3.56 2.16 -2.36
N LEU A 48 -4.22 1.34 -3.18
CA LEU A 48 -5.56 0.85 -2.91
C LEU A 48 -5.45 -0.48 -2.17
N TYR A 49 -5.46 -0.41 -0.85
CA TYR A 49 -5.55 -1.58 0.03
C TYR A 49 -7.02 -1.78 0.40
N LYS A 50 -7.59 -2.90 -0.03
CA LYS A 50 -8.96 -3.28 0.35
C LYS A 50 -8.90 -4.51 1.24
N GLY A 51 -9.79 -4.58 2.22
CA GLY A 51 -9.81 -5.63 3.23
C GLY A 51 -9.85 -5.02 4.62
N ALA A 52 -9.71 -5.88 5.64
CA ALA A 52 -9.73 -5.45 7.05
C ALA A 52 -8.52 -4.56 7.35
N VAL A 53 -8.77 -3.27 7.61
CA VAL A 53 -7.74 -2.28 7.92
C VAL A 53 -7.34 -2.42 9.41
N PRO A 54 -6.03 -2.66 9.73
CA PRO A 54 -5.54 -2.71 11.13
C PRO A 54 -5.64 -1.33 11.82
N ASP A 55 -5.93 -1.33 13.12
CA ASP A 55 -6.03 -0.08 13.95
C ASP A 55 -4.66 0.60 14.09
N THR A 56 -3.60 -0.16 13.79
CA THR A 56 -2.21 0.31 13.83
C THR A 56 -1.86 1.18 12.60
N PHE A 57 -2.66 1.05 11.52
CA PHE A 57 -2.51 1.86 10.30
C PHE A 57 -2.87 3.33 10.60
N LYS A 58 -1.97 4.25 10.27
CA LYS A 58 -2.12 5.68 10.59
C LYS A 58 -1.28 6.56 9.62
N PRO A 59 -1.52 7.91 9.56
CA PRO A 59 -0.63 8.83 8.82
C PRO A 59 0.73 8.98 9.54
N GLY A 60 1.80 8.48 8.90
CA GLY A 60 3.17 8.62 9.41
C GLY A 60 3.83 7.29 9.75
N VAL A 61 3.06 6.19 9.72
CA VAL A 61 3.59 4.85 10.02
C VAL A 61 4.29 4.21 8.79
N GLU A 62 5.39 3.49 9.04
CA GLU A 62 6.04 2.64 8.04
C GLU A 62 5.20 1.37 7.83
N VAL A 63 4.58 1.26 6.65
CA VAL A 63 3.79 0.10 6.25
C VAL A 63 4.57 -0.74 5.23
N ILE A 64 4.23 -2.03 5.21
CA ILE A 64 4.79 -3.02 4.32
C ILE A 64 3.60 -3.62 3.55
N ILE A 65 3.46 -3.24 2.28
CA ILE A 65 2.32 -3.65 1.43
C ILE A 65 2.75 -4.79 0.48
N GLU A 66 1.76 -5.60 0.07
CA GLU A 66 1.97 -6.75 -0.79
C GLU A 66 0.81 -6.83 -1.78
N GLY A 67 1.11 -6.82 -3.08
CA GLY A 67 0.09 -6.90 -4.12
C GLY A 67 0.71 -6.73 -5.48
N GLY A 68 0.27 -5.72 -6.24
CA GLY A 68 0.84 -5.43 -7.54
C GLY A 68 0.37 -4.11 -8.11
N LEU A 69 1.04 -3.65 -9.15
CA LEU A 69 0.69 -2.43 -9.89
C LEU A 69 0.86 -2.71 -11.40
N ALA A 70 -0.13 -2.29 -12.17
CA ALA A 70 -0.12 -2.45 -13.63
C ALA A 70 0.60 -1.23 -14.26
N PRO A 71 1.61 -1.44 -15.17
CA PRO A 71 2.27 -0.32 -15.91
C PRO A 71 1.26 0.47 -16.78
N GLY A 72 0.63 1.49 -16.18
CA GLY A 72 -0.48 2.23 -16.78
C GLY A 72 -1.49 2.63 -15.72
N GLU A 73 -1.68 1.72 -14.75
CA GLU A 73 -2.51 1.95 -13.56
C GLU A 73 -1.84 2.94 -12.60
N ASP A 74 -2.66 3.72 -11.90
CA ASP A 74 -2.22 4.75 -10.96
C ASP A 74 -1.96 4.17 -9.57
N THR A 75 -2.89 3.33 -9.10
CA THR A 75 -2.96 2.95 -7.69
C THR A 75 -2.56 1.47 -7.50
N PHE A 76 -1.66 1.24 -6.52
CA PHE A 76 -1.11 -0.08 -6.22
C PHE A 76 -2.17 -0.89 -5.46
N LYS A 77 -2.66 -1.98 -6.07
CA LYS A 77 -3.69 -2.82 -5.43
C LYS A 77 -3.01 -3.80 -4.46
N ALA A 78 -2.99 -3.40 -3.18
CA ALA A 78 -2.37 -4.18 -2.10
C ALA A 78 -3.34 -5.25 -1.60
N ARG A 79 -2.98 -6.53 -1.86
CA ARG A 79 -3.64 -7.71 -1.29
C ARG A 79 -3.53 -7.70 0.25
N THR A 80 -2.35 -7.31 0.75
CA THR A 80 -1.97 -7.47 2.16
C THR A 80 -1.32 -6.17 2.69
N LEU A 81 -1.51 -5.90 3.98
CA LEU A 81 -0.95 -4.74 4.68
C LEU A 81 -0.40 -5.18 6.04
N MET A 82 0.76 -4.62 6.43
CA MET A 82 1.41 -4.92 7.72
C MET A 82 2.25 -3.71 8.15
N THR A 83 1.84 -3.02 9.23
CA THR A 83 2.59 -1.93 9.82
C THR A 83 3.81 -2.51 10.56
N LYS A 84 5.02 -2.04 10.20
CA LYS A 84 6.27 -2.55 10.79
C LYS A 84 6.51 -1.85 12.14
N CYS A 85 6.09 -0.57 12.20
CA CYS A 85 6.04 0.22 13.43
C CYS A 85 4.58 0.20 13.95
N PRO A 86 4.18 -0.75 14.84
CA PRO A 86 2.77 -0.86 15.30
C PRO A 86 2.39 0.31 16.23
N LEU A 87 1.15 0.81 16.08
CA LEU A 87 0.55 1.77 17.02
C LEU A 87 0.34 1.01 18.36
N GLU A 88 1.37 1.08 19.23
CA GLU A 88 1.44 0.37 20.52
C GLU A 88 1.45 -1.17 20.27
N MET A 1 7.71 -10.42 -28.81
CA MET A 1 6.67 -10.24 -27.77
C MET A 1 7.03 -11.06 -26.53
N ALA A 2 7.92 -10.49 -25.69
CA ALA A 2 8.31 -11.08 -24.40
C ALA A 2 7.34 -10.60 -23.32
N THR A 3 6.40 -11.49 -22.94
CA THR A 3 5.34 -11.17 -21.96
C THR A 3 5.56 -11.94 -20.65
N PRO A 4 6.18 -11.29 -19.60
CA PRO A 4 6.26 -11.85 -18.23
C PRO A 4 4.94 -11.60 -17.46
N GLN A 5 3.82 -12.04 -18.05
CA GLN A 5 2.46 -11.75 -17.56
C GLN A 5 2.03 -12.81 -16.52
N ASP A 6 2.16 -12.45 -15.24
CA ASP A 6 1.70 -13.25 -14.09
C ASP A 6 1.69 -12.38 -12.83
N LYS A 7 1.11 -12.91 -11.75
CA LYS A 7 1.15 -12.28 -10.42
C LYS A 7 1.65 -13.31 -9.38
N LEU A 8 2.31 -14.38 -9.89
CA LEU A 8 3.00 -15.39 -9.05
C LEU A 8 4.21 -14.72 -8.38
N HIS A 9 4.93 -13.88 -9.15
CA HIS A 9 5.92 -12.94 -8.61
C HIS A 9 5.15 -11.73 -8.05
N THR A 10 4.67 -11.87 -6.81
CA THR A 10 3.89 -10.85 -6.11
C THR A 10 4.74 -9.60 -5.88
N VAL A 11 4.11 -8.41 -5.96
CA VAL A 11 4.81 -7.14 -5.83
C VAL A 11 4.64 -6.66 -4.39
N ARG A 12 5.73 -6.63 -3.63
CA ARG A 12 5.76 -6.11 -2.25
C ARG A 12 6.44 -4.73 -2.26
N LEU A 13 5.66 -3.70 -1.88
CA LEU A 13 6.10 -2.29 -1.85
C LEU A 13 6.28 -1.89 -0.37
N PHE A 14 7.30 -1.07 -0.07
CA PHE A 14 7.58 -0.55 1.28
C PHE A 14 7.49 0.98 1.25
N GLY A 15 7.06 1.59 2.35
CA GLY A 15 7.05 3.05 2.47
C GLY A 15 6.36 3.51 3.74
N THR A 16 6.14 4.82 3.83
CA THR A 16 5.51 5.48 4.98
C THR A 16 4.18 6.11 4.54
N VAL A 17 3.16 6.02 5.41
CA VAL A 17 1.80 6.54 5.13
C VAL A 17 1.79 8.07 5.30
N ALA A 18 1.31 8.79 4.27
CA ALA A 18 1.15 10.26 4.30
C ALA A 18 -0.17 10.65 4.99
N ALA A 19 -0.16 11.85 5.61
CA ALA A 19 -1.39 12.49 6.12
C ALA A 19 -2.14 13.17 4.98
N ASP A 20 -1.36 13.64 4.00
CA ASP A 20 -1.86 14.36 2.83
C ASP A 20 -2.22 13.33 1.75
N GLY A 21 -3.52 13.01 1.63
CA GLY A 21 -4.00 12.02 0.68
C GLY A 21 -4.25 10.67 1.34
N LEU A 22 -5.30 10.63 2.16
CA LEU A 22 -5.71 9.41 2.89
C LEU A 22 -7.25 9.41 2.96
N THR A 23 -7.86 8.57 2.13
CA THR A 23 -9.32 8.41 2.00
C THR A 23 -9.70 6.94 2.22
N MET A 24 -10.51 6.64 3.24
CA MET A 24 -10.89 5.26 3.59
C MET A 24 -12.17 4.89 2.82
N LEU A 25 -12.26 3.63 2.36
CA LEU A 25 -13.35 3.17 1.48
C LEU A 25 -14.70 3.18 2.24
N ASP A 26 -15.68 3.92 1.70
CA ASP A 26 -17.00 4.13 2.33
C ASP A 26 -17.91 2.92 2.06
N GLY A 27 -18.40 2.29 3.14
CA GLY A 27 -19.26 1.10 3.04
C GLY A 27 -18.52 -0.12 2.47
N ALA A 28 -17.18 -0.13 2.61
CA ALA A 28 -16.30 -1.19 2.09
C ALA A 28 -15.04 -1.29 2.97
N PRO A 29 -14.48 -2.52 3.20
CA PRO A 29 -13.24 -2.70 3.96
C PRO A 29 -12.02 -2.28 3.11
N GLY A 30 -11.30 -1.24 3.58
CA GLY A 30 -10.05 -0.82 2.96
C GLY A 30 -9.76 0.67 3.14
N VAL A 31 -8.68 1.11 2.50
CA VAL A 31 -8.21 2.49 2.53
C VAL A 31 -7.34 2.78 1.30
N ARG A 32 -7.62 3.91 0.64
CA ARG A 32 -6.74 4.50 -0.36
C ARG A 32 -5.85 5.53 0.34
N PHE A 33 -4.54 5.47 0.09
CA PHE A 33 -3.55 6.36 0.75
C PHE A 33 -2.37 6.64 -0.17
N ARG A 34 -1.66 7.73 0.14
CA ARG A 34 -0.48 8.18 -0.60
C ARG A 34 0.77 7.64 0.11
N LEU A 35 1.47 6.72 -0.55
CA LEU A 35 2.64 6.04 0.01
C LEU A 35 3.93 6.78 -0.40
N GLU A 36 4.65 7.29 0.61
CA GLU A 36 5.93 8.00 0.44
C GLU A 36 7.09 7.06 0.84
N ASP A 37 7.86 6.59 -0.16
CA ASP A 37 9.11 5.86 0.08
C ASP A 37 10.11 6.82 0.76
N LYS A 38 10.36 6.63 2.07
CA LYS A 38 11.09 7.60 2.94
C LYS A 38 12.43 8.13 2.35
N ASP A 39 13.11 7.32 1.52
CA ASP A 39 14.35 7.72 0.80
C ASP A 39 13.97 8.27 -0.59
N ASN A 40 13.12 7.51 -1.31
CA ASN A 40 12.74 7.80 -2.72
C ASN A 40 11.33 8.44 -2.75
N THR A 41 11.17 9.48 -1.91
CA THR A 41 9.86 10.09 -1.64
C THR A 41 9.40 11.01 -2.79
N SER A 42 10.30 11.23 -3.77
CA SER A 42 9.97 11.91 -5.04
C SER A 42 8.93 11.09 -5.84
N LYS A 43 8.99 9.75 -5.67
CA LYS A 43 8.02 8.81 -6.27
C LYS A 43 6.96 8.44 -5.22
N THR A 44 5.95 9.31 -5.07
CA THR A 44 4.78 9.04 -4.21
C THR A 44 3.74 8.26 -5.02
N VAL A 45 3.53 6.98 -4.65
CA VAL A 45 2.61 6.07 -5.35
C VAL A 45 1.31 5.96 -4.54
N TRP A 46 0.17 6.00 -5.23
CA TRP A 46 -1.15 5.82 -4.59
C TRP A 46 -1.41 4.32 -4.44
N VAL A 47 -2.08 3.93 -3.34
CA VAL A 47 -2.33 2.54 -3.01
C VAL A 47 -3.80 2.37 -2.64
N LEU A 48 -4.48 1.49 -3.37
CA LEU A 48 -5.83 1.04 -3.06
C LEU A 48 -5.71 -0.27 -2.29
N TYR A 49 -5.71 -0.16 -0.96
CA TYR A 49 -5.77 -1.32 -0.07
C TYR A 49 -7.24 -1.72 0.09
N LYS A 50 -7.58 -2.95 -0.33
CA LYS A 50 -8.89 -3.56 -0.08
C LYS A 50 -8.73 -4.69 0.95
N GLY A 51 -9.28 -4.46 2.15
CA GLY A 51 -9.22 -5.40 3.27
C GLY A 51 -9.45 -4.72 4.61
N ALA A 52 -9.53 -5.51 5.69
CA ALA A 52 -9.72 -4.98 7.05
C ALA A 52 -8.48 -4.18 7.49
N VAL A 53 -8.66 -2.86 7.70
CA VAL A 53 -7.57 -1.95 8.07
C VAL A 53 -7.29 -2.05 9.58
N PRO A 54 -6.08 -2.56 10.00
CA PRO A 54 -5.67 -2.57 11.43
C PRO A 54 -5.44 -1.14 11.96
N ASP A 55 -5.64 -0.96 13.28
CA ASP A 55 -5.54 0.33 13.99
C ASP A 55 -4.10 0.89 13.97
N THR A 56 -3.12 0.01 13.67
CA THR A 56 -1.68 0.36 13.61
C THR A 56 -1.37 1.26 12.38
N PHE A 57 -2.23 1.17 11.35
CA PHE A 57 -2.16 2.01 10.14
C PHE A 57 -2.51 3.46 10.52
N LYS A 58 -1.57 4.38 10.26
CA LYS A 58 -1.75 5.82 10.50
C LYS A 58 -0.66 6.63 9.78
N PRO A 59 -0.90 7.95 9.48
CA PRO A 59 0.16 8.84 8.94
C PRO A 59 1.38 8.92 9.88
N GLY A 60 2.55 8.46 9.39
CA GLY A 60 3.79 8.46 10.17
C GLY A 60 4.38 7.07 10.38
N VAL A 61 3.57 6.01 10.18
CA VAL A 61 4.05 4.61 10.31
C VAL A 61 4.45 4.07 8.93
N GLU A 62 5.47 3.17 8.90
CA GLU A 62 5.85 2.45 7.68
C GLU A 62 5.00 1.20 7.55
N VAL A 63 4.43 1.02 6.36
CA VAL A 63 3.65 -0.17 6.00
C VAL A 63 4.39 -1.02 4.95
N ILE A 64 4.07 -2.30 4.96
CA ILE A 64 4.55 -3.31 4.03
C ILE A 64 3.31 -3.92 3.39
N ILE A 65 3.20 -3.83 2.06
CA ILE A 65 1.98 -4.20 1.33
C ILE A 65 2.33 -5.11 0.14
N GLU A 66 1.62 -6.25 0.03
CA GLU A 66 1.77 -7.17 -1.10
C GLU A 66 0.54 -7.06 -2.00
N GLY A 67 0.74 -7.33 -3.29
CA GLY A 67 -0.33 -7.36 -4.27
C GLY A 67 0.23 -7.26 -5.66
N GLY A 68 -0.17 -6.21 -6.39
CA GLY A 68 0.38 -5.93 -7.71
C GLY A 68 0.37 -4.44 -8.03
N LEU A 69 1.14 -4.07 -9.05
CA LEU A 69 1.12 -2.73 -9.63
C LEU A 69 1.00 -2.87 -11.16
N ALA A 70 -0.10 -2.33 -11.70
CA ALA A 70 -0.37 -2.35 -13.15
C ALA A 70 0.37 -1.18 -13.83
N PRO A 71 1.07 -1.41 -14.98
CA PRO A 71 1.85 -0.34 -15.67
C PRO A 71 0.96 0.77 -16.28
N GLY A 72 -0.30 0.40 -16.57
CA GLY A 72 -1.31 1.33 -17.08
C GLY A 72 -1.88 2.22 -15.96
N GLU A 73 -1.70 1.80 -14.70
CA GLU A 73 -2.18 2.52 -13.50
C GLU A 73 -1.01 3.14 -12.72
N ASP A 74 -1.32 4.18 -11.95
CA ASP A 74 -0.39 4.80 -10.98
C ASP A 74 -0.83 4.47 -9.55
N THR A 75 -1.55 3.34 -9.40
CA THR A 75 -2.11 2.90 -8.12
C THR A 75 -1.82 1.39 -7.91
N PHE A 76 -1.12 1.11 -6.81
CA PHE A 76 -0.81 -0.26 -6.35
C PHE A 76 -2.05 -0.83 -5.64
N LYS A 77 -2.48 -2.06 -5.97
CA LYS A 77 -3.59 -2.73 -5.26
C LYS A 77 -3.01 -3.70 -4.22
N ALA A 78 -3.30 -3.43 -2.93
CA ALA A 78 -2.80 -4.23 -1.79
C ALA A 78 -3.95 -5.00 -1.16
N ARG A 79 -3.76 -6.33 -0.98
CA ARG A 79 -4.75 -7.18 -0.28
C ARG A 79 -4.31 -7.41 1.18
N THR A 80 -3.07 -6.97 1.51
CA THR A 80 -2.44 -7.14 2.83
C THR A 80 -1.78 -5.82 3.26
N LEU A 81 -1.69 -5.61 4.59
CA LEU A 81 -1.19 -4.37 5.20
C LEU A 81 -0.55 -4.71 6.55
N MET A 82 0.78 -4.59 6.62
CA MET A 82 1.58 -4.97 7.81
C MET A 82 2.62 -3.89 8.10
N THR A 83 2.48 -3.20 9.25
CA THR A 83 3.40 -2.12 9.64
C THR A 83 4.71 -2.72 10.20
N LYS A 84 5.82 -1.97 10.04
CA LYS A 84 7.14 -2.36 10.60
C LYS A 84 7.15 -2.11 12.12
N CYS A 85 6.55 -0.98 12.52
CA CYS A 85 6.31 -0.63 13.93
C CYS A 85 4.84 -0.92 14.28
N PRO A 86 4.55 -1.96 15.15
CA PRO A 86 3.19 -2.20 15.66
C PRO A 86 2.73 -1.05 16.59
N LEU A 87 1.40 -0.84 16.68
CA LEU A 87 0.82 0.22 17.53
C LEU A 87 1.16 -0.03 19.01
N GLU A 88 1.61 1.03 19.70
CA GLU A 88 2.10 0.97 21.09
C GLU A 88 1.43 2.06 21.95
N MET A 1 7.20 -23.00 -24.32
CA MET A 1 8.21 -22.11 -23.71
C MET A 1 7.77 -20.64 -23.87
N ALA A 2 7.11 -20.12 -22.82
CA ALA A 2 6.59 -18.74 -22.77
C ALA A 2 6.33 -18.34 -21.30
N THR A 3 7.10 -18.97 -20.38
CA THR A 3 6.91 -18.95 -18.92
C THR A 3 5.50 -19.48 -18.50
N PRO A 4 5.41 -20.54 -17.62
CA PRO A 4 4.11 -21.05 -17.11
C PRO A 4 3.25 -19.94 -16.46
N GLN A 5 1.91 -20.12 -16.50
CA GLN A 5 0.95 -19.12 -16.00
C GLN A 5 1.22 -18.79 -14.52
N ASP A 6 1.30 -17.49 -14.22
CA ASP A 6 1.76 -16.97 -12.92
C ASP A 6 0.95 -17.55 -11.74
N LYS A 7 1.68 -17.88 -10.67
CA LYS A 7 1.10 -18.50 -9.46
C LYS A 7 0.57 -17.40 -8.54
N LEU A 8 1.48 -16.55 -8.06
CA LEU A 8 1.15 -15.40 -7.20
C LEU A 8 1.56 -14.11 -7.94
N HIS A 9 2.84 -14.06 -8.41
CA HIS A 9 3.42 -12.93 -9.19
C HIS A 9 3.35 -11.61 -8.39
N THR A 10 3.20 -11.75 -7.08
CA THR A 10 2.93 -10.64 -6.17
C THR A 10 4.19 -9.80 -5.92
N VAL A 11 4.00 -8.47 -5.91
CA VAL A 11 5.07 -7.50 -5.64
C VAL A 11 4.87 -6.93 -4.23
N ARG A 12 5.95 -6.89 -3.45
CA ARG A 12 5.93 -6.32 -2.09
C ARG A 12 6.90 -5.13 -2.03
N LEU A 13 6.39 -3.99 -1.55
CA LEU A 13 7.16 -2.74 -1.41
C LEU A 13 7.05 -2.23 0.03
N PHE A 14 7.85 -1.20 0.31
CA PHE A 14 7.96 -0.61 1.65
C PHE A 14 7.92 0.92 1.52
N GLY A 15 7.36 1.58 2.54
CA GLY A 15 7.31 3.04 2.62
C GLY A 15 6.62 3.49 3.88
N THR A 16 6.34 4.79 3.98
CA THR A 16 5.65 5.37 5.15
C THR A 16 4.35 6.05 4.71
N VAL A 17 3.32 5.97 5.54
CA VAL A 17 1.99 6.54 5.25
C VAL A 17 2.03 8.07 5.36
N ALA A 18 1.81 8.76 4.24
CA ALA A 18 1.69 10.22 4.22
C ALA A 18 0.28 10.63 4.68
N ALA A 19 0.20 11.80 5.33
CA ALA A 19 -1.05 12.38 5.82
C ALA A 19 -1.87 12.98 4.67
N ASP A 20 -1.28 12.98 3.47
CA ASP A 20 -1.89 13.46 2.24
C ASP A 20 -2.62 12.31 1.54
N GLY A 21 -3.89 12.55 1.17
CA GLY A 21 -4.65 11.64 0.30
C GLY A 21 -5.09 10.34 1.00
N LEU A 22 -5.03 10.34 2.34
CA LEU A 22 -5.44 9.20 3.16
C LEU A 22 -6.99 9.19 3.21
N THR A 23 -7.59 8.50 2.25
CA THR A 23 -9.03 8.33 2.11
C THR A 23 -9.40 6.86 2.38
N MET A 24 -10.32 6.64 3.33
CA MET A 24 -10.83 5.30 3.67
C MET A 24 -11.89 4.94 2.63
N LEU A 25 -11.91 3.67 2.16
CA LEU A 25 -12.87 3.24 1.11
C LEU A 25 -14.31 3.26 1.65
N ASP A 26 -15.24 3.84 0.86
CA ASP A 26 -16.65 4.02 1.25
C ASP A 26 -17.45 2.77 0.90
N GLY A 27 -18.02 2.10 1.91
CA GLY A 27 -18.84 0.90 1.71
C GLY A 27 -17.98 -0.37 1.62
N ALA A 28 -17.06 -0.38 0.65
CA ALA A 28 -16.08 -1.47 0.49
C ALA A 28 -14.98 -1.35 1.59
N PRO A 29 -14.52 -2.49 2.19
CA PRO A 29 -13.43 -2.45 3.19
C PRO A 29 -12.05 -2.16 2.53
N GLY A 30 -11.27 -1.28 3.17
CA GLY A 30 -9.93 -0.94 2.70
C GLY A 30 -9.59 0.54 2.91
N VAL A 31 -8.47 0.98 2.31
CA VAL A 31 -8.00 2.37 2.43
C VAL A 31 -7.04 2.71 1.28
N ARG A 32 -7.26 3.85 0.63
CA ARG A 32 -6.32 4.41 -0.34
C ARG A 32 -5.55 5.57 0.33
N PHE A 33 -4.24 5.65 0.09
CA PHE A 33 -3.35 6.66 0.70
C PHE A 33 -2.10 6.86 -0.13
N ARG A 34 -1.34 7.91 0.17
CA ARG A 34 -0.07 8.22 -0.50
C ARG A 34 1.07 7.60 0.29
N LEU A 35 1.88 6.77 -0.38
CA LEU A 35 3.01 6.07 0.22
C LEU A 35 4.31 6.73 -0.21
N GLU A 36 5.13 7.13 0.76
CA GLU A 36 6.45 7.71 0.50
C GLU A 36 7.38 6.59 0.01
N ASP A 37 7.53 6.50 -1.34
CA ASP A 37 8.26 5.42 -2.00
C ASP A 37 9.73 5.37 -1.56
N LYS A 38 10.18 4.16 -1.19
CA LYS A 38 11.52 3.92 -0.62
C LYS A 38 12.62 4.19 -1.64
N ASP A 39 12.31 3.94 -2.93
CA ASP A 39 13.25 4.16 -4.05
C ASP A 39 13.32 5.65 -4.39
N ASN A 40 12.15 6.26 -4.57
CA ASN A 40 12.01 7.65 -5.00
C ASN A 40 11.06 8.38 -4.04
N THR A 41 11.63 9.01 -2.99
CA THR A 41 10.87 9.78 -1.98
C THR A 41 10.48 11.18 -2.54
N SER A 42 10.84 11.43 -3.81
CA SER A 42 10.32 12.57 -4.61
C SER A 42 9.01 12.18 -5.34
N LYS A 43 8.39 11.08 -4.87
CA LYS A 43 7.15 10.52 -5.43
C LYS A 43 6.42 9.75 -4.34
N THR A 44 5.10 9.88 -4.31
CA THR A 44 4.21 9.10 -3.45
C THR A 44 3.28 8.25 -4.33
N VAL A 45 3.25 6.95 -4.05
CA VAL A 45 2.45 5.97 -4.82
C VAL A 45 1.17 5.67 -4.05
N TRP A 46 0.03 5.66 -4.75
CA TRP A 46 -1.27 5.39 -4.13
C TRP A 46 -1.38 3.90 -3.82
N VAL A 47 -1.69 3.58 -2.58
CA VAL A 47 -1.87 2.20 -2.13
C VAL A 47 -3.35 1.94 -1.90
N LEU A 48 -3.97 1.19 -2.82
CA LEU A 48 -5.38 0.83 -2.73
C LEU A 48 -5.49 -0.51 -1.99
N TYR A 49 -5.65 -0.41 -0.67
CA TYR A 49 -5.80 -1.56 0.22
C TYR A 49 -7.26 -2.02 0.22
N LYS A 50 -7.46 -3.33 0.43
CA LYS A 50 -8.76 -4.01 0.40
C LYS A 50 -8.83 -5.00 1.58
N GLY A 51 -9.84 -4.83 2.44
CA GLY A 51 -10.06 -5.69 3.60
C GLY A 51 -10.05 -4.91 4.89
N ALA A 52 -10.02 -5.65 6.02
CA ALA A 52 -9.98 -5.06 7.37
C ALA A 52 -8.65 -4.30 7.58
N VAL A 53 -8.76 -2.98 7.78
CA VAL A 53 -7.60 -2.07 7.89
C VAL A 53 -6.99 -2.16 9.29
N PRO A 54 -5.64 -2.40 9.42
CA PRO A 54 -4.97 -2.44 10.73
C PRO A 54 -5.16 -1.09 11.48
N ASP A 55 -5.53 -1.15 12.77
CA ASP A 55 -5.73 0.04 13.63
C ASP A 55 -4.40 0.80 13.83
N THR A 56 -3.28 0.04 13.73
CA THR A 56 -1.92 0.57 13.89
C THR A 56 -1.49 1.41 12.66
N PHE A 57 -2.26 1.31 11.57
CA PHE A 57 -2.13 2.16 10.38
C PHE A 57 -2.45 3.62 10.76
N LYS A 58 -1.48 4.50 10.55
CA LYS A 58 -1.55 5.92 10.95
C LYS A 58 -0.62 6.74 10.05
N PRO A 59 -0.87 8.09 9.88
CA PRO A 59 0.05 8.96 9.13
C PRO A 59 1.39 9.10 9.87
N GLY A 60 2.41 8.34 9.43
CA GLY A 60 3.73 8.36 10.06
C GLY A 60 4.26 6.98 10.43
N VAL A 61 3.48 5.91 10.19
CA VAL A 61 3.99 4.53 10.40
C VAL A 61 4.53 3.96 9.07
N GLU A 62 5.64 3.21 9.16
CA GLU A 62 6.18 2.44 8.05
C GLU A 62 5.29 1.21 7.82
N VAL A 63 4.67 1.15 6.63
CA VAL A 63 3.84 0.02 6.23
C VAL A 63 4.51 -0.80 5.12
N ILE A 64 4.19 -2.11 5.13
CA ILE A 64 4.61 -3.05 4.12
C ILE A 64 3.39 -3.35 3.24
N ILE A 65 3.43 -2.92 1.98
CA ILE A 65 2.33 -3.12 1.03
C ILE A 65 2.67 -4.33 0.15
N GLU A 66 1.67 -5.16 -0.16
CA GLU A 66 1.86 -6.37 -0.95
C GLU A 66 0.65 -6.57 -1.86
N GLY A 67 0.89 -6.86 -3.15
CA GLY A 67 -0.15 -7.01 -4.16
C GLY A 67 0.44 -6.91 -5.55
N GLY A 68 0.27 -5.74 -6.21
CA GLY A 68 0.96 -5.47 -7.48
C GLY A 68 0.40 -4.24 -8.18
N LEU A 69 1.27 -3.51 -8.89
CA LEU A 69 0.88 -2.35 -9.73
C LEU A 69 0.91 -2.77 -11.21
N ALA A 70 0.04 -2.14 -12.02
CA ALA A 70 -0.08 -2.41 -13.47
C ALA A 70 0.30 -1.14 -14.29
N PRO A 71 0.83 -1.31 -15.56
CA PRO A 71 1.22 -0.18 -16.44
C PRO A 71 0.07 0.84 -16.67
N GLY A 72 -1.15 0.32 -16.90
CA GLY A 72 -2.34 1.17 -17.14
C GLY A 72 -3.12 1.45 -15.86
N GLU A 73 -2.42 1.48 -14.71
CA GLU A 73 -3.02 1.60 -13.39
C GLU A 73 -2.32 2.69 -12.57
N ASP A 74 -3.11 3.62 -12.00
CA ASP A 74 -2.60 4.78 -11.24
C ASP A 74 -2.50 4.50 -9.73
N THR A 75 -2.95 3.32 -9.27
CA THR A 75 -2.84 2.93 -7.84
C THR A 75 -2.30 1.49 -7.70
N PHE A 76 -1.41 1.27 -6.73
CA PHE A 76 -0.88 -0.06 -6.40
C PHE A 76 -1.99 -0.86 -5.70
N LYS A 77 -2.37 -1.99 -6.31
CA LYS A 77 -3.37 -2.90 -5.76
C LYS A 77 -2.75 -3.60 -4.54
N ALA A 78 -3.03 -3.08 -3.33
CA ALA A 78 -2.58 -3.70 -2.08
C ALA A 78 -3.59 -4.77 -1.64
N ARG A 79 -3.22 -6.02 -1.90
CA ARG A 79 -3.91 -7.19 -1.34
C ARG A 79 -3.79 -7.18 0.19
N THR A 80 -2.59 -6.85 0.66
CA THR A 80 -2.20 -7.01 2.06
C THR A 80 -1.47 -5.73 2.53
N LEU A 81 -1.71 -5.35 3.80
CA LEU A 81 -1.08 -4.18 4.44
C LEU A 81 -0.64 -4.57 5.85
N MET A 82 0.65 -4.35 6.13
CA MET A 82 1.24 -4.62 7.46
C MET A 82 1.83 -3.30 7.98
N THR A 83 1.89 -3.15 9.29
CA THR A 83 2.65 -2.05 9.94
C THR A 83 3.89 -2.68 10.63
N LYS A 84 5.01 -1.94 10.64
CA LYS A 84 6.25 -2.41 11.28
C LYS A 84 6.24 -2.05 12.77
N CYS A 85 5.64 -0.88 13.11
CA CYS A 85 5.61 -0.35 14.47
C CYS A 85 4.14 -0.15 14.93
N PRO A 86 3.75 -0.68 16.14
CA PRO A 86 2.34 -0.61 16.64
C PRO A 86 1.98 0.73 17.32
N LEU A 87 0.80 0.78 17.97
CA LEU A 87 0.30 1.98 18.68
C LEU A 87 0.72 1.97 20.16
N GLU A 88 1.75 2.76 20.50
CA GLU A 88 2.24 2.93 21.88
C GLU A 88 3.09 4.23 21.99
N MET A 1 11.57 -28.12 -1.52
CA MET A 1 10.89 -28.16 -2.83
C MET A 1 11.95 -28.07 -3.94
N ALA A 2 12.01 -29.11 -4.81
CA ALA A 2 12.96 -29.16 -5.94
C ALA A 2 12.48 -28.17 -7.03
N THR A 3 11.23 -28.36 -7.47
CA THR A 3 10.56 -27.46 -8.42
C THR A 3 10.21 -26.13 -7.71
N PRO A 4 10.77 -24.95 -8.18
CA PRO A 4 10.44 -23.62 -7.60
C PRO A 4 8.93 -23.31 -7.71
N GLN A 5 8.30 -23.06 -6.56
CA GLN A 5 6.89 -22.69 -6.47
C GLN A 5 6.77 -21.15 -6.54
N ASP A 6 6.37 -20.67 -7.71
CA ASP A 6 6.33 -19.23 -8.04
C ASP A 6 5.02 -18.56 -7.57
N LYS A 7 4.45 -19.05 -6.45
CA LYS A 7 3.26 -18.47 -5.80
C LYS A 7 3.63 -17.16 -5.07
N LEU A 8 4.94 -16.96 -4.84
CA LEU A 8 5.50 -15.73 -4.28
C LEU A 8 5.73 -14.67 -5.39
N HIS A 9 5.18 -14.91 -6.61
CA HIS A 9 5.13 -13.90 -7.68
C HIS A 9 4.09 -12.82 -7.32
N THR A 10 4.52 -11.89 -6.48
CA THR A 10 3.76 -10.70 -6.06
C THR A 10 4.70 -9.50 -6.03
N VAL A 11 4.13 -8.29 -6.09
CA VAL A 11 4.88 -7.04 -5.98
C VAL A 11 4.70 -6.57 -4.54
N ARG A 12 5.81 -6.49 -3.80
CA ARG A 12 5.80 -6.06 -2.39
C ARG A 12 6.59 -4.76 -2.27
N LEU A 13 5.89 -3.68 -1.86
CA LEU A 13 6.48 -2.36 -1.70
C LEU A 13 6.70 -2.07 -0.21
N PHE A 14 7.69 -1.23 0.03
CA PHE A 14 8.13 -0.80 1.36
C PHE A 14 8.14 0.73 1.35
N GLY A 15 7.37 1.35 2.26
CA GLY A 15 7.18 2.78 2.26
C GLY A 15 6.44 3.24 3.50
N THR A 16 6.19 4.55 3.59
CA THR A 16 5.54 5.16 4.75
C THR A 16 4.21 5.80 4.30
N VAL A 17 3.20 5.74 5.17
CA VAL A 17 1.86 6.26 4.90
C VAL A 17 1.81 7.78 5.11
N ALA A 18 1.44 8.52 4.05
CA ALA A 18 1.24 9.98 4.11
C ALA A 18 -0.08 10.31 4.82
N ALA A 19 -0.08 11.48 5.49
CA ALA A 19 -1.29 12.08 6.06
C ALA A 19 -2.08 12.80 4.94
N ASP A 20 -1.32 13.34 3.97
CA ASP A 20 -1.87 14.05 2.81
C ASP A 20 -2.18 13.03 1.71
N GLY A 21 -3.47 12.69 1.56
CA GLY A 21 -3.91 11.69 0.60
C GLY A 21 -4.25 10.36 1.26
N LEU A 22 -4.51 10.40 2.58
CA LEU A 22 -5.04 9.25 3.34
C LEU A 22 -6.57 9.41 3.39
N THR A 23 -7.29 8.46 2.80
CA THR A 23 -8.77 8.43 2.76
C THR A 23 -9.25 6.97 2.79
N MET A 24 -10.30 6.68 3.59
CA MET A 24 -10.84 5.32 3.73
C MET A 24 -11.79 5.02 2.54
N LEU A 25 -11.80 3.75 2.08
CA LEU A 25 -12.58 3.34 0.90
C LEU A 25 -14.09 3.31 1.17
N ASP A 26 -14.88 3.39 0.09
CA ASP A 26 -16.35 3.28 0.11
C ASP A 26 -16.76 2.02 -0.67
N GLY A 27 -17.95 1.48 -0.36
CA GLY A 27 -18.49 0.28 -1.02
C GLY A 27 -17.78 -1.02 -0.64
N ALA A 28 -16.73 -0.92 0.20
CA ALA A 28 -15.86 -2.03 0.60
C ALA A 28 -14.88 -1.53 1.68
N PRO A 29 -14.45 -2.40 2.65
CA PRO A 29 -13.45 -2.01 3.66
C PRO A 29 -12.06 -1.80 3.02
N GLY A 30 -11.28 -0.88 3.60
CA GLY A 30 -9.94 -0.59 3.13
C GLY A 30 -9.58 0.89 3.26
N VAL A 31 -8.44 1.25 2.70
CA VAL A 31 -7.90 2.61 2.74
C VAL A 31 -7.04 2.86 1.50
N ARG A 32 -7.30 3.97 0.81
CA ARG A 32 -6.42 4.49 -0.22
C ARG A 32 -5.51 5.54 0.42
N PHE A 33 -4.20 5.36 0.29
CA PHE A 33 -3.21 6.24 0.93
C PHE A 33 -2.04 6.46 -0.02
N ARG A 34 -1.34 7.58 0.18
CA ARG A 34 -0.20 7.96 -0.63
C ARG A 34 1.06 7.37 0.01
N LEU A 35 1.54 6.24 -0.54
CA LEU A 35 2.76 5.57 -0.08
C LEU A 35 3.99 6.39 -0.52
N GLU A 36 4.61 7.04 0.45
CA GLU A 36 5.86 7.76 0.25
C GLU A 36 7.02 6.75 0.34
N ASP A 37 7.55 6.38 -0.84
CA ASP A 37 8.57 5.34 -0.99
C ASP A 37 9.89 5.73 -0.30
N LYS A 38 10.61 4.72 0.20
CA LYS A 38 11.85 4.90 0.99
C LYS A 38 13.09 4.97 0.10
N ASP A 39 13.01 4.32 -1.08
CA ASP A 39 14.09 4.35 -2.08
C ASP A 39 14.12 5.72 -2.81
N ASN A 40 12.92 6.28 -3.00
CA ASN A 40 12.71 7.61 -3.61
C ASN A 40 11.55 8.31 -2.89
N THR A 41 11.86 9.35 -2.08
CA THR A 41 10.83 10.17 -1.40
C THR A 41 10.11 11.07 -2.42
N SER A 42 10.77 11.33 -3.57
CA SER A 42 10.20 12.06 -4.73
C SER A 42 9.12 11.21 -5.46
N LYS A 43 9.12 9.89 -5.20
CA LYS A 43 8.10 8.97 -5.73
C LYS A 43 7.08 8.64 -4.62
N THR A 44 5.99 9.43 -4.58
CA THR A 44 4.87 9.20 -3.68
C THR A 44 3.71 8.63 -4.50
N VAL A 45 3.51 7.31 -4.38
CA VAL A 45 2.57 6.53 -5.22
C VAL A 45 1.28 6.29 -4.43
N TRP A 46 0.14 6.21 -5.13
CA TRP A 46 -1.17 5.92 -4.49
C TRP A 46 -1.30 4.41 -4.32
N VAL A 47 -1.94 3.97 -3.24
CA VAL A 47 -2.12 2.55 -2.92
C VAL A 47 -3.58 2.27 -2.60
N LEU A 48 -4.17 1.38 -3.39
CA LEU A 48 -5.53 0.90 -3.20
C LEU A 48 -5.47 -0.39 -2.36
N TYR A 49 -5.57 -0.23 -1.03
CA TYR A 49 -5.65 -1.36 -0.09
C TYR A 49 -7.12 -1.64 0.19
N LYS A 50 -7.61 -2.83 -0.21
CA LYS A 50 -8.94 -3.32 0.15
C LYS A 50 -8.79 -4.42 1.21
N GLY A 51 -9.45 -4.22 2.36
CA GLY A 51 -9.43 -5.19 3.45
C GLY A 51 -9.46 -4.53 4.82
N ALA A 52 -9.09 -5.29 5.85
CA ALA A 52 -9.15 -4.83 7.25
C ALA A 52 -7.98 -3.87 7.56
N VAL A 53 -8.32 -2.60 7.80
CA VAL A 53 -7.34 -1.57 8.17
C VAL A 53 -7.04 -1.68 9.68
N PRO A 54 -5.76 -1.98 10.08
CA PRO A 54 -5.41 -2.20 11.50
C PRO A 54 -5.40 -0.87 12.30
N ASP A 55 -5.47 -1.01 13.63
CA ASP A 55 -5.43 0.13 14.58
C ASP A 55 -4.01 0.73 14.65
N THR A 56 -3.03 -0.10 14.30
CA THR A 56 -1.63 0.29 14.18
C THR A 56 -1.39 1.20 12.94
N PHE A 57 -2.31 1.12 11.97
CA PHE A 57 -2.31 2.01 10.80
C PHE A 57 -2.74 3.41 11.25
N LYS A 58 -1.86 4.39 11.00
CA LYS A 58 -2.03 5.79 11.39
C LYS A 58 -1.39 6.70 10.32
N PRO A 59 -1.77 8.02 10.22
CA PRO A 59 -1.08 8.99 9.34
C PRO A 59 0.40 9.20 9.75
N GLY A 60 1.31 8.47 9.06
CA GLY A 60 2.75 8.53 9.36
C GLY A 60 3.38 7.18 9.72
N VAL A 61 2.57 6.09 9.72
CA VAL A 61 3.08 4.74 10.07
C VAL A 61 3.91 4.14 8.92
N GLU A 62 4.99 3.43 9.30
CA GLU A 62 5.80 2.64 8.37
C GLU A 62 5.03 1.35 8.03
N VAL A 63 4.99 0.93 6.75
CA VAL A 63 4.20 -0.26 6.30
C VAL A 63 4.97 -1.11 5.26
N ILE A 64 4.50 -2.36 5.13
CA ILE A 64 4.93 -3.36 4.15
C ILE A 64 3.65 -3.84 3.46
N ILE A 65 3.46 -3.45 2.22
CA ILE A 65 2.25 -3.79 1.43
C ILE A 65 2.64 -4.75 0.31
N GLU A 66 1.73 -5.67 -0.04
CA GLU A 66 1.97 -6.67 -1.08
C GLU A 66 0.71 -6.86 -1.91
N GLY A 67 0.89 -7.08 -3.22
CA GLY A 67 -0.21 -7.23 -4.16
C GLY A 67 0.28 -7.18 -5.60
N GLY A 68 -0.24 -6.24 -6.41
CA GLY A 68 0.21 -6.06 -7.79
C GLY A 68 -0.13 -4.68 -8.33
N LEU A 69 0.81 -4.09 -9.09
CA LEU A 69 0.60 -2.81 -9.80
C LEU A 69 0.46 -3.09 -11.31
N ALA A 70 -0.58 -2.48 -11.92
CA ALA A 70 -0.82 -2.56 -13.36
C ALA A 70 0.02 -1.45 -14.06
N PRO A 71 0.76 -1.76 -15.19
CA PRO A 71 1.62 -0.78 -15.90
C PRO A 71 0.88 0.48 -16.40
N GLY A 72 -0.41 0.31 -16.73
CA GLY A 72 -1.26 1.40 -17.22
C GLY A 72 -1.98 2.16 -16.12
N GLU A 73 -1.77 1.74 -14.84
CA GLU A 73 -2.43 2.35 -13.66
C GLU A 73 -1.44 3.08 -12.75
N ASP A 74 -2.02 3.95 -11.91
CA ASP A 74 -1.31 4.78 -10.93
C ASP A 74 -1.22 4.06 -9.57
N THR A 75 -2.35 3.46 -9.15
CA THR A 75 -2.52 2.95 -7.78
C THR A 75 -2.07 1.46 -7.66
N PHE A 76 -1.23 1.19 -6.66
CA PHE A 76 -0.78 -0.17 -6.31
C PHE A 76 -1.90 -0.86 -5.50
N LYS A 77 -2.36 -2.03 -5.97
CA LYS A 77 -3.43 -2.77 -5.28
C LYS A 77 -2.80 -3.71 -4.25
N ALA A 78 -2.85 -3.29 -2.97
CA ALA A 78 -2.32 -4.07 -1.85
C ALA A 78 -3.37 -5.08 -1.37
N ARG A 79 -3.18 -6.37 -1.69
CA ARG A 79 -4.03 -7.47 -1.20
C ARG A 79 -3.79 -7.70 0.32
N THR A 80 -2.59 -7.29 0.79
CA THR A 80 -2.19 -7.38 2.20
C THR A 80 -1.48 -6.08 2.62
N LEU A 81 -1.56 -5.75 3.92
CA LEU A 81 -0.86 -4.61 4.53
C LEU A 81 -0.32 -5.05 5.89
N MET A 82 0.93 -4.68 6.19
CA MET A 82 1.64 -5.07 7.41
C MET A 82 2.37 -3.85 7.97
N THR A 83 1.84 -3.26 9.05
CA THR A 83 2.46 -2.10 9.69
C THR A 83 3.76 -2.54 10.39
N LYS A 84 4.87 -1.91 10.01
CA LYS A 84 6.21 -2.25 10.49
C LYS A 84 6.40 -1.70 11.92
N CYS A 85 5.74 -0.57 12.20
CA CYS A 85 5.68 0.04 13.54
C CYS A 85 4.54 -0.61 14.36
N PRO A 86 4.85 -1.40 15.43
CA PRO A 86 3.83 -1.99 16.32
C PRO A 86 3.35 -0.98 17.39
N LEU A 87 2.13 -0.44 17.18
CA LEU A 87 1.46 0.44 18.16
C LEU A 87 0.72 -0.41 19.19
N GLU A 88 0.70 0.07 20.44
CA GLU A 88 0.05 -0.63 21.56
C GLU A 88 -1.43 -0.17 21.61
N MET A 1 3.85 -19.56 4.64
CA MET A 1 4.76 -18.45 5.04
C MET A 1 6.01 -18.37 4.13
N ALA A 2 6.05 -19.20 3.06
CA ALA A 2 7.18 -19.21 2.10
C ALA A 2 6.63 -18.99 0.67
N THR A 3 7.03 -17.87 0.04
CA THR A 3 6.70 -17.56 -1.34
C THR A 3 7.62 -18.39 -2.29
N PRO A 4 7.04 -19.11 -3.33
CA PRO A 4 7.82 -19.92 -4.32
C PRO A 4 8.91 -19.11 -5.08
N GLN A 5 9.71 -19.85 -5.89
CA GLN A 5 10.83 -19.28 -6.67
C GLN A 5 10.30 -18.43 -7.86
N ASP A 6 9.81 -17.22 -7.54
CA ASP A 6 9.32 -16.22 -8.51
C ASP A 6 9.58 -14.86 -7.86
N LYS A 7 10.32 -13.98 -8.55
CA LYS A 7 10.68 -12.64 -8.05
C LYS A 7 9.41 -11.77 -7.87
N LEU A 8 8.56 -11.78 -8.90
CA LEU A 8 7.29 -11.06 -8.92
C LEU A 8 6.11 -12.05 -8.91
N HIS A 9 6.19 -13.06 -8.01
CA HIS A 9 5.01 -13.89 -7.62
C HIS A 9 3.97 -12.95 -7.02
N THR A 10 4.47 -12.16 -6.08
CA THR A 10 3.84 -10.97 -5.54
C THR A 10 4.83 -9.81 -5.68
N VAL A 11 4.29 -8.59 -5.82
CA VAL A 11 5.09 -7.36 -5.84
C VAL A 11 4.96 -6.74 -4.44
N ARG A 12 6.04 -6.77 -3.66
CA ARG A 12 6.04 -6.29 -2.27
C ARG A 12 6.85 -4.98 -2.18
N LEU A 13 6.16 -3.89 -1.86
CA LEU A 13 6.72 -2.52 -1.83
C LEU A 13 6.78 -2.06 -0.36
N PHE A 14 7.88 -1.41 0.03
CA PHE A 14 8.14 -0.97 1.42
C PHE A 14 8.12 0.57 1.43
N GLY A 15 7.63 1.20 2.52
CA GLY A 15 7.61 2.66 2.63
C GLY A 15 6.88 3.14 3.86
N THR A 16 6.45 4.42 3.85
CA THR A 16 5.69 5.05 4.94
C THR A 16 4.44 5.77 4.38
N VAL A 17 3.36 5.76 5.16
CA VAL A 17 2.07 6.33 4.79
C VAL A 17 2.07 7.86 4.98
N ALA A 18 1.87 8.59 3.87
CA ALA A 18 1.72 10.05 3.87
C ALA A 18 0.36 10.45 4.47
N ALA A 19 0.34 11.56 5.22
CA ALA A 19 -0.87 12.10 5.83
C ALA A 19 -1.73 12.82 4.78
N ASP A 20 -1.04 13.56 3.91
CA ASP A 20 -1.65 14.32 2.82
C ASP A 20 -1.95 13.35 1.67
N GLY A 21 -3.22 12.96 1.53
CA GLY A 21 -3.67 12.01 0.51
C GLY A 21 -3.95 10.62 1.08
N LEU A 22 -4.63 10.59 2.24
CA LEU A 22 -5.15 9.37 2.86
C LEU A 22 -6.68 9.50 2.91
N THR A 23 -7.38 8.50 2.34
CA THR A 23 -8.85 8.41 2.33
C THR A 23 -9.29 6.94 2.48
N MET A 24 -10.40 6.70 3.19
CA MET A 24 -10.99 5.36 3.33
C MET A 24 -11.82 5.03 2.07
N LEU A 25 -11.91 3.74 1.69
CA LEU A 25 -12.57 3.33 0.43
C LEU A 25 -14.09 3.61 0.45
N ASP A 26 -14.65 3.86 -0.75
CA ASP A 26 -16.07 4.20 -0.94
C ASP A 26 -16.91 2.90 -1.04
N GLY A 27 -17.64 2.59 0.06
CA GLY A 27 -18.52 1.40 0.13
C GLY A 27 -17.76 0.08 0.04
N ALA A 28 -16.54 0.06 0.60
CA ALA A 28 -15.64 -1.10 0.52
C ALA A 28 -14.72 -1.15 1.77
N PRO A 29 -14.34 -2.37 2.26
CA PRO A 29 -13.32 -2.52 3.32
C PRO A 29 -11.91 -2.20 2.77
N GLY A 30 -11.16 -1.34 3.46
CA GLY A 30 -9.80 -0.99 3.08
C GLY A 30 -9.52 0.50 3.20
N VAL A 31 -8.38 0.92 2.66
CA VAL A 31 -7.87 2.29 2.75
C VAL A 31 -7.00 2.62 1.52
N ARG A 32 -7.29 3.77 0.89
CA ARG A 32 -6.46 4.33 -0.17
C ARG A 32 -5.50 5.36 0.46
N PHE A 33 -4.21 5.26 0.18
CA PHE A 33 -3.20 6.17 0.75
C PHE A 33 -2.01 6.34 -0.19
N ARG A 34 -1.23 7.40 0.04
CA ARG A 34 -0.01 7.70 -0.72
C ARG A 34 1.19 7.13 0.05
N LEU A 35 1.98 6.29 -0.62
CA LEU A 35 3.16 5.65 -0.02
C LEU A 35 4.43 6.40 -0.44
N GLU A 36 5.10 6.97 0.56
CA GLU A 36 6.41 7.60 0.41
C GLU A 36 7.49 6.50 0.39
N ASP A 37 8.22 6.36 -0.73
CA ASP A 37 9.26 5.34 -0.88
C ASP A 37 10.47 5.70 0.01
N LYS A 38 11.11 4.67 0.62
CA LYS A 38 12.21 4.85 1.58
C LYS A 38 13.46 5.49 0.93
N ASP A 39 13.73 5.11 -0.32
CA ASP A 39 14.86 5.69 -1.09
C ASP A 39 14.42 6.99 -1.78
N ASN A 40 13.17 6.99 -2.30
CA ASN A 40 12.63 8.10 -3.11
C ASN A 40 11.45 8.79 -2.39
N THR A 41 11.77 9.81 -1.59
CA THR A 41 10.76 10.67 -0.93
C THR A 41 10.38 11.87 -1.85
N SER A 42 10.86 11.85 -3.12
CA SER A 42 10.53 12.87 -4.13
C SER A 42 9.30 12.46 -4.96
N LYS A 43 8.67 11.33 -4.58
CA LYS A 43 7.52 10.77 -5.31
C LYS A 43 6.75 9.81 -4.39
N THR A 44 5.42 9.95 -4.41
CA THR A 44 4.48 9.08 -3.69
C THR A 44 3.59 8.36 -4.73
N VAL A 45 3.42 7.05 -4.55
CA VAL A 45 2.50 6.23 -5.38
C VAL A 45 1.22 6.02 -4.57
N TRP A 46 0.04 6.05 -5.22
CA TRP A 46 -1.23 5.74 -4.54
C TRP A 46 -1.26 4.25 -4.23
N VAL A 47 -2.00 3.84 -3.20
CA VAL A 47 -2.09 2.42 -2.78
C VAL A 47 -3.55 2.09 -2.46
N LEU A 48 -4.10 1.15 -3.21
CA LEU A 48 -5.42 0.59 -3.00
C LEU A 48 -5.29 -0.66 -2.11
N TYR A 49 -5.40 -0.49 -0.81
CA TYR A 49 -5.52 -1.63 0.11
C TYR A 49 -7.00 -1.96 0.29
N LYS A 50 -7.39 -3.19 0.00
CA LYS A 50 -8.71 -3.73 0.38
C LYS A 50 -8.55 -4.75 1.51
N GLY A 51 -9.35 -4.57 2.58
CA GLY A 51 -9.34 -5.49 3.73
C GLY A 51 -9.50 -4.74 5.05
N ALA A 52 -9.22 -5.45 6.16
CA ALA A 52 -9.29 -4.89 7.52
C ALA A 52 -8.14 -3.89 7.75
N VAL A 53 -8.51 -2.64 8.03
CA VAL A 53 -7.57 -1.55 8.34
C VAL A 53 -7.23 -1.57 9.83
N PRO A 54 -5.94 -1.83 10.23
CA PRO A 54 -5.52 -1.92 11.65
C PRO A 54 -5.71 -0.60 12.45
N ASP A 55 -5.80 -0.73 13.78
CA ASP A 55 -5.76 0.41 14.74
C ASP A 55 -4.37 1.05 14.75
N THR A 56 -3.36 0.23 14.45
CA THR A 56 -1.95 0.66 14.40
C THR A 56 -1.63 1.37 13.05
N PHE A 57 -2.52 1.21 12.06
CA PHE A 57 -2.43 1.97 10.80
C PHE A 57 -2.95 3.39 11.03
N LYS A 58 -2.05 4.36 10.92
CA LYS A 58 -2.34 5.79 11.05
C LYS A 58 -1.42 6.59 10.10
N PRO A 59 -1.81 7.83 9.64
CA PRO A 59 -0.95 8.68 8.79
C PRO A 59 0.43 8.96 9.43
N GLY A 60 1.47 8.24 8.94
CA GLY A 60 2.83 8.32 9.50
C GLY A 60 3.44 6.94 9.79
N VAL A 61 2.63 5.86 9.70
CA VAL A 61 3.13 4.49 9.96
C VAL A 61 3.90 3.95 8.75
N GLU A 62 5.06 3.31 9.00
CA GLU A 62 5.82 2.58 7.98
C GLU A 62 5.10 1.25 7.70
N VAL A 63 4.72 1.03 6.45
CA VAL A 63 4.01 -0.19 6.04
C VAL A 63 4.75 -0.93 4.92
N ILE A 64 4.49 -2.23 4.87
CA ILE A 64 4.91 -3.11 3.80
C ILE A 64 3.64 -3.57 3.11
N ILE A 65 3.42 -3.10 1.88
CA ILE A 65 2.26 -3.48 1.08
C ILE A 65 2.67 -4.59 0.11
N GLU A 66 1.72 -5.41 -0.29
CA GLU A 66 1.96 -6.53 -1.21
C GLU A 66 0.74 -6.72 -2.10
N GLY A 67 0.99 -6.90 -3.39
CA GLY A 67 -0.04 -7.07 -4.39
C GLY A 67 0.55 -6.92 -5.78
N GLY A 68 0.14 -5.88 -6.50
CA GLY A 68 0.72 -5.54 -7.80
C GLY A 68 0.24 -4.20 -8.30
N LEU A 69 0.92 -3.67 -9.32
CA LEU A 69 0.60 -2.39 -9.96
C LEU A 69 0.29 -2.64 -11.45
N ALA A 70 -0.91 -2.24 -11.88
CA ALA A 70 -1.34 -2.35 -13.28
C ALA A 70 -0.97 -1.05 -14.05
N PRO A 71 -0.34 -1.17 -15.28
CA PRO A 71 -0.01 0.00 -16.12
C PRO A 71 -1.29 0.73 -16.63
N GLY A 72 -1.74 1.68 -15.81
CA GLY A 72 -2.98 2.43 -16.07
C GLY A 72 -3.51 3.03 -14.79
N GLU A 73 -3.41 2.25 -13.69
CA GLU A 73 -3.76 2.71 -12.34
C GLU A 73 -2.52 3.37 -11.71
N ASP A 74 -2.72 4.58 -11.17
CA ASP A 74 -1.73 5.26 -10.31
C ASP A 74 -1.69 4.59 -8.92
N THR A 75 -2.74 3.80 -8.63
CA THR A 75 -2.91 3.10 -7.35
C THR A 75 -2.39 1.64 -7.43
N PHE A 76 -1.50 1.32 -6.49
CA PHE A 76 -0.94 -0.02 -6.29
C PHE A 76 -1.99 -0.90 -5.59
N LYS A 77 -2.46 -1.94 -6.29
CA LYS A 77 -3.48 -2.86 -5.79
C LYS A 77 -2.85 -3.81 -4.74
N ALA A 78 -2.91 -3.40 -3.47
CA ALA A 78 -2.34 -4.15 -2.35
C ALA A 78 -3.40 -5.04 -1.71
N ARG A 79 -3.23 -6.37 -1.83
CA ARG A 79 -4.07 -7.36 -1.13
C ARG A 79 -3.69 -7.41 0.36
N THR A 80 -2.43 -7.05 0.67
CA THR A 80 -1.82 -7.24 1.99
C THR A 80 -1.24 -5.90 2.48
N LEU A 81 -1.32 -5.69 3.79
CA LEU A 81 -0.80 -4.51 4.48
C LEU A 81 -0.10 -5.00 5.75
N MET A 82 1.11 -4.49 6.01
CA MET A 82 1.93 -4.92 7.16
C MET A 82 2.51 -3.69 7.86
N THR A 83 1.85 -3.24 8.92
CA THR A 83 2.26 -2.10 9.73
C THR A 83 3.50 -2.48 10.58
N LYS A 84 4.60 -1.75 10.40
CA LYS A 84 5.91 -2.06 11.02
C LYS A 84 6.10 -1.28 12.34
N CYS A 85 5.08 -0.50 12.72
CA CYS A 85 5.01 0.11 14.06
C CYS A 85 4.15 -0.81 14.96
N PRO A 86 4.74 -1.55 15.95
CA PRO A 86 3.97 -2.31 16.96
C PRO A 86 3.18 -1.36 17.88
N LEU A 87 1.86 -1.52 17.93
CA LEU A 87 0.98 -0.79 18.86
C LEU A 87 0.68 -1.70 20.07
N GLU A 88 1.23 -1.33 21.24
CA GLU A 88 1.14 -2.14 22.47
C GLU A 88 -0.31 -2.10 23.00
N MET A 1 -5.48 -16.61 -19.46
CA MET A 1 -4.58 -17.51 -18.69
C MET A 1 -4.74 -17.26 -17.17
N ALA A 2 -5.81 -17.86 -16.59
CA ALA A 2 -6.05 -17.94 -15.12
C ALA A 2 -6.24 -16.57 -14.41
N THR A 3 -6.31 -15.47 -15.21
CA THR A 3 -6.36 -14.08 -14.74
C THR A 3 -5.13 -13.79 -13.83
N PRO A 4 -3.96 -13.37 -14.44
CA PRO A 4 -2.66 -13.27 -13.73
C PRO A 4 -2.68 -12.55 -12.36
N GLN A 5 -2.29 -13.31 -11.31
CA GLN A 5 -2.17 -12.81 -9.92
C GLN A 5 -1.04 -13.61 -9.22
N ASP A 6 0.00 -13.89 -10.02
CA ASP A 6 1.15 -14.76 -9.67
C ASP A 6 1.86 -14.31 -8.38
N LYS A 7 2.28 -15.29 -7.58
CA LYS A 7 2.84 -15.07 -6.24
C LYS A 7 4.38 -14.89 -6.29
N LEU A 8 5.02 -15.47 -7.33
CA LEU A 8 6.49 -15.42 -7.49
C LEU A 8 6.98 -13.98 -7.78
N HIS A 9 6.21 -13.21 -8.59
CA HIS A 9 6.59 -11.82 -8.96
C HIS A 9 5.67 -10.78 -8.26
N THR A 10 5.03 -11.18 -7.13
CA THR A 10 4.26 -10.25 -6.27
C THR A 10 5.19 -9.12 -5.76
N VAL A 11 4.66 -7.90 -5.72
CA VAL A 11 5.44 -6.70 -5.47
C VAL A 11 5.31 -6.31 -4.00
N ARG A 12 6.38 -6.52 -3.23
CA ARG A 12 6.47 -6.14 -1.82
C ARG A 12 7.27 -4.83 -1.73
N LEU A 13 6.58 -3.74 -1.39
CA LEU A 13 7.15 -2.37 -1.38
C LEU A 13 7.14 -1.87 0.08
N PHE A 14 8.24 -1.25 0.49
CA PHE A 14 8.45 -0.75 1.86
C PHE A 14 8.38 0.77 1.82
N GLY A 15 7.62 1.39 2.72
CA GLY A 15 7.39 2.85 2.69
C GLY A 15 6.85 3.36 4.00
N THR A 16 6.51 4.66 4.02
CA THR A 16 5.85 5.31 5.15
C THR A 16 4.61 6.05 4.63
N VAL A 17 3.52 5.98 5.39
CA VAL A 17 2.22 6.55 5.02
C VAL A 17 2.25 8.05 5.27
N ALA A 18 2.04 8.82 4.21
CA ALA A 18 1.93 10.28 4.29
C ALA A 18 0.68 10.67 5.09
N ALA A 19 0.86 11.69 5.95
CA ALA A 19 -0.25 12.32 6.69
C ALA A 19 -1.04 13.25 5.74
N ASP A 20 -0.40 13.61 4.61
CA ASP A 20 -1.04 14.33 3.49
C ASP A 20 -1.45 13.30 2.42
N GLY A 21 -2.78 13.08 2.27
CA GLY A 21 -3.32 12.18 1.24
C GLY A 21 -3.61 10.79 1.79
N LEU A 22 -4.57 10.71 2.72
CA LEU A 22 -5.07 9.44 3.27
C LEU A 22 -6.60 9.55 3.32
N THR A 23 -7.29 8.58 2.69
CA THR A 23 -8.76 8.53 2.67
C THR A 23 -9.24 7.07 2.64
N MET A 24 -10.30 6.77 3.42
CA MET A 24 -10.86 5.42 3.54
C MET A 24 -11.81 5.14 2.36
N LEU A 25 -11.98 3.86 1.98
CA LEU A 25 -12.81 3.48 0.81
C LEU A 25 -14.32 3.67 1.13
N ASP A 26 -15.05 4.21 0.14
CA ASP A 26 -16.47 4.61 0.29
C ASP A 26 -17.39 3.40 0.48
N GLY A 27 -17.98 3.28 1.69
CA GLY A 27 -18.92 2.20 2.02
C GLY A 27 -18.30 0.80 1.91
N ALA A 28 -16.98 0.71 2.16
CA ALA A 28 -16.21 -0.54 1.99
C ALA A 28 -15.01 -0.56 2.96
N PRO A 29 -14.70 -1.73 3.62
CA PRO A 29 -13.49 -1.90 4.45
C PRO A 29 -12.21 -1.85 3.58
N GLY A 30 -11.43 -0.77 3.75
CA GLY A 30 -10.21 -0.56 2.98
C GLY A 30 -9.76 0.89 3.07
N VAL A 31 -8.62 1.19 2.43
CA VAL A 31 -8.02 2.54 2.47
C VAL A 31 -7.15 2.79 1.23
N ARG A 32 -7.24 4.00 0.69
CA ARG A 32 -6.30 4.52 -0.30
C ARG A 32 -5.42 5.56 0.39
N PHE A 33 -4.11 5.47 0.22
CA PHE A 33 -3.14 6.33 0.91
C PHE A 33 -1.95 6.66 0.02
N ARG A 34 -1.31 7.80 0.30
CA ARG A 34 -0.19 8.32 -0.46
C ARG A 34 1.09 7.81 0.20
N LEU A 35 1.56 6.65 -0.28
CA LEU A 35 2.75 6.00 0.24
C LEU A 35 4.02 6.67 -0.29
N GLU A 36 4.83 7.17 0.64
CA GLU A 36 6.16 7.71 0.36
C GLU A 36 7.16 6.58 0.55
N ASP A 37 7.66 6.05 -0.59
CA ASP A 37 8.56 4.87 -0.64
C ASP A 37 9.87 5.11 0.16
N LYS A 38 10.35 4.06 0.83
CA LYS A 38 11.60 4.09 1.62
C LYS A 38 12.84 4.07 0.70
N ASP A 39 12.62 3.69 -0.57
CA ASP A 39 13.65 3.77 -1.61
C ASP A 39 13.97 5.25 -1.89
N ASN A 40 12.92 6.03 -2.22
CA ASN A 40 13.00 7.49 -2.43
C ASN A 40 11.67 8.12 -2.01
N THR A 41 11.74 9.23 -1.24
CA THR A 41 10.56 9.99 -0.79
C THR A 41 9.82 10.65 -1.97
N SER A 42 10.58 10.91 -3.06
CA SER A 42 10.01 11.43 -4.34
C SER A 42 9.00 10.44 -4.95
N LYS A 43 9.19 9.14 -4.67
CA LYS A 43 8.26 8.08 -5.09
C LYS A 43 6.99 8.12 -4.22
N THR A 44 6.10 9.04 -4.55
CA THR A 44 4.79 9.16 -3.91
C THR A 44 3.77 8.39 -4.75
N VAL A 45 3.48 7.16 -4.32
CA VAL A 45 2.60 6.22 -5.00
C VAL A 45 1.31 6.09 -4.19
N TRP A 46 0.16 6.11 -4.86
CA TRP A 46 -1.13 5.90 -4.21
C TRP A 46 -1.38 4.39 -4.17
N VAL A 47 -1.74 3.87 -3.01
CA VAL A 47 -1.95 2.44 -2.81
C VAL A 47 -3.42 2.20 -2.47
N LEU A 48 -4.10 1.47 -3.36
CA LEU A 48 -5.51 1.09 -3.20
C LEU A 48 -5.56 -0.28 -2.49
N TYR A 49 -5.70 -0.22 -1.16
CA TYR A 49 -5.77 -1.40 -0.30
C TYR A 49 -7.24 -1.81 -0.09
N LYS A 50 -7.59 -2.99 -0.60
CA LYS A 50 -8.84 -3.68 -0.30
C LYS A 50 -8.61 -4.60 0.91
N GLY A 51 -9.39 -4.42 1.98
CA GLY A 51 -9.30 -5.29 3.16
C GLY A 51 -9.50 -4.53 4.46
N ALA A 52 -9.65 -5.29 5.56
CA ALA A 52 -9.84 -4.71 6.90
C ALA A 52 -8.56 -3.97 7.35
N VAL A 53 -8.70 -2.66 7.61
CA VAL A 53 -7.60 -1.77 8.00
C VAL A 53 -7.30 -1.90 9.52
N PRO A 54 -6.03 -2.23 9.92
CA PRO A 54 -5.65 -2.39 11.35
C PRO A 54 -5.52 -1.02 12.08
N ASP A 55 -5.69 -1.03 13.42
CA ASP A 55 -5.61 0.18 14.28
C ASP A 55 -4.19 0.78 14.31
N THR A 56 -3.20 -0.07 13.98
CA THR A 56 -1.79 0.34 13.88
C THR A 56 -1.53 1.16 12.60
N PHE A 57 -2.38 0.98 11.56
CA PHE A 57 -2.33 1.82 10.34
C PHE A 57 -2.90 3.22 10.68
N LYS A 58 -2.02 4.20 10.70
CA LYS A 58 -2.36 5.61 11.00
C LYS A 58 -1.54 6.55 10.08
N PRO A 59 -1.98 7.84 9.88
CA PRO A 59 -1.21 8.84 9.08
C PRO A 59 0.16 9.14 9.74
N GLY A 60 1.23 8.53 9.21
CA GLY A 60 2.57 8.69 9.76
C GLY A 60 3.24 7.36 10.11
N VAL A 61 2.46 6.25 10.13
CA VAL A 61 3.01 4.90 10.39
C VAL A 61 3.83 4.42 9.19
N GLU A 62 4.89 3.64 9.45
CA GLU A 62 5.64 2.96 8.40
C GLU A 62 4.87 1.67 8.03
N VAL A 63 4.74 1.36 6.74
CA VAL A 63 4.06 0.12 6.26
C VAL A 63 4.92 -0.66 5.27
N ILE A 64 4.44 -1.88 5.00
CA ILE A 64 4.98 -2.83 4.04
C ILE A 64 3.76 -3.41 3.29
N ILE A 65 3.60 -3.00 2.02
CA ILE A 65 2.47 -3.41 1.17
C ILE A 65 2.91 -4.57 0.26
N GLU A 66 1.96 -5.45 -0.08
CA GLU A 66 2.18 -6.56 -1.02
C GLU A 66 0.99 -6.62 -1.99
N GLY A 67 1.28 -6.87 -3.27
CA GLY A 67 0.23 -7.02 -4.29
C GLY A 67 0.80 -6.91 -5.70
N GLY A 68 0.31 -5.93 -6.48
CA GLY A 68 0.81 -5.69 -7.82
C GLY A 68 0.26 -4.41 -8.43
N LEU A 69 0.85 -4.01 -9.55
CA LEU A 69 0.43 -2.83 -10.31
C LEU A 69 0.00 -3.27 -11.71
N ALA A 70 -1.33 -3.36 -11.92
CA ALA A 70 -1.91 -3.84 -13.19
C ALA A 70 -1.95 -2.71 -14.23
N PRO A 71 -1.45 -2.94 -15.49
CA PRO A 71 -1.61 -1.99 -16.63
C PRO A 71 -3.07 -1.51 -16.80
N GLY A 72 -3.36 -0.33 -16.23
CA GLY A 72 -4.70 0.22 -16.16
C GLY A 72 -4.86 1.04 -14.89
N GLU A 73 -4.50 0.40 -13.76
CA GLU A 73 -4.45 1.04 -12.45
C GLU A 73 -3.09 1.74 -12.26
N ASP A 74 -3.13 3.07 -12.09
CA ASP A 74 -1.96 3.87 -11.65
C ASP A 74 -1.68 3.61 -10.15
N THR A 75 -2.75 3.25 -9.44
CA THR A 75 -2.73 2.98 -7.99
C THR A 75 -2.33 1.51 -7.75
N PHE A 76 -1.52 1.28 -6.70
CA PHE A 76 -0.99 -0.04 -6.36
C PHE A 76 -2.10 -0.88 -5.69
N LYS A 77 -2.46 -1.99 -6.32
CA LYS A 77 -3.48 -2.93 -5.82
C LYS A 77 -2.87 -3.77 -4.68
N ALA A 78 -3.10 -3.38 -3.42
CA ALA A 78 -2.57 -4.06 -2.23
C ALA A 78 -3.52 -5.18 -1.78
N ARG A 79 -3.05 -6.44 -1.89
CA ARG A 79 -3.77 -7.62 -1.40
C ARG A 79 -3.62 -7.78 0.13
N THR A 80 -2.44 -7.41 0.65
CA THR A 80 -2.11 -7.52 2.08
C THR A 80 -1.36 -6.25 2.54
N LEU A 81 -1.59 -5.86 3.81
CA LEU A 81 -1.03 -4.63 4.42
C LEU A 81 -0.53 -4.93 5.83
N MET A 82 0.79 -4.87 6.01
CA MET A 82 1.44 -5.07 7.30
C MET A 82 2.27 -3.83 7.63
N THR A 83 1.94 -3.17 8.74
CA THR A 83 2.69 -2.02 9.23
C THR A 83 4.06 -2.49 9.78
N LYS A 84 5.10 -1.66 9.64
CA LYS A 84 6.43 -1.93 10.21
C LYS A 84 6.35 -1.85 11.74
N CYS A 85 5.50 -0.92 12.23
CA CYS A 85 5.17 -0.79 13.65
C CYS A 85 4.12 -1.88 14.04
N PRO A 86 4.50 -2.96 14.80
CA PRO A 86 3.57 -4.05 15.16
C PRO A 86 2.66 -3.69 16.37
N LEU A 87 1.34 -3.85 16.19
CA LEU A 87 0.31 -3.55 17.21
C LEU A 87 -1.03 -4.20 16.78
N GLU A 88 -0.90 -5.33 16.05
CA GLU A 88 -2.06 -6.05 15.47
C GLU A 88 -2.80 -6.85 16.58
N MET A 1 2.39 -1.83 -25.93
CA MET A 1 3.75 -1.28 -26.14
C MET A 1 4.75 -2.00 -25.23
N ALA A 2 4.39 -2.10 -23.93
CA ALA A 2 5.23 -2.73 -22.90
C ALA A 2 5.11 -4.27 -22.94
N THR A 3 5.73 -4.95 -21.95
CA THR A 3 5.62 -6.41 -21.78
C THR A 3 4.88 -6.73 -20.46
N PRO A 4 3.51 -6.86 -20.49
CA PRO A 4 2.71 -7.22 -19.31
C PRO A 4 2.87 -8.72 -18.98
N GLN A 5 3.46 -9.03 -17.82
CA GLN A 5 3.56 -10.40 -17.30
C GLN A 5 2.20 -10.86 -16.72
N ASP A 6 2.16 -12.08 -16.16
CA ASP A 6 0.98 -12.59 -15.44
C ASP A 6 0.78 -11.80 -14.14
N LYS A 7 -0.44 -11.27 -13.95
CA LYS A 7 -0.82 -10.48 -12.76
C LYS A 7 -1.03 -11.39 -11.52
N LEU A 8 -0.92 -12.72 -11.72
CA LEU A 8 -0.89 -13.71 -10.63
C LEU A 8 0.54 -13.79 -10.02
N HIS A 9 0.99 -12.64 -9.50
CA HIS A 9 2.28 -12.46 -8.80
C HIS A 9 2.08 -11.43 -7.69
N THR A 10 2.90 -11.53 -6.63
CA THR A 10 2.86 -10.60 -5.50
C THR A 10 4.08 -9.67 -5.54
N VAL A 11 3.80 -8.35 -5.59
CA VAL A 11 4.83 -7.31 -5.59
C VAL A 11 4.96 -6.76 -4.17
N ARG A 12 6.14 -6.91 -3.57
CA ARG A 12 6.40 -6.44 -2.20
C ARG A 12 6.96 -5.01 -2.25
N LEU A 13 6.27 -4.06 -1.60
CA LEU A 13 6.63 -2.62 -1.64
C LEU A 13 6.68 -2.09 -0.18
N PHE A 14 7.69 -1.26 0.12
CA PHE A 14 7.96 -0.73 1.47
C PHE A 14 7.89 0.81 1.46
N GLY A 15 7.58 1.43 2.62
CA GLY A 15 7.64 2.89 2.77
C GLY A 15 6.89 3.40 3.99
N THR A 16 6.46 4.67 3.93
CA THR A 16 5.68 5.31 5.00
C THR A 16 4.36 5.87 4.42
N VAL A 17 3.29 5.81 5.23
CA VAL A 17 1.99 6.37 4.87
C VAL A 17 1.95 7.85 5.24
N ALA A 18 1.73 8.70 4.23
CA ALA A 18 1.62 10.16 4.40
C ALA A 18 0.26 10.54 5.01
N ALA A 19 0.24 11.72 5.65
CA ALA A 19 -0.99 12.28 6.24
C ALA A 19 -1.84 12.97 5.14
N ASP A 20 -1.21 13.25 3.99
CA ASP A 20 -1.87 13.88 2.84
C ASP A 20 -2.59 12.83 2.00
N GLY A 21 -3.88 13.07 1.73
CA GLY A 21 -4.67 12.26 0.80
C GLY A 21 -5.11 10.91 1.36
N LEU A 22 -4.87 10.69 2.67
CA LEU A 22 -5.26 9.45 3.34
C LEU A 22 -6.80 9.44 3.43
N THR A 23 -7.42 8.63 2.56
CA THR A 23 -8.87 8.47 2.45
C THR A 23 -9.24 7.02 2.81
N MET A 24 -9.95 6.82 3.92
CA MET A 24 -10.41 5.48 4.34
C MET A 24 -11.78 5.24 3.69
N LEU A 25 -11.98 4.03 3.15
CA LEU A 25 -13.19 3.70 2.39
C LEU A 25 -14.43 3.67 3.32
N ASP A 26 -15.48 4.39 2.95
CA ASP A 26 -16.71 4.53 3.76
C ASP A 26 -17.71 3.42 3.36
N GLY A 27 -17.95 2.49 4.31
CA GLY A 27 -18.79 1.31 4.05
C GLY A 27 -17.96 0.07 3.75
N ALA A 28 -16.77 0.27 3.15
CA ALA A 28 -15.81 -0.82 2.86
C ALA A 28 -14.65 -0.76 3.89
N PRO A 29 -14.11 -1.94 4.36
CA PRO A 29 -13.07 -1.97 5.42
C PRO A 29 -11.65 -1.63 4.92
N GLY A 30 -11.54 -1.20 3.65
CA GLY A 30 -10.25 -0.89 3.02
C GLY A 30 -9.82 0.56 3.19
N VAL A 31 -8.75 0.96 2.48
CA VAL A 31 -8.20 2.32 2.53
C VAL A 31 -7.45 2.65 1.22
N ARG A 32 -7.37 3.95 0.91
CA ARG A 32 -6.47 4.52 -0.07
C ARG A 32 -5.59 5.57 0.64
N PHE A 33 -4.30 5.58 0.31
CA PHE A 33 -3.32 6.51 0.89
C PHE A 33 -2.23 6.75 -0.14
N ARG A 34 -1.28 7.66 0.14
CA ARG A 34 -0.09 7.81 -0.70
C ARG A 34 1.16 7.39 0.08
N LEU A 35 1.75 6.27 -0.38
CA LEU A 35 3.00 5.73 0.14
C LEU A 35 4.17 6.54 -0.44
N GLU A 36 5.13 6.92 0.41
CA GLU A 36 6.30 7.70 0.00
C GLU A 36 7.39 6.76 -0.55
N ASP A 37 7.83 7.02 -1.79
CA ASP A 37 8.96 6.29 -2.40
C ASP A 37 10.26 6.58 -1.65
N LYS A 38 10.71 5.60 -0.86
CA LYS A 38 12.04 5.62 -0.24
C LYS A 38 13.13 5.25 -1.27
N ASP A 39 12.72 4.50 -2.32
CA ASP A 39 13.60 4.16 -3.45
C ASP A 39 14.01 5.43 -4.22
N ASN A 40 13.11 6.42 -4.26
CA ASN A 40 13.35 7.71 -4.93
C ASN A 40 12.45 8.80 -4.32
N THR A 41 13.01 9.57 -3.36
CA THR A 41 12.27 10.60 -2.61
C THR A 41 12.15 11.91 -3.43
N SER A 42 11.32 11.82 -4.48
CA SER A 42 10.84 12.94 -5.29
C SER A 42 9.41 12.63 -5.78
N LYS A 43 8.87 11.46 -5.35
CA LYS A 43 7.62 10.87 -5.87
C LYS A 43 6.90 10.13 -4.74
N THR A 44 5.58 9.91 -4.93
CA THR A 44 4.74 9.10 -4.03
C THR A 44 3.82 8.22 -4.88
N VAL A 45 3.64 6.95 -4.47
CA VAL A 45 2.69 6.02 -5.11
C VAL A 45 1.42 5.98 -4.28
N TRP A 46 0.26 6.08 -4.92
CA TRP A 46 -1.04 5.92 -4.27
C TRP A 46 -1.33 4.43 -4.18
N VAL A 47 -1.79 3.96 -3.03
CA VAL A 47 -2.02 2.56 -2.77
C VAL A 47 -3.48 2.33 -2.38
N LEU A 48 -4.19 1.56 -3.22
CA LEU A 48 -5.56 1.15 -2.98
C LEU A 48 -5.52 -0.24 -2.31
N TYR A 49 -5.56 -0.23 -0.97
CA TYR A 49 -5.55 -1.44 -0.14
C TYR A 49 -6.99 -1.99 0.01
N LYS A 50 -7.24 -3.14 -0.62
CA LYS A 50 -8.48 -3.91 -0.44
C LYS A 50 -8.25 -5.00 0.62
N GLY A 51 -8.88 -4.82 1.79
CA GLY A 51 -8.74 -5.74 2.92
C GLY A 51 -9.25 -5.12 4.20
N ALA A 52 -8.91 -5.74 5.34
CA ALA A 52 -9.23 -5.20 6.68
C ALA A 52 -8.09 -4.30 7.15
N VAL A 53 -8.39 -3.00 7.34
CA VAL A 53 -7.39 -2.02 7.83
C VAL A 53 -7.28 -2.13 9.36
N PRO A 54 -6.06 -2.46 9.89
CA PRO A 54 -5.83 -2.57 11.35
C PRO A 54 -5.75 -1.18 12.03
N ASP A 55 -5.92 -1.18 13.36
CA ASP A 55 -5.80 0.03 14.21
C ASP A 55 -4.36 0.57 14.21
N THR A 56 -3.41 -0.32 13.88
CA THR A 56 -1.97 -0.02 13.80
C THR A 56 -1.64 0.93 12.62
N PHE A 57 -2.56 0.98 11.64
CA PHE A 57 -2.48 1.90 10.49
C PHE A 57 -2.95 3.31 10.90
N LYS A 58 -2.21 4.35 10.47
CA LYS A 58 -2.43 5.75 10.88
C LYS A 58 -1.69 6.73 9.92
N PRO A 59 -2.05 8.05 9.89
CA PRO A 59 -1.20 9.09 9.28
C PRO A 59 0.13 9.23 10.04
N GLY A 60 1.19 8.64 9.47
CA GLY A 60 2.49 8.54 10.15
C GLY A 60 2.72 7.12 10.66
N VAL A 61 2.78 6.18 9.72
CA VAL A 61 3.03 4.76 10.02
C VAL A 61 4.01 4.17 9.00
N GLU A 62 5.06 3.47 9.49
CA GLU A 62 5.89 2.60 8.65
C GLU A 62 5.03 1.39 8.27
N VAL A 63 5.04 1.03 6.97
CA VAL A 63 4.24 -0.11 6.46
C VAL A 63 5.03 -0.92 5.44
N ILE A 64 4.57 -2.15 5.27
CA ILE A 64 5.04 -3.11 4.27
C ILE A 64 3.79 -3.66 3.58
N ILE A 65 3.55 -3.24 2.33
CA ILE A 65 2.38 -3.65 1.55
C ILE A 65 2.77 -4.74 0.54
N GLU A 66 1.77 -5.47 0.05
CA GLU A 66 1.94 -6.50 -0.98
C GLU A 66 0.65 -6.62 -1.78
N GLY A 67 0.80 -6.81 -3.10
CA GLY A 67 -0.33 -7.01 -3.98
C GLY A 67 0.13 -7.07 -5.42
N GLY A 68 -0.18 -6.03 -6.19
CA GLY A 68 0.30 -5.92 -7.56
C GLY A 68 0.11 -4.52 -8.12
N LEU A 69 0.68 -4.30 -9.31
CA LEU A 69 0.49 -3.06 -10.06
C LEU A 69 0.07 -3.42 -11.49
N ALA A 70 -1.03 -2.82 -11.96
CA ALA A 70 -1.59 -3.11 -13.29
C ALA A 70 -0.85 -2.28 -14.36
N PRO A 71 -0.55 -2.89 -15.57
CA PRO A 71 0.16 -2.16 -16.66
C PRO A 71 -0.68 -0.99 -17.24
N GLY A 72 -0.22 0.25 -17.00
CA GLY A 72 -0.94 1.46 -17.41
C GLY A 72 -1.46 2.24 -16.20
N GLU A 73 -1.59 1.54 -15.06
CA GLU A 73 -2.12 2.10 -13.81
C GLU A 73 -0.99 2.70 -12.95
N ASP A 74 -1.28 3.80 -12.25
CA ASP A 74 -0.33 4.44 -11.32
C ASP A 74 -0.53 3.91 -9.90
N THR A 75 -1.79 3.61 -9.51
CA THR A 75 -2.11 3.22 -8.12
C THR A 75 -1.81 1.71 -7.88
N PHE A 76 -0.99 1.43 -6.86
CA PHE A 76 -0.65 0.07 -6.45
C PHE A 76 -1.83 -0.53 -5.66
N LYS A 77 -2.35 -1.66 -6.12
CA LYS A 77 -3.46 -2.34 -5.46
C LYS A 77 -2.90 -3.37 -4.45
N ALA A 78 -2.96 -3.02 -3.15
CA ALA A 78 -2.43 -3.88 -2.08
C ALA A 78 -3.49 -4.91 -1.66
N ARG A 79 -3.13 -6.18 -1.82
CA ARG A 79 -3.86 -7.32 -1.28
C ARG A 79 -3.77 -7.33 0.26
N THR A 80 -2.55 -7.06 0.77
CA THR A 80 -2.22 -7.22 2.20
C THR A 80 -1.46 -5.97 2.70
N LEU A 81 -1.76 -5.57 3.93
CA LEU A 81 -1.14 -4.43 4.63
C LEU A 81 -0.60 -4.91 5.97
N MET A 82 0.74 -4.92 6.10
CA MET A 82 1.41 -5.28 7.36
C MET A 82 2.21 -4.06 7.81
N THR A 83 1.72 -3.37 8.84
CA THR A 83 2.35 -2.17 9.38
C THR A 83 3.65 -2.55 10.11
N LYS A 84 4.75 -1.89 9.74
CA LYS A 84 6.08 -2.16 10.29
C LYS A 84 6.21 -1.49 11.67
N CYS A 85 5.52 -0.34 11.82
CA CYS A 85 5.43 0.39 13.10
C CYS A 85 4.00 0.25 13.65
N PRO A 86 3.70 -0.83 14.44
CA PRO A 86 2.32 -1.17 14.88
C PRO A 86 1.71 -0.14 15.86
N LEU A 87 2.04 -0.28 17.14
CA LEU A 87 1.50 0.55 18.25
C LEU A 87 2.64 0.91 19.22
N GLU A 88 3.07 2.19 19.19
CA GLU A 88 4.11 2.69 20.12
C GLU A 88 3.59 2.67 21.57
N MET A 1 17.81 -28.63 -9.73
CA MET A 1 18.32 -27.54 -10.58
C MET A 1 17.29 -26.40 -10.64
N ALA A 2 17.71 -25.16 -10.30
CA ALA A 2 16.83 -23.99 -10.23
C ALA A 2 16.90 -23.19 -11.54
N THR A 3 15.79 -23.16 -12.30
CA THR A 3 15.68 -22.41 -13.55
C THR A 3 15.62 -20.88 -13.26
N PRO A 4 16.50 -20.05 -13.92
CA PRO A 4 16.49 -18.57 -13.78
C PRO A 4 15.13 -17.95 -14.19
N GLN A 5 14.28 -17.68 -13.18
CA GLN A 5 12.91 -17.14 -13.35
C GLN A 5 12.66 -15.97 -12.39
N ASP A 6 11.86 -15.00 -12.86
CA ASP A 6 11.32 -13.93 -12.02
C ASP A 6 10.05 -14.46 -11.33
N LYS A 7 10.22 -14.96 -10.10
CA LYS A 7 9.12 -15.64 -9.36
C LYS A 7 8.34 -14.67 -8.46
N LEU A 8 8.62 -13.36 -8.60
CA LEU A 8 7.86 -12.30 -7.92
C LEU A 8 6.49 -12.13 -8.62
N HIS A 9 5.58 -13.07 -8.30
CA HIS A 9 4.18 -13.05 -8.77
C HIS A 9 3.36 -12.08 -7.90
N THR A 10 3.96 -11.70 -6.76
CA THR A 10 3.47 -10.64 -5.88
C THR A 10 4.62 -9.64 -5.69
N VAL A 11 4.28 -8.35 -5.60
CA VAL A 11 5.25 -7.27 -5.46
C VAL A 11 5.04 -6.61 -4.10
N ARG A 12 6.12 -6.39 -3.35
CA ARG A 12 6.09 -5.63 -2.08
C ARG A 12 6.60 -4.20 -2.32
N LEU A 13 6.03 -3.25 -1.57
CA LEU A 13 6.50 -1.84 -1.56
C LEU A 13 6.56 -1.43 -0.08
N PHE A 14 7.73 -0.92 0.35
CA PHE A 14 8.00 -0.57 1.75
C PHE A 14 8.23 0.95 1.83
N GLY A 15 7.27 1.68 2.40
CA GLY A 15 7.41 3.13 2.61
C GLY A 15 6.71 3.57 3.88
N THR A 16 6.26 4.84 3.89
CA THR A 16 5.55 5.44 5.04
C THR A 16 4.20 6.02 4.56
N VAL A 17 3.20 5.95 5.45
CA VAL A 17 1.85 6.44 5.21
C VAL A 17 1.81 7.95 5.48
N ALA A 18 1.46 8.73 4.45
CA ALA A 18 1.26 10.17 4.57
C ALA A 18 -0.03 10.50 5.34
N ALA A 19 -0.02 11.65 6.02
CA ALA A 19 -1.21 12.22 6.68
C ALA A 19 -2.11 12.90 5.65
N ASP A 20 -1.47 13.52 4.65
CA ASP A 20 -2.16 14.26 3.59
C ASP A 20 -2.40 13.32 2.40
N GLY A 21 -3.69 13.05 2.15
CA GLY A 21 -4.12 12.17 1.05
C GLY A 21 -4.56 10.79 1.51
N LEU A 22 -4.47 10.54 2.83
CA LEU A 22 -4.99 9.30 3.44
C LEU A 22 -6.53 9.36 3.36
N THR A 23 -7.08 8.52 2.48
CA THR A 23 -8.52 8.46 2.19
C THR A 23 -9.03 7.05 2.49
N MET A 24 -10.11 6.94 3.28
CA MET A 24 -10.78 5.64 3.49
C MET A 24 -11.75 5.38 2.33
N LEU A 25 -12.04 4.10 2.07
CA LEU A 25 -12.86 3.67 0.90
C LEU A 25 -14.39 3.71 1.18
N ASP A 26 -14.76 4.71 1.98
CA ASP A 26 -16.13 5.02 2.49
C ASP A 26 -17.06 3.78 2.62
N GLY A 27 -17.73 3.41 1.50
CA GLY A 27 -18.67 2.29 1.46
C GLY A 27 -18.01 0.96 1.07
N ALA A 28 -16.79 0.76 1.58
CA ALA A 28 -15.97 -0.43 1.34
C ALA A 28 -14.88 -0.52 2.42
N PRO A 29 -14.65 -1.72 3.06
CA PRO A 29 -13.52 -1.91 4.01
C PRO A 29 -12.18 -1.78 3.27
N GLY A 30 -11.40 -0.75 3.63
CA GLY A 30 -10.11 -0.49 3.00
C GLY A 30 -9.69 0.97 3.10
N VAL A 31 -8.57 1.29 2.43
CA VAL A 31 -7.96 2.62 2.45
C VAL A 31 -7.14 2.84 1.16
N ARG A 32 -7.32 4.01 0.53
CA ARG A 32 -6.41 4.51 -0.52
C ARG A 32 -5.56 5.66 0.06
N PHE A 33 -4.26 5.51 -0.03
CA PHE A 33 -3.29 6.41 0.62
C PHE A 33 -2.04 6.46 -0.24
N ARG A 34 -1.19 7.49 -0.07
CA ARG A 34 0.06 7.58 -0.83
C ARG A 34 1.20 7.00 0.04
N LEU A 35 1.73 5.85 -0.38
CA LEU A 35 2.92 5.27 0.22
C LEU A 35 4.15 5.99 -0.35
N GLU A 36 4.72 6.86 0.48
CA GLU A 36 5.82 7.75 0.09
C GLU A 36 7.13 6.95 -0.08
N ASP A 37 7.70 7.02 -1.29
CA ASP A 37 8.93 6.31 -1.68
C ASP A 37 10.18 7.02 -1.12
N LYS A 38 11.22 6.23 -0.79
CA LYS A 38 12.43 6.72 -0.09
C LYS A 38 13.66 6.77 -1.01
N ASP A 39 13.55 6.18 -2.23
CA ASP A 39 14.61 6.23 -3.25
C ASP A 39 14.50 7.53 -4.04
N ASN A 40 13.25 8.01 -4.16
CA ASN A 40 12.90 9.26 -4.86
C ASN A 40 11.72 9.89 -4.13
N THR A 41 11.98 11.01 -3.43
CA THR A 41 10.97 11.70 -2.59
C THR A 41 9.92 12.44 -3.45
N SER A 42 10.21 12.60 -4.75
CA SER A 42 9.31 13.27 -5.70
C SER A 42 8.24 12.27 -6.24
N LYS A 43 8.44 10.97 -5.95
CA LYS A 43 7.51 9.90 -6.33
C LYS A 43 6.81 9.35 -5.07
N THR A 44 5.50 9.62 -4.94
CA THR A 44 4.63 8.97 -3.95
C THR A 44 3.62 8.13 -4.73
N VAL A 45 3.50 6.85 -4.38
CA VAL A 45 2.64 5.90 -5.10
C VAL A 45 1.35 5.70 -4.31
N TRP A 46 0.20 5.74 -5.01
CA TRP A 46 -1.12 5.59 -4.38
C TRP A 46 -1.43 4.11 -4.27
N VAL A 47 -2.00 3.69 -3.13
CA VAL A 47 -2.16 2.28 -2.81
C VAL A 47 -3.63 2.01 -2.54
N LEU A 48 -4.23 1.15 -3.38
CA LEU A 48 -5.60 0.69 -3.20
C LEU A 48 -5.57 -0.62 -2.40
N TYR A 49 -5.70 -0.49 -1.08
CA TYR A 49 -5.83 -1.63 -0.16
C TYR A 49 -7.32 -1.83 0.15
N LYS A 50 -7.83 -3.03 -0.13
CA LYS A 50 -9.17 -3.45 0.29
C LYS A 50 -9.02 -4.53 1.37
N GLY A 51 -9.50 -4.20 2.57
CA GLY A 51 -9.44 -5.09 3.72
C GLY A 51 -9.66 -4.35 5.02
N ALA A 52 -9.75 -5.10 6.13
CA ALA A 52 -9.93 -4.52 7.46
C ALA A 52 -8.68 -3.70 7.85
N VAL A 53 -8.86 -2.37 7.95
CA VAL A 53 -7.78 -1.44 8.30
C VAL A 53 -7.59 -1.44 9.84
N PRO A 54 -6.39 -1.86 10.36
CA PRO A 54 -6.12 -1.84 11.81
C PRO A 54 -5.83 -0.42 12.33
N ASP A 55 -5.76 -0.28 13.66
CA ASP A 55 -5.36 0.97 14.33
C ASP A 55 -3.84 1.15 14.15
N THR A 56 -3.14 0.02 13.91
CA THR A 56 -1.70 -0.03 13.68
C THR A 56 -1.34 0.75 12.39
N PHE A 57 -2.30 0.72 11.43
CA PHE A 57 -2.30 1.60 10.27
C PHE A 57 -2.78 2.99 10.73
N LYS A 58 -1.93 3.99 10.54
CA LYS A 58 -2.15 5.37 11.03
C LYS A 58 -1.26 6.37 10.27
N PRO A 59 -1.66 7.70 10.19
CA PRO A 59 -0.80 8.76 9.64
C PRO A 59 0.54 8.87 10.39
N GLY A 60 1.65 8.43 9.75
CA GLY A 60 2.98 8.48 10.37
C GLY A 60 3.69 7.13 10.37
N VAL A 61 2.92 6.01 10.33
CA VAL A 61 3.48 4.65 10.45
C VAL A 61 4.03 4.17 9.09
N GLU A 62 5.07 3.32 9.12
CA GLU A 62 5.57 2.62 7.93
C GLU A 62 4.77 1.34 7.73
N VAL A 63 4.26 1.11 6.50
CA VAL A 63 3.55 -0.13 6.14
C VAL A 63 4.27 -0.85 4.98
N ILE A 64 4.22 -2.17 5.05
CA ILE A 64 4.72 -3.09 4.03
C ILE A 64 3.50 -3.68 3.33
N ILE A 65 3.26 -3.25 2.10
CA ILE A 65 2.10 -3.69 1.30
C ILE A 65 2.55 -4.79 0.33
N GLU A 66 1.67 -5.77 0.10
CA GLU A 66 1.94 -6.92 -0.77
C GLU A 66 0.78 -7.04 -1.76
N GLY A 67 1.08 -6.97 -3.06
CA GLY A 67 0.08 -7.09 -4.11
C GLY A 67 0.73 -6.92 -5.47
N GLY A 68 0.60 -5.73 -6.05
CA GLY A 68 1.33 -5.37 -7.26
C GLY A 68 0.78 -4.12 -7.90
N LEU A 69 1.60 -3.47 -8.73
CA LEU A 69 1.21 -2.30 -9.54
C LEU A 69 0.78 -2.78 -10.93
N ALA A 70 -0.43 -2.36 -11.37
CA ALA A 70 -0.93 -2.68 -12.72
C ALA A 70 -0.34 -1.66 -13.73
N PRO A 71 0.16 -2.11 -14.93
CA PRO A 71 0.70 -1.20 -15.97
C PRO A 71 -0.32 -0.13 -16.44
N GLY A 72 -1.62 -0.48 -16.36
CA GLY A 72 -2.72 0.40 -16.80
C GLY A 72 -3.32 1.23 -15.67
N GLU A 73 -2.97 0.91 -14.40
CA GLU A 73 -3.46 1.65 -13.20
C GLU A 73 -2.29 2.25 -12.44
N ASP A 74 -2.34 3.57 -12.21
CA ASP A 74 -1.33 4.30 -11.42
C ASP A 74 -1.23 3.79 -9.98
N THR A 75 -2.33 3.23 -9.46
CA THR A 75 -2.41 2.78 -8.07
C THR A 75 -1.84 1.34 -7.90
N PHE A 76 -0.94 1.19 -6.90
CA PHE A 76 -0.42 -0.10 -6.46
C PHE A 76 -1.52 -0.76 -5.61
N LYS A 77 -2.04 -1.89 -6.08
CA LYS A 77 -3.17 -2.56 -5.44
C LYS A 77 -2.65 -3.68 -4.54
N ALA A 78 -2.87 -3.52 -3.22
CA ALA A 78 -2.32 -4.39 -2.17
C ALA A 78 -3.37 -5.42 -1.73
N ARG A 79 -3.09 -6.71 -1.97
CA ARG A 79 -3.98 -7.83 -1.58
C ARG A 79 -3.90 -8.07 -0.05
N THR A 80 -2.74 -7.71 0.54
CA THR A 80 -2.50 -7.75 1.99
C THR A 80 -1.71 -6.50 2.40
N LEU A 81 -1.84 -6.10 3.67
CA LEU A 81 -1.10 -4.96 4.24
C LEU A 81 -0.61 -5.35 5.63
N MET A 82 0.63 -4.98 5.91
CA MET A 82 1.32 -5.20 7.19
C MET A 82 2.00 -3.87 7.56
N THR A 83 2.43 -3.72 8.81
CA THR A 83 3.23 -2.56 9.26
C THR A 83 4.66 -3.01 9.58
N LYS A 84 5.64 -2.11 9.37
CA LYS A 84 7.03 -2.30 9.84
C LYS A 84 7.08 -2.00 11.35
N CYS A 85 6.52 -0.84 11.71
CA CYS A 85 6.50 -0.34 13.09
C CYS A 85 5.12 -0.58 13.72
N PRO A 86 5.02 -1.37 14.83
CA PRO A 86 3.77 -1.49 15.61
C PRO A 86 3.65 -0.37 16.68
N LEU A 87 2.61 -0.48 17.54
CA LEU A 87 2.43 0.41 18.71
C LEU A 87 2.26 -0.43 19.99
N GLU A 88 2.09 0.24 21.12
CA GLU A 88 1.97 -0.40 22.45
C GLU A 88 0.48 -0.58 22.86
N MET A 1 11.40 -3.60 -26.97
CA MET A 1 10.34 -3.27 -26.00
C MET A 1 9.95 -4.52 -25.22
N ALA A 2 10.29 -4.55 -23.91
CA ALA A 2 9.97 -5.65 -23.00
C ALA A 2 8.63 -5.37 -22.30
N THR A 3 7.59 -6.16 -22.62
CA THR A 3 6.29 -6.10 -21.93
C THR A 3 6.04 -7.47 -21.25
N PRO A 4 6.47 -7.65 -19.96
CA PRO A 4 6.16 -8.87 -19.18
C PRO A 4 4.66 -8.91 -18.83
N GLN A 5 3.88 -9.60 -19.68
CA GLN A 5 2.41 -9.73 -19.53
C GLN A 5 2.03 -10.59 -18.30
N ASP A 6 3.04 -11.25 -17.73
CA ASP A 6 2.93 -12.00 -16.47
C ASP A 6 2.82 -11.00 -15.29
N LYS A 7 1.61 -10.44 -15.13
CA LYS A 7 1.27 -9.53 -14.02
C LYS A 7 0.78 -10.33 -12.80
N LEU A 8 0.62 -11.66 -12.99
CA LEU A 8 0.20 -12.59 -11.93
C LEU A 8 1.42 -12.95 -11.06
N HIS A 9 1.80 -12.01 -10.17
CA HIS A 9 2.93 -12.16 -9.25
C HIS A 9 2.83 -11.11 -8.15
N THR A 10 3.20 -11.49 -6.93
CA THR A 10 3.19 -10.59 -5.78
C THR A 10 4.31 -9.54 -5.92
N VAL A 11 3.90 -8.27 -6.00
CA VAL A 11 4.79 -7.10 -6.01
C VAL A 11 4.79 -6.54 -4.58
N ARG A 12 5.99 -6.35 -4.00
CA ARG A 12 6.13 -5.80 -2.63
C ARG A 12 6.79 -4.43 -2.67
N LEU A 13 6.22 -3.48 -1.91
CA LEU A 13 6.75 -2.11 -1.75
C LEU A 13 7.06 -1.84 -0.30
N PHE A 14 7.85 -0.78 -0.08
CA PHE A 14 8.32 -0.34 1.25
C PHE A 14 8.25 1.20 1.30
N GLY A 15 7.83 1.77 2.45
CA GLY A 15 7.78 3.22 2.61
C GLY A 15 7.02 3.64 3.86
N THR A 16 6.52 4.88 3.86
CA THR A 16 5.79 5.47 4.98
C THR A 16 4.40 5.95 4.48
N VAL A 17 3.40 5.92 5.37
CA VAL A 17 2.03 6.38 5.09
C VAL A 17 2.01 7.93 5.06
N ALA A 18 1.41 8.47 4.00
CA ALA A 18 1.17 9.91 3.88
C ALA A 18 0.01 10.36 4.80
N ALA A 19 0.26 11.40 5.60
CA ALA A 19 -0.78 12.07 6.40
C ALA A 19 -1.72 12.87 5.46
N ASP A 20 -1.10 13.59 4.52
CA ASP A 20 -1.79 14.29 3.43
C ASP A 20 -1.93 13.32 2.25
N GLY A 21 -3.17 13.05 1.84
CA GLY A 21 -3.46 12.10 0.76
C GLY A 21 -3.76 10.71 1.31
N LEU A 22 -4.70 10.67 2.27
CA LEU A 22 -5.20 9.44 2.89
C LEU A 22 -6.73 9.56 2.97
N THR A 23 -7.43 8.57 2.42
CA THR A 23 -8.90 8.51 2.36
C THR A 23 -9.35 7.06 2.63
N MET A 24 -10.47 6.88 3.34
CA MET A 24 -11.07 5.55 3.56
C MET A 24 -12.14 5.28 2.51
N LEU A 25 -12.31 4.00 2.13
CA LEU A 25 -13.39 3.58 1.21
C LEU A 25 -14.73 3.67 1.97
N ASP A 26 -15.69 4.42 1.43
CA ASP A 26 -17.02 4.66 2.08
C ASP A 26 -18.04 3.68 1.49
N GLY A 27 -18.70 2.91 2.37
CA GLY A 27 -19.63 1.86 1.95
C GLY A 27 -18.90 0.67 1.33
N ALA A 28 -17.64 0.47 1.78
CA ALA A 28 -16.74 -0.57 1.31
C ALA A 28 -15.55 -0.71 2.29
N PRO A 29 -15.19 -1.94 2.74
CA PRO A 29 -14.02 -2.13 3.65
C PRO A 29 -12.68 -1.87 2.93
N GLY A 30 -11.90 -0.89 3.43
CA GLY A 30 -10.54 -0.65 2.95
C GLY A 30 -10.07 0.79 3.13
N VAL A 31 -8.85 1.05 2.64
CA VAL A 31 -8.19 2.37 2.71
C VAL A 31 -7.41 2.63 1.41
N ARG A 32 -7.47 3.86 0.92
CA ARG A 32 -6.65 4.32 -0.20
C ARG A 32 -5.78 5.50 0.27
N PHE A 33 -4.47 5.38 0.06
CA PHE A 33 -3.48 6.37 0.52
C PHE A 33 -2.28 6.33 -0.43
N ARG A 34 -1.45 7.37 -0.41
CA ARG A 34 -0.25 7.43 -1.25
C ARG A 34 0.98 7.04 -0.41
N LEU A 35 1.65 5.95 -0.81
CA LEU A 35 2.86 5.48 -0.13
C LEU A 35 4.03 6.40 -0.48
N GLU A 36 4.56 7.07 0.55
CA GLU A 36 5.81 7.82 0.46
C GLU A 36 6.95 6.81 0.44
N ASP A 37 7.51 6.55 -0.74
CA ASP A 37 8.62 5.58 -0.94
C ASP A 37 9.81 5.89 -0.01
N LYS A 38 10.66 4.85 0.23
CA LYS A 38 11.79 4.91 1.19
C LYS A 38 12.66 6.16 0.99
N ASP A 39 12.40 7.18 1.84
CA ASP A 39 13.17 8.45 1.89
C ASP A 39 12.98 9.30 0.61
N ASN A 40 11.88 9.03 -0.10
CA ASN A 40 11.46 9.76 -1.29
C ASN A 40 9.95 9.98 -1.27
N THR A 41 9.53 11.06 -0.60
CA THR A 41 8.14 11.52 -0.56
C THR A 41 7.80 12.36 -1.82
N SER A 42 8.84 12.70 -2.62
CA SER A 42 8.70 13.52 -3.84
C SER A 42 8.25 12.67 -5.05
N LYS A 43 8.05 11.36 -4.82
CA LYS A 43 7.46 10.45 -5.81
C LYS A 43 6.64 9.39 -5.05
N THR A 44 5.36 9.73 -4.80
CA THR A 44 4.40 8.87 -4.09
C THR A 44 3.51 8.12 -5.09
N VAL A 45 3.43 6.79 -4.94
CA VAL A 45 2.49 5.93 -5.69
C VAL A 45 1.31 5.58 -4.77
N TRP A 46 0.09 5.61 -5.32
CA TRP A 46 -1.14 5.37 -4.55
C TRP A 46 -1.29 3.89 -4.20
N VAL A 47 -2.12 3.61 -3.19
CA VAL A 47 -2.29 2.27 -2.62
C VAL A 47 -3.78 2.02 -2.42
N LEU A 48 -4.34 1.13 -3.24
CA LEU A 48 -5.72 0.67 -3.10
C LEU A 48 -5.72 -0.63 -2.28
N TYR A 49 -5.91 -0.48 -0.97
CA TYR A 49 -6.05 -1.62 -0.04
C TYR A 49 -7.54 -1.82 0.23
N LYS A 50 -8.01 -3.08 0.13
CA LYS A 50 -9.37 -3.46 0.55
C LYS A 50 -9.30 -4.52 1.66
N GLY A 51 -10.34 -4.51 2.52
CA GLY A 51 -10.43 -5.39 3.68
C GLY A 51 -10.41 -4.59 4.97
N ALA A 52 -10.33 -5.31 6.10
CA ALA A 52 -10.29 -4.68 7.44
C ALA A 52 -8.93 -4.01 7.65
N VAL A 53 -8.97 -2.69 7.92
CA VAL A 53 -7.78 -1.86 8.18
C VAL A 53 -7.36 -2.03 9.66
N PRO A 54 -6.06 -2.43 9.94
CA PRO A 54 -5.58 -2.65 11.32
C PRO A 54 -5.48 -1.32 12.11
N ASP A 55 -5.62 -1.42 13.44
CA ASP A 55 -5.53 -0.26 14.36
C ASP A 55 -4.09 0.27 14.46
N THR A 56 -3.11 -0.62 14.23
CA THR A 56 -1.67 -0.24 14.21
C THR A 56 -1.36 0.65 12.97
N PHE A 57 -2.24 0.59 11.94
CA PHE A 57 -2.14 1.45 10.75
C PHE A 57 -2.50 2.90 11.14
N LYS A 58 -1.51 3.78 11.03
CA LYS A 58 -1.64 5.20 11.33
C LYS A 58 -1.01 6.00 10.18
N PRO A 59 -1.39 7.31 10.00
CA PRO A 59 -0.66 8.22 9.09
C PRO A 59 0.72 8.56 9.69
N GLY A 60 1.75 8.65 8.85
CA GLY A 60 3.11 9.01 9.29
C GLY A 60 3.95 7.84 9.81
N VAL A 61 3.36 6.63 9.95
CA VAL A 61 4.12 5.43 10.37
C VAL A 61 4.58 4.68 9.09
N GLU A 62 5.73 3.99 9.16
CA GLU A 62 6.23 3.16 8.05
C GLU A 62 5.32 1.94 7.87
N VAL A 63 5.03 1.59 6.61
CA VAL A 63 4.31 0.36 6.24
C VAL A 63 5.02 -0.38 5.10
N ILE A 64 4.74 -1.68 5.04
CA ILE A 64 5.13 -2.59 3.96
C ILE A 64 3.83 -3.19 3.40
N ILE A 65 3.66 -3.10 2.08
CA ILE A 65 2.45 -3.55 1.38
C ILE A 65 2.84 -4.53 0.26
N GLU A 66 1.97 -5.53 0.02
CA GLU A 66 2.14 -6.48 -1.07
C GLU A 66 0.83 -6.58 -1.86
N GLY A 67 0.95 -6.98 -3.12
CA GLY A 67 -0.22 -7.19 -3.99
C GLY A 67 0.21 -7.30 -5.44
N GLY A 68 -0.19 -6.34 -6.29
CA GLY A 68 0.27 -6.26 -7.66
C GLY A 68 0.06 -4.88 -8.25
N LEU A 69 0.93 -4.50 -9.20
CA LEU A 69 0.84 -3.22 -9.92
C LEU A 69 0.88 -3.48 -11.44
N ALA A 70 -0.01 -2.76 -12.15
CA ALA A 70 0.00 -2.67 -13.59
C ALA A 70 0.91 -1.47 -13.98
N PRO A 71 1.86 -1.63 -14.96
CA PRO A 71 2.80 -0.54 -15.35
C PRO A 71 2.09 0.74 -15.88
N GLY A 72 0.82 0.60 -16.29
CA GLY A 72 0.01 1.73 -16.78
C GLY A 72 -0.90 2.34 -15.72
N GLU A 73 -1.01 1.68 -14.54
CA GLU A 73 -1.86 2.16 -13.41
C GLU A 73 -1.00 2.87 -12.36
N ASP A 74 -1.52 3.98 -11.82
CA ASP A 74 -0.82 4.82 -10.82
C ASP A 74 -1.03 4.31 -9.39
N THR A 75 -2.12 3.54 -9.15
CA THR A 75 -2.36 2.95 -7.83
C THR A 75 -1.92 1.47 -7.79
N PHE A 76 -1.08 1.15 -6.81
CA PHE A 76 -0.70 -0.20 -6.45
C PHE A 76 -1.86 -0.85 -5.70
N LYS A 77 -2.24 -2.07 -6.09
CA LYS A 77 -3.31 -2.83 -5.44
C LYS A 77 -2.70 -3.64 -4.28
N ALA A 78 -2.97 -3.24 -3.04
CA ALA A 78 -2.47 -3.94 -1.84
C ALA A 78 -3.45 -5.04 -1.43
N ARG A 79 -3.00 -6.30 -1.55
CA ARG A 79 -3.71 -7.48 -0.99
C ARG A 79 -3.53 -7.51 0.54
N THR A 80 -2.37 -6.98 1.01
CA THR A 80 -1.99 -6.98 2.43
C THR A 80 -1.49 -5.59 2.83
N LEU A 81 -1.86 -5.17 4.06
CA LEU A 81 -1.42 -3.93 4.67
C LEU A 81 -0.78 -4.27 6.02
N MET A 82 0.53 -4.12 6.10
CA MET A 82 1.31 -4.42 7.30
C MET A 82 2.12 -3.18 7.69
N THR A 83 2.18 -2.87 8.99
CA THR A 83 2.97 -1.74 9.51
C THR A 83 4.41 -2.18 9.85
N LYS A 84 5.27 -1.20 10.11
CA LYS A 84 6.65 -1.40 10.58
C LYS A 84 6.64 -2.11 11.95
N CYS A 85 6.02 -1.44 12.92
CA CYS A 85 5.87 -1.93 14.29
C CYS A 85 4.45 -2.52 14.47
N PRO A 86 4.32 -3.88 14.70
CA PRO A 86 3.02 -4.50 15.06
C PRO A 86 2.63 -4.10 16.49
N LEU A 87 2.09 -2.88 16.61
CA LEU A 87 1.79 -2.25 17.90
C LEU A 87 0.56 -2.93 18.54
N GLU A 88 0.84 -3.82 19.50
CA GLU A 88 -0.18 -4.63 20.20
C GLU A 88 0.09 -4.58 21.72
N MET A 1 9.06 -13.96 -26.70
CA MET A 1 7.81 -14.33 -25.98
C MET A 1 8.08 -15.55 -25.07
N ALA A 2 7.45 -15.56 -23.89
CA ALA A 2 7.63 -16.61 -22.87
C ALA A 2 6.41 -16.66 -21.93
N THR A 3 6.38 -17.68 -21.06
CA THR A 3 5.31 -17.84 -20.06
C THR A 3 5.51 -16.81 -18.91
N PRO A 4 4.42 -16.06 -18.51
CA PRO A 4 4.49 -15.05 -17.42
C PRO A 4 4.94 -15.64 -16.06
N GLN A 5 5.57 -14.78 -15.23
CA GLN A 5 6.04 -15.15 -13.89
C GLN A 5 4.86 -15.38 -12.93
N ASP A 6 5.13 -16.10 -11.83
CA ASP A 6 4.11 -16.51 -10.85
C ASP A 6 3.73 -15.34 -9.93
N LYS A 7 2.56 -15.47 -9.28
CA LYS A 7 2.01 -14.44 -8.37
C LYS A 7 2.13 -14.88 -6.89
N LEU A 8 2.90 -15.94 -6.63
CA LEU A 8 3.29 -16.35 -5.27
C LEU A 8 4.47 -15.46 -4.82
N HIS A 9 5.32 -15.12 -5.80
CA HIS A 9 6.42 -14.17 -5.65
C HIS A 9 6.01 -12.88 -6.39
N THR A 10 4.92 -12.27 -5.90
CA THR A 10 4.30 -11.09 -6.51
C THR A 10 5.07 -9.79 -6.09
N VAL A 11 4.45 -8.61 -6.20
CA VAL A 11 5.15 -7.32 -6.03
C VAL A 11 4.97 -6.81 -4.59
N ARG A 12 6.09 -6.65 -3.87
CA ARG A 12 6.11 -6.14 -2.49
C ARG A 12 6.97 -4.87 -2.46
N LEU A 13 6.50 -3.85 -1.73
CA LEU A 13 7.12 -2.51 -1.68
C LEU A 13 7.11 -2.03 -0.21
N PHE A 14 8.20 -1.37 0.22
CA PHE A 14 8.35 -0.82 1.58
C PHE A 14 8.31 0.72 1.50
N GLY A 15 7.54 1.37 2.39
CA GLY A 15 7.40 2.83 2.38
C GLY A 15 6.77 3.34 3.66
N THR A 16 6.65 4.66 3.76
CA THR A 16 6.04 5.34 4.92
C THR A 16 4.73 6.02 4.48
N VAL A 17 3.69 5.97 5.32
CA VAL A 17 2.38 6.56 5.00
C VAL A 17 2.43 8.10 5.12
N ALA A 18 1.93 8.81 4.11
CA ALA A 18 1.75 10.27 4.17
C ALA A 18 0.55 10.63 5.05
N ALA A 19 0.72 11.65 5.88
CA ALA A 19 -0.35 12.23 6.70
C ALA A 19 -1.31 13.11 5.85
N ASP A 20 -1.01 13.22 4.55
CA ASP A 20 -1.85 13.92 3.57
C ASP A 20 -2.07 13.02 2.33
N GLY A 21 -3.35 12.71 2.05
CA GLY A 21 -3.74 11.83 0.95
C GLY A 21 -4.41 10.54 1.42
N LEU A 22 -4.39 10.32 2.75
CA LEU A 22 -5.02 9.15 3.39
C LEU A 22 -6.56 9.32 3.37
N THR A 23 -7.23 8.57 2.48
CA THR A 23 -8.70 8.63 2.29
C THR A 23 -9.27 7.20 2.13
N MET A 24 -10.28 6.84 2.96
CA MET A 24 -10.79 5.45 3.06
C MET A 24 -12.04 5.27 2.18
N LEU A 25 -12.40 4.01 1.87
CA LEU A 25 -13.52 3.67 0.97
C LEU A 25 -14.88 3.72 1.72
N ASP A 26 -15.91 4.34 1.10
CA ASP A 26 -17.27 4.48 1.69
C ASP A 26 -18.02 3.15 1.64
N GLY A 27 -18.25 2.55 2.82
CA GLY A 27 -18.99 1.28 2.94
C GLY A 27 -18.09 0.07 2.72
N ALA A 28 -17.39 0.07 1.58
CA ALA A 28 -16.41 -0.98 1.22
C ALA A 28 -15.22 -0.99 2.19
N PRO A 29 -14.86 -2.18 2.78
CA PRO A 29 -13.64 -2.32 3.61
C PRO A 29 -12.38 -2.01 2.78
N GLY A 30 -11.69 -0.92 3.13
CA GLY A 30 -10.48 -0.53 2.42
C GLY A 30 -10.04 0.89 2.72
N VAL A 31 -8.88 1.24 2.15
CA VAL A 31 -8.21 2.52 2.31
C VAL A 31 -7.33 2.77 1.09
N ARG A 32 -7.44 3.97 0.50
CA ARG A 32 -6.43 4.49 -0.42
C ARG A 32 -5.59 5.50 0.36
N PHE A 33 -4.30 5.56 0.09
CA PHE A 33 -3.39 6.50 0.74
C PHE A 33 -2.16 6.73 -0.13
N ARG A 34 -1.44 7.81 0.17
CA ARG A 34 -0.26 8.20 -0.60
C ARG A 34 0.97 7.70 0.16
N LEU A 35 1.58 6.64 -0.37
CA LEU A 35 2.77 6.03 0.23
C LEU A 35 4.02 6.80 -0.21
N GLU A 36 4.71 7.38 0.78
CA GLU A 36 6.02 8.01 0.58
C GLU A 36 7.04 6.88 0.36
N ASP A 37 7.22 6.53 -0.91
CA ASP A 37 8.17 5.48 -1.33
C ASP A 37 9.60 5.88 -0.97
N LYS A 38 10.33 4.97 -0.33
CA LYS A 38 11.65 5.25 0.24
C LYS A 38 12.71 5.41 -0.88
N ASP A 39 12.60 4.59 -1.93
CA ASP A 39 13.55 4.60 -3.07
C ASP A 39 13.40 5.89 -3.90
N ASN A 40 12.14 6.26 -4.18
CA ASN A 40 11.82 7.46 -4.97
C ASN A 40 10.62 8.17 -4.31
N THR A 41 10.92 9.09 -3.38
CA THR A 41 9.90 9.88 -2.65
C THR A 41 9.35 11.02 -3.55
N SER A 42 10.11 11.35 -4.61
CA SER A 42 9.68 12.30 -5.67
C SER A 42 8.52 11.71 -6.52
N LYS A 43 8.36 10.38 -6.46
CA LYS A 43 7.28 9.65 -7.15
C LYS A 43 6.62 8.66 -6.16
N THR A 44 5.61 9.17 -5.44
CA THR A 44 4.87 8.41 -4.43
C THR A 44 3.81 7.50 -5.09
N VAL A 45 3.50 6.37 -4.43
CA VAL A 45 2.55 5.37 -4.95
C VAL A 45 1.21 5.47 -4.21
N TRP A 46 0.09 5.57 -4.95
CA TRP A 46 -1.26 5.53 -4.35
C TRP A 46 -1.62 4.08 -4.02
N VAL A 47 -1.49 3.68 -2.76
CA VAL A 47 -1.76 2.30 -2.36
C VAL A 47 -3.24 2.15 -2.05
N LEU A 48 -3.93 1.42 -2.94
CA LEU A 48 -5.32 1.03 -2.75
C LEU A 48 -5.32 -0.37 -2.09
N TYR A 49 -5.41 -0.36 -0.76
CA TYR A 49 -5.55 -1.57 0.06
C TYR A 49 -7.03 -1.84 0.29
N LYS A 50 -7.56 -2.92 -0.29
CA LYS A 50 -8.96 -3.33 -0.10
C LYS A 50 -9.02 -4.55 0.82
N GLY A 51 -9.65 -4.35 1.98
CA GLY A 51 -9.76 -5.36 3.03
C GLY A 51 -9.92 -4.69 4.38
N ALA A 52 -9.94 -5.50 5.46
CA ALA A 52 -9.97 -5.00 6.84
C ALA A 52 -8.64 -4.27 7.14
N VAL A 53 -8.73 -2.95 7.33
CA VAL A 53 -7.57 -2.08 7.55
C VAL A 53 -7.12 -2.20 9.02
N PRO A 54 -5.80 -2.52 9.30
CA PRO A 54 -5.29 -2.68 10.68
C PRO A 54 -5.51 -1.42 11.54
N ASP A 55 -5.83 -1.63 12.83
CA ASP A 55 -6.06 -0.55 13.82
C ASP A 55 -4.76 0.26 14.09
N THR A 56 -3.61 -0.42 13.88
CA THR A 56 -2.27 0.16 14.03
C THR A 56 -1.86 1.05 12.82
N PHE A 57 -2.70 1.05 11.76
CA PHE A 57 -2.48 1.87 10.56
C PHE A 57 -2.68 3.36 10.90
N LYS A 58 -1.58 4.04 11.18
CA LYS A 58 -1.55 5.47 11.53
C LYS A 58 -0.88 6.28 10.38
N PRO A 59 -1.16 7.62 10.27
CA PRO A 59 -0.44 8.49 9.31
C PRO A 59 1.04 8.68 9.76
N GLY A 60 1.97 8.14 8.96
CA GLY A 60 3.41 8.28 9.25
C GLY A 60 4.08 6.97 9.65
N VAL A 61 3.35 5.84 9.64
CA VAL A 61 3.95 4.52 9.92
C VAL A 61 4.54 3.91 8.64
N GLU A 62 5.69 3.24 8.76
CA GLU A 62 6.26 2.47 7.66
C GLU A 62 5.45 1.18 7.47
N VAL A 63 4.72 1.12 6.36
CA VAL A 63 3.92 -0.05 6.00
C VAL A 63 4.61 -0.85 4.88
N ILE A 64 4.40 -2.16 4.94
CA ILE A 64 4.90 -3.11 3.97
C ILE A 64 3.69 -3.60 3.19
N ILE A 65 3.58 -3.15 1.94
CA ILE A 65 2.45 -3.46 1.07
C ILE A 65 2.87 -4.62 0.15
N GLU A 66 1.93 -5.51 -0.17
CA GLU A 66 2.18 -6.63 -1.08
C GLU A 66 0.90 -6.90 -1.89
N GLY A 67 1.09 -7.18 -3.18
CA GLY A 67 0.03 -7.31 -4.15
C GLY A 67 0.59 -7.05 -5.54
N GLY A 68 0.10 -6.01 -6.23
CA GLY A 68 0.63 -5.65 -7.55
C GLY A 68 0.09 -4.33 -8.03
N LEU A 69 0.95 -3.55 -8.69
CA LEU A 69 0.60 -2.29 -9.34
C LEU A 69 0.14 -2.60 -10.76
N ALA A 70 -1.04 -2.08 -11.15
CA ALA A 70 -1.60 -2.29 -12.49
C ALA A 70 -0.94 -1.29 -13.47
N PRO A 71 -0.48 -1.76 -14.68
CA PRO A 71 0.34 -0.92 -15.61
C PRO A 71 -0.41 0.32 -16.16
N GLY A 72 -1.75 0.31 -16.07
CA GLY A 72 -2.56 1.46 -16.45
C GLY A 72 -2.96 2.33 -15.27
N GLU A 73 -3.13 1.70 -14.10
CA GLU A 73 -3.66 2.37 -12.90
C GLU A 73 -2.53 2.89 -12.00
N ASP A 74 -2.72 4.12 -11.48
CA ASP A 74 -1.77 4.78 -10.55
C ASP A 74 -1.76 4.06 -9.20
N THR A 75 -2.89 3.41 -8.87
CA THR A 75 -3.09 2.75 -7.59
C THR A 75 -2.49 1.32 -7.58
N PHE A 76 -1.68 1.04 -6.53
CA PHE A 76 -1.17 -0.29 -6.22
C PHE A 76 -2.29 -1.11 -5.55
N LYS A 77 -2.67 -2.24 -6.16
CA LYS A 77 -3.64 -3.18 -5.57
C LYS A 77 -2.92 -3.98 -4.45
N ALA A 78 -3.05 -3.50 -3.21
CA ALA A 78 -2.44 -4.14 -2.04
C ALA A 78 -3.35 -5.26 -1.50
N ARG A 79 -2.90 -6.50 -1.70
CA ARG A 79 -3.52 -7.70 -1.11
C ARG A 79 -3.46 -7.62 0.43
N THR A 80 -2.30 -7.19 0.95
CA THR A 80 -2.03 -7.13 2.40
C THR A 80 -1.36 -5.78 2.75
N LEU A 81 -1.40 -5.44 4.06
CA LEU A 81 -0.89 -4.16 4.60
C LEU A 81 -0.41 -4.40 6.06
N MET A 82 0.91 -4.30 6.30
CA MET A 82 1.49 -4.54 7.65
C MET A 82 2.33 -3.34 8.09
N THR A 83 1.88 -2.69 9.16
CA THR A 83 2.55 -1.55 9.80
C THR A 83 3.79 -2.03 10.59
N LYS A 84 4.81 -1.17 10.69
CA LYS A 84 6.03 -1.47 11.46
C LYS A 84 5.88 -1.00 12.91
N CYS A 85 5.74 0.34 13.10
CA CYS A 85 5.58 0.95 14.43
C CYS A 85 4.19 0.63 15.02
N PRO A 86 4.12 -0.16 16.15
CA PRO A 86 2.84 -0.52 16.81
C PRO A 86 2.18 0.71 17.49
N LEU A 87 0.86 0.86 17.29
CA LEU A 87 0.08 2.00 17.79
C LEU A 87 -0.72 1.58 19.03
N GLU A 88 -0.71 2.43 20.07
CA GLU A 88 -1.34 2.18 21.37
C GLU A 88 -1.84 3.52 21.98
N MET A 1 0.97 -20.20 -16.59
CA MET A 1 1.70 -19.05 -15.99
C MET A 1 2.92 -18.70 -16.85
N ALA A 2 3.28 -17.41 -16.87
CA ALA A 2 4.47 -16.91 -17.58
C ALA A 2 5.55 -16.41 -16.58
N THR A 3 5.31 -16.69 -15.28
CA THR A 3 6.15 -16.25 -14.15
C THR A 3 7.56 -16.90 -14.18
N PRO A 4 8.66 -16.12 -14.52
CA PRO A 4 10.04 -16.66 -14.61
C PRO A 4 10.82 -16.57 -13.28
N GLN A 5 10.07 -16.55 -12.15
CA GLN A 5 10.63 -16.41 -10.78
C GLN A 5 11.39 -15.07 -10.62
N ASP A 6 10.89 -14.03 -11.31
CA ASP A 6 11.44 -12.65 -11.23
C ASP A 6 11.03 -11.98 -9.90
N LYS A 7 9.85 -12.41 -9.39
CA LYS A 7 9.26 -11.97 -8.12
C LYS A 7 8.84 -10.49 -8.11
N LEU A 8 8.81 -9.86 -9.29
CA LEU A 8 8.31 -8.48 -9.46
C LEU A 8 7.00 -8.49 -10.26
N HIS A 9 6.44 -9.68 -10.53
CA HIS A 9 5.07 -9.80 -11.09
C HIS A 9 4.07 -9.40 -9.98
N THR A 10 4.26 -10.02 -8.80
CA THR A 10 3.65 -9.58 -7.53
C THR A 10 4.76 -8.93 -6.69
N VAL A 11 4.61 -7.63 -6.42
CA VAL A 11 5.65 -6.79 -5.81
C VAL A 11 5.32 -6.58 -4.32
N ARG A 12 6.36 -6.50 -3.49
CA ARG A 12 6.24 -6.13 -2.07
C ARG A 12 6.98 -4.82 -1.84
N LEU A 13 6.27 -3.81 -1.32
CA LEU A 13 6.79 -2.45 -1.15
C LEU A 13 6.84 -2.09 0.33
N PHE A 14 7.83 -1.30 0.67
CA PHE A 14 8.13 -0.86 2.03
C PHE A 14 8.30 0.66 2.02
N GLY A 15 7.33 1.39 2.60
CA GLY A 15 7.42 2.85 2.70
C GLY A 15 6.63 3.40 3.88
N THR A 16 6.28 4.70 3.80
CA THR A 16 5.51 5.40 4.83
C THR A 16 4.17 5.88 4.22
N VAL A 17 3.12 5.88 5.06
CA VAL A 17 1.79 6.40 4.71
C VAL A 17 1.80 7.93 4.86
N ALA A 18 1.53 8.66 3.77
CA ALA A 18 1.50 10.14 3.76
C ALA A 18 0.42 10.68 4.70
N ALA A 19 0.82 11.64 5.55
CA ALA A 19 -0.06 12.28 6.54
C ALA A 19 -1.10 13.20 5.87
N ASP A 20 -0.74 13.75 4.71
CA ASP A 20 -1.65 14.54 3.86
C ASP A 20 -1.95 13.75 2.58
N GLY A 21 -2.18 12.43 2.75
CA GLY A 21 -2.42 11.53 1.63
C GLY A 21 -2.93 10.18 2.07
N LEU A 22 -3.99 10.21 2.90
CA LEU A 22 -4.66 9.00 3.41
C LEU A 22 -6.18 9.20 3.24
N THR A 23 -6.79 8.47 2.29
CA THR A 23 -8.25 8.48 2.05
C THR A 23 -8.85 7.09 2.39
N MET A 24 -9.77 7.05 3.35
CA MET A 24 -10.48 5.81 3.74
C MET A 24 -11.62 5.51 2.77
N LEU A 25 -11.84 4.21 2.48
CA LEU A 25 -12.91 3.77 1.56
C LEU A 25 -14.28 3.87 2.26
N ASP A 26 -15.25 4.46 1.56
CA ASP A 26 -16.63 4.63 2.08
C ASP A 26 -17.54 3.56 1.47
N GLY A 27 -18.45 3.01 2.31
CA GLY A 27 -19.35 1.92 1.90
C GLY A 27 -18.61 0.64 1.54
N ALA A 28 -17.35 0.53 2.01
CA ALA A 28 -16.43 -0.55 1.65
C ALA A 28 -15.29 -0.63 2.69
N PRO A 29 -14.98 -1.85 3.26
CA PRO A 29 -13.82 -2.03 4.18
C PRO A 29 -12.49 -1.91 3.40
N GLY A 30 -11.64 -0.96 3.82
CA GLY A 30 -10.33 -0.74 3.21
C GLY A 30 -9.88 0.71 3.31
N VAL A 31 -8.76 1.00 2.64
CA VAL A 31 -8.13 2.33 2.65
C VAL A 31 -7.21 2.46 1.41
N ARG A 32 -7.24 3.65 0.79
CA ARG A 32 -6.27 4.03 -0.25
C ARG A 32 -5.37 5.15 0.31
N PHE A 33 -4.08 5.10 0.00
CA PHE A 33 -3.07 6.03 0.54
C PHE A 33 -1.90 6.13 -0.42
N ARG A 34 -1.20 7.27 -0.42
CA ARG A 34 -0.06 7.50 -1.34
C ARG A 34 1.21 7.11 -0.59
N LEU A 35 1.79 5.97 -0.99
CA LEU A 35 2.96 5.38 -0.33
C LEU A 35 4.20 6.19 -0.66
N GLU A 36 4.78 6.83 0.36
CA GLU A 36 6.06 7.50 0.26
C GLU A 36 7.16 6.44 0.42
N ASP A 37 7.54 5.83 -0.71
CA ASP A 37 8.63 4.87 -0.82
C ASP A 37 9.95 5.57 -0.44
N LYS A 38 10.33 5.46 0.84
CA LYS A 38 11.53 6.09 1.40
C LYS A 38 11.58 7.62 1.08
N ASP A 39 10.51 8.32 1.52
CA ASP A 39 10.39 9.81 1.42
C ASP A 39 10.35 10.31 -0.05
N ASN A 40 9.79 9.52 -0.99
CA ASN A 40 9.66 9.96 -2.41
C ASN A 40 8.38 10.82 -2.60
N THR A 41 8.22 11.86 -1.72
CA THR A 41 6.99 12.66 -1.61
C THR A 41 6.62 13.38 -2.94
N SER A 42 7.65 13.56 -3.81
CA SER A 42 7.53 14.28 -5.08
C SER A 42 7.04 13.37 -6.23
N LYS A 43 6.91 12.05 -5.97
CA LYS A 43 6.51 11.04 -6.98
C LYS A 43 5.91 9.79 -6.30
N THR A 44 4.97 10.03 -5.36
CA THR A 44 4.34 8.95 -4.58
C THR A 44 3.30 8.22 -5.42
N VAL A 45 3.31 6.89 -5.31
CA VAL A 45 2.34 6.02 -5.97
C VAL A 45 1.30 5.62 -4.92
N TRP A 46 0.01 5.67 -5.30
CA TRP A 46 -1.11 5.36 -4.41
C TRP A 46 -1.19 3.84 -4.21
N VAL A 47 -1.89 3.41 -3.17
CA VAL A 47 -2.03 2.00 -2.81
C VAL A 47 -3.47 1.74 -2.39
N LEU A 48 -4.15 0.92 -3.19
CA LEU A 48 -5.54 0.53 -2.93
C LEU A 48 -5.55 -0.78 -2.13
N TYR A 49 -5.72 -0.65 -0.81
CA TYR A 49 -5.93 -1.79 0.09
C TYR A 49 -7.44 -1.95 0.31
N LYS A 50 -7.98 -3.15 0.03
CA LYS A 50 -9.37 -3.50 0.35
C LYS A 50 -9.42 -4.69 1.32
N GLY A 51 -9.97 -4.44 2.52
CA GLY A 51 -10.07 -5.45 3.59
C GLY A 51 -10.08 -4.81 4.95
N ALA A 52 -9.85 -5.62 6.00
CA ALA A 52 -9.73 -5.13 7.39
C ALA A 52 -8.42 -4.35 7.55
N VAL A 53 -8.56 -3.04 7.83
CA VAL A 53 -7.43 -2.13 8.03
C VAL A 53 -6.89 -2.29 9.47
N PRO A 54 -5.53 -2.47 9.65
CA PRO A 54 -4.92 -2.59 11.00
C PRO A 54 -5.15 -1.31 11.86
N ASP A 55 -5.32 -1.50 13.18
CA ASP A 55 -5.60 -0.41 14.14
C ASP A 55 -4.38 0.54 14.29
N THR A 56 -3.19 -0.03 14.05
CA THR A 56 -1.90 0.68 14.10
C THR A 56 -1.65 1.53 12.83
N PHE A 57 -2.45 1.26 11.76
CA PHE A 57 -2.40 2.03 10.51
C PHE A 57 -2.92 3.44 10.78
N LYS A 58 -2.06 4.43 10.53
CA LYS A 58 -2.31 5.83 10.84
C LYS A 58 -1.49 6.71 9.84
N PRO A 59 -1.85 8.01 9.66
CA PRO A 59 -1.05 8.93 8.82
C PRO A 59 0.35 9.20 9.46
N GLY A 60 1.40 8.68 8.80
CA GLY A 60 2.78 8.88 9.26
C GLY A 60 3.49 7.59 9.66
N VAL A 61 2.74 6.48 9.79
CA VAL A 61 3.34 5.16 10.13
C VAL A 61 3.95 4.52 8.87
N GLU A 62 5.01 3.73 9.05
CA GLU A 62 5.60 2.92 7.99
C GLU A 62 4.81 1.61 7.86
N VAL A 63 4.61 1.16 6.61
CA VAL A 63 3.87 -0.08 6.28
C VAL A 63 4.65 -0.97 5.31
N ILE A 64 4.14 -2.20 5.18
CA ILE A 64 4.63 -3.26 4.29
C ILE A 64 3.40 -3.82 3.56
N ILE A 65 3.42 -3.79 2.23
CA ILE A 65 2.31 -4.27 1.39
C ILE A 65 2.81 -5.32 0.39
N GLU A 66 2.03 -6.37 0.18
CA GLU A 66 2.24 -7.37 -0.88
C GLU A 66 1.06 -7.23 -1.83
N GLY A 67 1.31 -7.15 -3.14
CA GLY A 67 0.22 -7.01 -4.14
C GLY A 67 0.77 -6.78 -5.54
N GLY A 68 0.10 -5.93 -6.34
CA GLY A 68 0.49 -5.69 -7.73
C GLY A 68 -0.04 -4.37 -8.28
N LEU A 69 0.83 -3.64 -8.99
CA LEU A 69 0.48 -2.42 -9.72
C LEU A 69 0.14 -2.80 -11.18
N ALA A 70 -0.96 -2.23 -11.69
CA ALA A 70 -1.42 -2.47 -13.07
C ALA A 70 -0.78 -1.43 -14.04
N PRO A 71 -0.48 -1.83 -15.32
CA PRO A 71 0.18 -0.92 -16.31
C PRO A 71 -0.73 0.27 -16.70
N GLY A 72 -0.25 1.49 -16.46
CA GLY A 72 -1.03 2.71 -16.74
C GLY A 72 -1.90 3.15 -15.57
N GLU A 73 -1.74 2.48 -14.40
CA GLU A 73 -2.39 2.87 -13.15
C GLU A 73 -1.39 3.60 -12.25
N ASP A 74 -1.92 4.50 -11.41
CA ASP A 74 -1.15 5.22 -10.37
C ASP A 74 -1.48 4.67 -8.98
N THR A 75 -2.10 3.45 -8.94
CA THR A 75 -2.59 2.85 -7.70
C THR A 75 -2.18 1.35 -7.64
N PHE A 76 -1.27 1.06 -6.72
CA PHE A 76 -0.79 -0.28 -6.42
C PHE A 76 -1.87 -1.03 -5.65
N LYS A 77 -2.48 -2.00 -6.31
CA LYS A 77 -3.60 -2.77 -5.75
C LYS A 77 -3.03 -3.80 -4.77
N ALA A 78 -3.08 -3.46 -3.48
CA ALA A 78 -2.54 -4.29 -2.39
C ALA A 78 -3.38 -5.56 -2.19
N ARG A 79 -2.79 -6.51 -1.48
CA ARG A 79 -3.38 -7.80 -1.12
C ARG A 79 -3.30 -7.97 0.40
N THR A 80 -2.20 -7.47 0.99
CA THR A 80 -1.97 -7.42 2.44
C THR A 80 -1.47 -6.02 2.85
N LEU A 81 -1.54 -5.74 4.16
CA LEU A 81 -1.14 -4.45 4.76
C LEU A 81 -0.81 -4.69 6.24
N MET A 82 0.44 -4.41 6.61
CA MET A 82 0.91 -4.47 8.01
C MET A 82 1.80 -3.25 8.27
N THR A 83 1.80 -2.75 9.49
CA THR A 83 2.65 -1.63 9.89
C THR A 83 3.98 -2.16 10.46
N LYS A 84 5.10 -1.46 10.17
CA LYS A 84 6.42 -1.82 10.70
C LYS A 84 6.48 -1.56 12.22
N CYS A 85 5.69 -0.56 12.67
CA CYS A 85 5.49 -0.24 14.08
C CYS A 85 4.38 -1.15 14.66
N PRO A 86 4.72 -2.16 15.52
CA PRO A 86 3.72 -3.08 16.12
C PRO A 86 2.92 -2.36 17.24
N LEU A 87 1.73 -2.92 17.58
CA LEU A 87 0.84 -2.36 18.62
C LEU A 87 1.55 -2.39 19.99
N GLU A 88 1.64 -1.21 20.61
CA GLU A 88 2.24 -1.03 21.94
C GLU A 88 1.40 -1.75 23.05
N MET A 1 21.25 -12.28 -12.76
CA MET A 1 20.24 -11.24 -13.09
C MET A 1 18.84 -11.70 -12.63
N ALA A 2 17.93 -10.74 -12.55
CA ALA A 2 16.49 -10.95 -12.35
C ALA A 2 15.73 -9.95 -13.23
N THR A 3 14.38 -10.02 -13.26
CA THR A 3 13.55 -9.11 -14.07
C THR A 3 13.37 -7.75 -13.34
N PRO A 4 13.90 -6.61 -13.89
CA PRO A 4 13.53 -5.27 -13.43
C PRO A 4 12.17 -4.85 -14.03
N GLN A 5 11.17 -4.63 -13.14
CA GLN A 5 9.76 -4.31 -13.53
C GLN A 5 9.08 -5.58 -14.10
N ASP A 6 8.08 -6.11 -13.37
CA ASP A 6 7.26 -7.25 -13.81
C ASP A 6 5.82 -7.05 -13.32
N LYS A 7 4.90 -6.93 -14.29
CA LYS A 7 3.48 -6.65 -14.06
C LYS A 7 2.73 -7.85 -13.44
N LEU A 8 3.35 -9.05 -13.50
CA LEU A 8 2.78 -10.30 -12.94
C LEU A 8 3.61 -10.77 -11.74
N HIS A 9 4.22 -9.82 -11.02
CA HIS A 9 5.02 -10.08 -9.81
C HIS A 9 4.40 -9.30 -8.64
N THR A 10 4.00 -10.03 -7.59
CA THR A 10 3.57 -9.41 -6.32
C THR A 10 4.80 -8.86 -5.60
N VAL A 11 4.84 -7.55 -5.41
CA VAL A 11 5.99 -6.85 -4.84
C VAL A 11 5.75 -6.65 -3.34
N ARG A 12 6.70 -7.12 -2.52
CA ARG A 12 6.73 -6.80 -1.08
C ARG A 12 7.42 -5.44 -0.96
N LEU A 13 6.61 -4.41 -0.70
CA LEU A 13 6.99 -3.00 -0.80
C LEU A 13 7.06 -2.44 0.62
N PHE A 14 8.15 -1.73 0.94
CA PHE A 14 8.37 -1.09 2.23
C PHE A 14 8.35 0.43 2.00
N GLY A 15 7.52 1.16 2.75
CA GLY A 15 7.36 2.60 2.60
C GLY A 15 6.75 3.23 3.84
N THR A 16 6.53 4.55 3.81
CA THR A 16 5.89 5.29 4.91
C THR A 16 4.57 5.93 4.42
N VAL A 17 3.55 5.95 5.28
CA VAL A 17 2.23 6.53 4.94
C VAL A 17 2.29 8.06 5.01
N ALA A 18 1.90 8.72 3.91
CA ALA A 18 1.69 10.16 3.87
C ALA A 18 0.34 10.50 4.53
N ALA A 19 0.35 11.55 5.36
CA ALA A 19 -0.85 12.01 6.09
C ALA A 19 -1.83 12.68 5.10
N ASP A 20 -1.25 13.32 4.07
CA ASP A 20 -1.98 13.97 2.98
C ASP A 20 -2.36 12.92 1.93
N GLY A 21 -3.61 12.92 1.49
CA GLY A 21 -4.10 11.98 0.48
C GLY A 21 -4.61 10.66 1.06
N LEU A 22 -4.62 10.56 2.39
CA LEU A 22 -5.13 9.39 3.10
C LEU A 22 -6.67 9.46 3.08
N THR A 23 -7.26 8.63 2.21
CA THR A 23 -8.71 8.56 1.98
C THR A 23 -9.21 7.14 2.28
N MET A 24 -10.23 7.00 3.12
CA MET A 24 -10.85 5.70 3.43
C MET A 24 -11.89 5.38 2.33
N LEU A 25 -12.03 4.10 1.97
CA LEU A 25 -12.98 3.70 0.90
C LEU A 25 -14.43 3.87 1.41
N ASP A 26 -15.23 4.63 0.62
CA ASP A 26 -16.57 5.09 1.00
C ASP A 26 -17.57 3.91 1.02
N GLY A 27 -17.90 3.45 2.24
CA GLY A 27 -18.81 2.33 2.43
C GLY A 27 -18.24 1.00 1.95
N ALA A 28 -16.91 0.90 1.99
CA ALA A 28 -16.15 -0.30 1.55
C ALA A 28 -14.97 -0.54 2.51
N PRO A 29 -14.76 -1.82 3.00
CA PRO A 29 -13.56 -2.18 3.81
C PRO A 29 -12.27 -1.95 3.00
N GLY A 30 -11.48 -0.95 3.42
CA GLY A 30 -10.20 -0.64 2.81
C GLY A 30 -9.81 0.82 2.94
N VAL A 31 -8.67 1.17 2.34
CA VAL A 31 -8.10 2.53 2.36
C VAL A 31 -7.25 2.75 1.10
N ARG A 32 -7.40 3.93 0.48
CA ARG A 32 -6.50 4.42 -0.56
C ARG A 32 -5.74 5.64 -0.03
N PHE A 33 -4.42 5.61 -0.14
CA PHE A 33 -3.55 6.61 0.50
C PHE A 33 -2.32 6.85 -0.38
N ARG A 34 -1.52 7.85 -0.02
CA ARG A 34 -0.24 8.09 -0.68
C ARG A 34 0.87 7.43 0.13
N LEU A 35 1.71 6.65 -0.53
CA LEU A 35 2.87 6.00 0.07
C LEU A 35 4.13 6.76 -0.32
N GLU A 36 4.81 7.32 0.70
CA GLU A 36 6.14 7.90 0.55
C GLU A 36 7.12 6.74 0.32
N ASP A 37 7.32 6.45 -0.97
CA ASP A 37 7.87 5.16 -1.43
C ASP A 37 9.38 5.10 -1.17
N LYS A 38 9.75 4.57 0.01
CA LYS A 38 11.14 4.28 0.41
C LYS A 38 12.06 5.53 0.23
N ASP A 39 12.00 6.45 1.23
CA ASP A 39 12.92 7.62 1.37
C ASP A 39 12.64 8.78 0.38
N ASN A 40 11.44 8.81 -0.24
CA ASN A 40 11.02 9.95 -1.09
C ASN A 40 9.53 10.30 -0.86
N THR A 41 9.27 11.59 -0.49
CA THR A 41 7.92 12.10 -0.16
C THR A 41 7.28 12.83 -1.35
N SER A 42 8.10 13.41 -2.25
CA SER A 42 7.60 14.14 -3.44
C SER A 42 7.04 13.11 -4.44
N LYS A 43 7.74 11.98 -4.56
CA LYS A 43 7.26 10.84 -5.34
C LYS A 43 6.49 9.87 -4.42
N THR A 44 5.16 10.03 -4.39
CA THR A 44 4.25 9.13 -3.66
C THR A 44 3.40 8.33 -4.66
N VAL A 45 3.23 7.04 -4.37
CA VAL A 45 2.39 6.14 -5.15
C VAL A 45 1.06 5.94 -4.40
N TRP A 46 -0.07 5.99 -5.12
CA TRP A 46 -1.38 5.78 -4.50
C TRP A 46 -1.58 4.28 -4.31
N VAL A 47 -1.91 3.84 -3.10
CA VAL A 47 -2.02 2.43 -2.76
C VAL A 47 -3.49 2.09 -2.48
N LEU A 48 -4.06 1.20 -3.30
CA LEU A 48 -5.43 0.72 -3.13
C LEU A 48 -5.39 -0.60 -2.32
N TYR A 49 -5.60 -0.47 -1.01
CA TYR A 49 -5.79 -1.61 -0.11
C TYR A 49 -7.30 -1.83 0.06
N LYS A 50 -7.78 -3.05 -0.26
CA LYS A 50 -9.16 -3.47 0.01
C LYS A 50 -9.17 -4.63 1.02
N GLY A 51 -9.70 -4.36 2.22
CA GLY A 51 -9.75 -5.33 3.31
C GLY A 51 -9.89 -4.63 4.67
N ALA A 52 -9.81 -5.42 5.75
CA ALA A 52 -9.87 -4.89 7.13
C ALA A 52 -8.61 -4.08 7.46
N VAL A 53 -8.78 -2.77 7.61
CA VAL A 53 -7.69 -1.84 7.96
C VAL A 53 -7.46 -1.88 9.50
N PRO A 54 -6.30 -2.45 9.97
CA PRO A 54 -6.00 -2.51 11.43
C PRO A 54 -5.65 -1.13 12.01
N ASP A 55 -5.81 -0.98 13.34
CA ASP A 55 -5.60 0.30 14.06
C ASP A 55 -4.11 0.71 14.11
N THR A 56 -3.20 -0.24 13.74
CA THR A 56 -1.76 0.03 13.61
C THR A 56 -1.46 0.94 12.40
N PHE A 57 -2.38 0.95 11.41
CA PHE A 57 -2.32 1.86 10.26
C PHE A 57 -2.63 3.28 10.74
N LYS A 58 -1.58 4.04 11.03
CA LYS A 58 -1.68 5.43 11.50
C LYS A 58 -0.97 6.33 10.47
N PRO A 59 -1.47 7.59 10.25
CA PRO A 59 -0.83 8.55 9.30
C PRO A 59 0.62 8.89 9.72
N GLY A 60 1.60 8.25 9.06
CA GLY A 60 3.02 8.47 9.35
C GLY A 60 3.79 7.20 9.66
N VAL A 61 3.10 6.04 9.81
CA VAL A 61 3.78 4.75 10.13
C VAL A 61 4.44 4.17 8.87
N GLU A 62 5.55 3.46 9.06
CA GLU A 62 6.18 2.68 7.99
C GLU A 62 5.41 1.36 7.84
N VAL A 63 4.79 1.18 6.66
CA VAL A 63 4.00 -0.01 6.33
C VAL A 63 4.76 -0.94 5.37
N ILE A 64 4.39 -2.21 5.41
CA ILE A 64 4.83 -3.22 4.45
C ILE A 64 3.58 -3.72 3.71
N ILE A 65 3.45 -3.32 2.45
CA ILE A 65 2.29 -3.70 1.62
C ILE A 65 2.72 -4.72 0.56
N GLU A 66 1.85 -5.70 0.29
CA GLU A 66 2.08 -6.73 -0.73
C GLU A 66 0.98 -6.61 -1.77
N GLY A 67 1.35 -6.31 -3.02
CA GLY A 67 0.40 -6.16 -4.10
C GLY A 67 1.07 -6.00 -5.45
N GLY A 68 0.42 -5.27 -6.36
CA GLY A 68 0.98 -5.09 -7.70
C GLY A 68 0.35 -3.91 -8.43
N LEU A 69 1.16 -3.23 -9.23
CA LEU A 69 0.72 -2.11 -10.08
C LEU A 69 0.26 -2.66 -11.44
N ALA A 70 -1.07 -2.70 -11.64
CA ALA A 70 -1.69 -3.33 -12.81
C ALA A 70 -1.69 -2.38 -14.03
N PRO A 71 -1.39 -2.91 -15.28
CA PRO A 71 -1.47 -2.11 -16.54
C PRO A 71 -2.88 -1.54 -16.81
N GLY A 72 -3.12 -0.33 -16.31
CA GLY A 72 -4.42 0.34 -16.39
C GLY A 72 -4.62 1.25 -15.19
N GLU A 73 -4.24 0.74 -14.01
CA GLU A 73 -4.36 1.46 -12.73
C GLU A 73 -3.04 2.17 -12.38
N ASP A 74 -3.14 3.46 -12.03
CA ASP A 74 -2.03 4.25 -11.47
C ASP A 74 -1.81 3.89 -9.98
N THR A 75 -2.81 3.24 -9.38
CA THR A 75 -2.77 2.82 -7.98
C THR A 75 -2.09 1.43 -7.85
N PHE A 76 -1.16 1.30 -6.89
CA PHE A 76 -0.52 0.03 -6.53
C PHE A 76 -1.53 -0.75 -5.68
N LYS A 77 -2.07 -1.82 -6.26
CA LYS A 77 -3.21 -2.54 -5.70
C LYS A 77 -2.71 -3.57 -4.67
N ALA A 78 -2.71 -3.17 -3.39
CA ALA A 78 -2.15 -3.96 -2.28
C ALA A 78 -3.18 -4.97 -1.76
N ARG A 79 -2.85 -6.26 -1.89
CA ARG A 79 -3.60 -7.36 -1.26
C ARG A 79 -3.57 -7.25 0.27
N THR A 80 -2.38 -6.97 0.82
CA THR A 80 -2.12 -7.07 2.26
C THR A 80 -1.50 -5.76 2.76
N LEU A 81 -1.98 -5.29 3.91
CA LEU A 81 -1.44 -4.14 4.63
C LEU A 81 -0.84 -4.64 5.95
N MET A 82 0.45 -4.33 6.16
CA MET A 82 1.17 -4.64 7.41
C MET A 82 1.94 -3.39 7.83
N THR A 83 2.52 -3.39 9.03
CA THR A 83 3.38 -2.31 9.54
C THR A 83 4.69 -2.91 10.10
N LYS A 84 5.79 -2.13 9.99
CA LYS A 84 7.10 -2.47 10.59
C LYS A 84 7.00 -2.41 12.13
N CYS A 85 6.17 -1.48 12.61
CA CYS A 85 5.83 -1.34 14.03
C CYS A 85 4.32 -1.58 14.22
N PRO A 86 3.89 -2.82 14.69
CA PRO A 86 2.46 -3.10 15.05
C PRO A 86 1.95 -2.20 16.20
N LEU A 87 0.61 -2.20 16.40
CA LEU A 87 -0.08 -1.34 17.38
C LEU A 87 0.49 -1.57 18.80
N GLU A 88 1.35 -0.65 19.24
CA GLU A 88 2.09 -0.77 20.52
C GLU A 88 1.68 0.39 21.44
#